data_6ZY8
#
_entry.id   6ZY8
#
loop_
_entity.id
_entity.type
_entity.pdbx_description
1 polymer 'DNA topoisomerase 2-alpha'
2 polymer "DNA (5'-D(*CP*GP*CP*GP*CP*AP*TP*CP*GP*TP*CP*AP*TP*CP*CP*TP*C)-3')"
3 polymer "DNA (5'-D(*GP*AP*GP*GP*AP*TP*GP*AP*CP*GP*AP*TP*G)-3')"
4 non-polymer 'PHOSPHOAMINOPHOSPHONIC ACID-ADENYLATE ESTER'
5 non-polymer "(5S,5aR,8aR,9R)-9-(4-hydroxy-3,5-dimethoxyphenyl)-8-oxo-5,5a,6,8,8a,9-hexahydrofuro[3',4':6,7]naphtho[2,3-d][1,3]dioxol -5-yl 4,6-O-[(1R)-ethylidene]-beta-D-glucopyranoside"
#
loop_
_entity_poly.entity_id
_entity_poly.type
_entity_poly.pdbx_seq_one_letter_code
_entity_poly.pdbx_strand_id
1 'polypeptide(L)'
;MEVSPLQPVNENMQVNKIKKNEDAKKRLSVERIYQKKTQLEHILLRPDTYIGSVELVTQQMWVYDEDVGINYREVTFVPG
LYKIFDEILVNAADNKQRDPKMSCIRVTIDPENNLISIWNNGKGIPVVEHKVEKMYVPALIFGQLLTSSNYDDDEKKVTG
GRNGYGAKLCNIFSTKFTVETASREYKKMFKQTWMDNMGRAGEMELKPFNGEDYTCITFQPDLSKFKMQSLDKDIVALMV
RRAYDIAGSTKDVKVFLNGNKLPVKGFRSYVDMYLKDKLDETGNSLKVIHEQVNHRWEVCLTMSEKGFQQISFVNSIATS
KGGRHVDYVADQIVTKLVDVVKKKNKGGVAVKAHQVKNHMWIFVNALIENPTFDSQTKENMTLQPKSFGSTCQLSEKFIK
AAIGCGIVESILNWVKFKAQVQLNKKCSAVKHNRIKGIPKLDDANDAGGRNSTECTLILTEGDSAKTLAVSGLGVVGRDK
YGVFPLRGKILNVREASHKQIMENAEINNIIKIVGLQYKKNYEDEDSLKTLRYGKIMIMTDQDQDGSHIKGLLINFIHHN
WPSLLRHRFLEEFITPIVKVSKNKQEMAFYSLPEFEEWKSSTPNHKKWKVKYYKGLGTSTSKEAKEYFADMKRHRIQFKY
SGPEDDAAISLAFSKKQIDDRKEWLTNFMEDRRQRKLLGLPEDYLYGQTTTYLTYNDFINKELILFSNSDNERSIPSMVD
GLKPGQRKVLFTCFKRNDKREVKVAQLAGSVAEMSSYHHGEMSLMMTIINLAQNFVGSNNLNLLQPIGQFGTRLHGGKDS
ASPRYIFTMLSSLARLLFPPKDDHTLKFLYDDNQRVEPEWYIPIIPMVLINGAEGIGTGWSCKIPNFDVREIVNNIRRLM
DGEEPLPMLPSYKNFKGTIEELAPNQYVISGEVAILNSTTIEISELPVRTWTQTYKEQVLEPMLNGTEKTPPLITDYREY
HTDTTVKFVVKMTEEKLAEAERVGLHKVFKLQTSLTCNSMVLFDHVGCLKKYDTVLDILRDFFELRLKYYGLRKEWLLGM
LGAESAKLNNQARFILEKIDGKIIIENKPKKELIKVLIQRGYDSDPVKAWKEAQQKVPDEEENEESDNEKETEKSDSVTD
SGPTFNYLLDMPLWYLTKEKKDELCRLRNEKEQELDTLKRKSPSDLWKEDLATFIEELEAVEAKEKQDEQVGLPGKGGKA
KGKKTQMAEVLPSPRGQRVIPRITIEMKAEAEKKNKKKIKNENTEGSPQEDGVELEGLKQRLEKKQKREPGTKTKKQTTL
AFKPIKKGKKRNPWSDSESDRSSDESNFDVPPRETEPRRAATKTKFTMDLDSDEDFSDFDEKTDDEDFVPSDASPPKTKT
SPKLSNKELKPQKSVVSDLEADDVKGSVPLSSSPPATHFPDETEITNPVPKKNVTVKKTAAKSQSSTSTTGAKKRAAPKG
TKRDPALNSGVSQKPDPAKTKNRRKRKPSTSDDSDSNFEKIVSKAVTSKKSKGESDDFHMDFDSAVAPRAKSVRAKKPIK
YLEESDEDDLF
;
A,B
2 'polydeoxyribonucleotide' (DC)(DG)(DC)(DG)(DC)(DA)(DT)(DC)(DG)(DT)(DC)(DA)(DT)(DC)(DC)(DT)(DC) D,F
3 'polydeoxyribonucleotide' (DG)(DA)(DG)(DG)(DA)(DT)(DG)(DA)(DC)(DG)(DA)(DT)(DG) E,C
#
loop_
_chem_comp.id
_chem_comp.type
_chem_comp.name
_chem_comp.formula
ANP non-polymer 'PHOSPHOAMINOPHOSPHONIC ACID-ADENYLATE ESTER' 'C10 H17 N6 O12 P3'
DA DNA linking 2'-DEOXYADENOSINE-5'-MONOPHOSPHATE 'C10 H14 N5 O6 P'
DC DNA linking 2'-DEOXYCYTIDINE-5'-MONOPHOSPHATE 'C9 H14 N3 O7 P'
DG DNA linking 2'-DEOXYGUANOSINE-5'-MONOPHOSPHATE 'C10 H14 N5 O7 P'
DT DNA linking THYMIDINE-5'-MONOPHOSPHATE 'C10 H15 N2 O8 P'
EVP non-polymer '(5S,5aR,8aR,9R)-9-(4-hydroxy-3,5-dimethoxyphenyl)-8-oxo-5,5a,6,8,8a,9-hexahydrofuro[3',4':6,7]naphtho[2,3-d][1,3]dioxol -5-yl 4,6-O-[(1R)-ethylidene]-beta-D-glucopyranoside' 'C29 H32 O13'
#
# COMPACT_ATOMS: atom_id res chain seq x y z
N SER A 29 -66.25 31.41 41.89
CA SER A 29 -65.11 31.97 41.18
C SER A 29 -63.84 31.86 42.03
N VAL A 30 -63.78 32.65 43.10
CA VAL A 30 -62.62 32.63 43.98
C VAL A 30 -62.56 31.32 44.76
N GLU A 31 -63.72 30.82 45.21
CA GLU A 31 -63.78 29.59 45.97
C GLU A 31 -63.53 28.35 45.13
N ARG A 32 -63.47 28.49 43.81
CA ARG A 32 -63.26 27.35 42.92
C ARG A 32 -61.84 27.27 42.37
N ILE A 33 -61.24 28.40 42.00
CA ILE A 33 -59.89 28.38 41.46
C ILE A 33 -58.86 28.13 42.55
N TYR A 34 -59.15 28.54 43.79
CA TYR A 34 -58.26 28.28 44.93
C TYR A 34 -58.76 27.02 45.62
N GLN A 35 -58.08 25.91 45.39
CA GLN A 35 -58.47 24.61 45.91
C GLN A 35 -57.51 24.17 47.02
N LYS A 36 -58.07 23.44 47.99
CA LYS A 36 -57.28 22.84 49.06
C LYS A 36 -57.85 21.44 49.31
N LYS A 37 -57.07 20.42 48.97
CA LYS A 37 -57.52 19.04 49.08
C LYS A 37 -56.93 18.38 50.32
N THR A 38 -57.54 17.27 50.72
CA THR A 38 -57.08 16.50 51.87
C THR A 38 -56.05 15.47 51.42
N GLN A 39 -55.58 14.65 52.37
CA GLN A 39 -54.59 13.63 52.04
C GLN A 39 -55.20 12.52 51.19
N LEU A 40 -56.50 12.24 51.35
CA LEU A 40 -57.13 11.14 50.64
C LEU A 40 -57.42 11.49 49.18
N GLU A 41 -58.16 12.58 48.94
CA GLU A 41 -58.64 12.89 47.61
C GLU A 41 -57.56 13.49 46.71
N HIS A 42 -56.48 14.04 47.29
CA HIS A 42 -55.45 14.63 46.45
C HIS A 42 -54.70 13.57 45.64
N ILE A 43 -54.62 12.34 46.16
CA ILE A 43 -53.98 11.27 45.41
C ILE A 43 -54.79 10.93 44.17
N LEU A 44 -56.12 10.84 44.31
CA LEU A 44 -56.98 10.59 43.17
C LEU A 44 -57.06 11.79 42.24
N LEU A 45 -56.81 13.00 42.75
CA LEU A 45 -56.85 14.19 41.91
C LEU A 45 -55.58 14.34 41.10
N ARG A 46 -54.43 13.97 41.66
CA ARG A 46 -53.14 14.06 40.99
C ARG A 46 -52.43 12.71 41.09
N PRO A 47 -52.79 11.77 40.22
CA PRO A 47 -52.12 10.46 40.25
C PRO A 47 -50.66 10.52 39.85
N ASP A 48 -50.28 11.44 38.96
CA ASP A 48 -48.90 11.50 38.47
C ASP A 48 -47.90 11.84 39.57
N THR A 49 -48.34 12.49 40.64
CA THR A 49 -47.43 12.84 41.72
C THR A 49 -47.12 11.64 42.62
N TYR A 50 -48.07 10.72 42.78
CA TYR A 50 -47.94 9.61 43.72
C TYR A 50 -47.61 8.29 43.03
N ILE A 51 -48.40 7.88 42.03
CA ILE A 51 -48.19 6.60 41.36
C ILE A 51 -47.59 6.77 39.97
N GLY A 52 -47.51 7.98 39.45
CA GLY A 52 -46.99 8.21 38.12
C GLY A 52 -48.09 8.44 37.10
N SER A 53 -47.66 8.62 35.85
CA SER A 53 -48.59 8.88 34.76
C SER A 53 -49.54 7.70 34.56
N VAL A 54 -50.82 8.00 34.47
CA VAL A 54 -51.84 6.97 34.24
C VAL A 54 -52.20 6.87 32.76
N GLU A 55 -51.39 7.44 31.89
CA GLU A 55 -51.61 7.38 30.45
C GLU A 55 -50.82 6.22 29.85
N LEU A 56 -51.40 5.61 28.81
CA LEU A 56 -50.76 4.50 28.11
C LEU A 56 -49.41 4.92 27.55
N VAL A 57 -48.34 4.34 28.10
CA VAL A 57 -46.98 4.65 27.65
C VAL A 57 -46.54 3.57 26.68
N THR A 58 -45.71 3.97 25.71
CA THR A 58 -45.25 3.09 24.65
C THR A 58 -43.74 3.17 24.53
N GLN A 59 -43.06 2.08 24.87
CA GLN A 59 -41.60 2.02 24.77
C GLN A 59 -41.17 0.56 24.80
N GLN A 60 -40.04 0.28 24.16
CA GLN A 60 -39.51 -1.07 24.08
C GLN A 60 -38.77 -1.42 25.36
N MET A 61 -38.99 -2.65 25.85
CA MET A 61 -38.33 -3.12 27.06
C MET A 61 -38.33 -4.64 27.07
N TRP A 62 -37.65 -5.20 28.07
CA TRP A 62 -37.59 -6.64 28.24
C TRP A 62 -38.85 -7.13 28.95
N VAL A 63 -39.50 -8.14 28.37
CA VAL A 63 -40.70 -8.74 28.94
C VAL A 63 -40.66 -10.25 28.74
N TYR A 64 -41.41 -10.96 29.57
CA TYR A 64 -41.53 -12.41 29.51
C TYR A 64 -42.91 -12.76 28.96
N ASP A 65 -42.95 -13.21 27.71
CA ASP A 65 -44.19 -13.64 27.08
C ASP A 65 -44.45 -15.11 27.37
N GLU A 66 -45.73 -15.44 27.53
CA GLU A 66 -46.13 -16.80 27.85
C GLU A 66 -45.79 -17.74 26.69
N ASP A 67 -45.10 -18.84 27.01
CA ASP A 67 -44.67 -19.85 26.05
C ASP A 67 -43.72 -19.30 24.99
N VAL A 68 -43.24 -18.07 25.16
CA VAL A 68 -42.30 -17.47 24.21
C VAL A 68 -40.98 -17.21 24.93
N GLY A 69 -41.05 -16.94 26.23
CA GLY A 69 -39.87 -16.69 27.01
C GLY A 69 -39.57 -15.21 27.14
N ILE A 70 -38.32 -14.93 27.55
CA ILE A 70 -37.88 -13.55 27.69
C ILE A 70 -37.53 -12.97 26.32
N ASN A 71 -37.82 -11.70 26.12
CA ASN A 71 -37.50 -11.03 24.86
C ASN A 71 -37.50 -9.53 25.09
N TYR A 72 -37.05 -8.80 24.08
CA TYR A 72 -36.97 -7.33 24.11
C TYR A 72 -37.89 -6.80 23.01
N ARG A 73 -39.12 -6.46 23.39
CA ARG A 73 -40.10 -6.01 22.42
C ARG A 73 -40.82 -4.75 22.87
N GLU A 74 -41.79 -4.30 22.07
CA GLU A 74 -42.54 -3.07 22.33
C GLU A 74 -43.82 -3.45 23.07
N VAL A 75 -43.95 -2.97 24.31
CA VAL A 75 -45.08 -3.28 25.17
C VAL A 75 -45.69 -1.97 25.65
N THR A 76 -47.02 -1.86 25.54
CA THR A 76 -47.77 -0.68 25.95
C THR A 76 -48.60 -1.01 27.17
N PHE A 77 -48.43 -0.21 28.23
CA PHE A 77 -49.18 -0.41 29.47
C PHE A 77 -49.22 0.91 30.22
N VAL A 78 -49.65 0.86 31.47
CA VAL A 78 -49.77 2.03 32.34
C VAL A 78 -48.77 1.89 33.47
N PRO A 79 -47.93 2.90 33.74
CA PRO A 79 -46.97 2.78 34.85
C PRO A 79 -47.62 2.70 36.22
N GLY A 80 -48.77 3.33 36.42
CA GLY A 80 -49.40 3.32 37.73
C GLY A 80 -50.00 1.96 38.08
N LEU A 81 -50.66 1.32 37.11
CA LEU A 81 -51.18 -0.02 37.34
C LEU A 81 -50.07 -1.01 37.62
N TYR A 82 -48.88 -0.79 37.05
CA TYR A 82 -47.73 -1.62 37.37
C TYR A 82 -47.15 -1.29 38.74
N LYS A 83 -47.12 -0.02 39.12
CA LYS A 83 -46.51 0.39 40.38
C LYS A 83 -47.34 -0.03 41.59
N ILE A 84 -48.67 0.02 41.48
CA ILE A 84 -49.52 -0.35 42.61
C ILE A 84 -49.32 -1.83 42.96
N PHE A 85 -48.97 -2.66 41.98
CA PHE A 85 -48.58 -4.04 42.25
C PHE A 85 -47.11 -4.17 42.61
N ASP A 86 -46.25 -3.34 42.03
CA ASP A 86 -44.82 -3.39 42.28
C ASP A 86 -44.52 -3.14 43.75
N GLU A 87 -45.20 -2.18 44.36
CA GLU A 87 -44.93 -1.86 45.75
C GLU A 87 -45.38 -2.98 46.68
N ILE A 88 -46.55 -3.56 46.41
CA ILE A 88 -47.03 -4.68 47.22
C ILE A 88 -46.11 -5.88 47.06
N LEU A 89 -45.54 -6.05 45.86
CA LEU A 89 -44.59 -7.13 45.65
C LEU A 89 -43.27 -6.88 46.37
N VAL A 90 -42.81 -5.63 46.41
CA VAL A 90 -41.59 -5.30 47.14
C VAL A 90 -41.81 -5.47 48.66
N ASN A 91 -43.05 -5.23 49.11
CA ASN A 91 -43.35 -5.43 50.52
C ASN A 91 -43.15 -6.89 50.94
N ALA A 92 -43.30 -7.82 50.00
CA ALA A 92 -43.06 -9.23 50.30
C ALA A 92 -41.56 -9.51 50.44
N ALA A 93 -40.75 -8.97 49.54
CA ALA A 93 -39.31 -9.18 49.61
C ALA A 93 -38.67 -8.42 50.76
N ASP A 94 -39.32 -7.37 51.27
CA ASP A 94 -38.79 -6.64 52.41
C ASP A 94 -38.72 -7.47 53.68
N ASN A 95 -39.39 -8.62 53.73
CA ASN A 95 -39.33 -9.48 54.91
C ASN A 95 -37.98 -10.18 55.04
N LYS A 96 -37.15 -10.15 53.99
CA LYS A 96 -35.85 -10.80 54.07
C LYS A 96 -34.98 -10.17 55.15
N GLN A 97 -34.94 -8.84 55.20
CA GLN A 97 -34.15 -8.17 56.23
C GLN A 97 -34.84 -8.24 57.59
N ARG A 98 -36.17 -8.27 57.62
CA ARG A 98 -36.87 -8.42 58.88
C ARG A 98 -36.77 -9.86 59.41
N ASP A 99 -36.75 -10.84 58.51
CA ASP A 99 -36.64 -12.24 58.89
C ASP A 99 -35.85 -13.00 57.83
N PRO A 100 -34.59 -13.37 58.11
CA PRO A 100 -33.83 -14.15 57.12
C PRO A 100 -34.40 -15.54 56.84
N LYS A 101 -35.38 -15.99 57.62
CA LYS A 101 -35.98 -17.30 57.43
C LYS A 101 -36.98 -17.35 56.29
N MET A 102 -37.20 -16.24 55.58
CA MET A 102 -38.13 -16.22 54.46
C MET A 102 -37.59 -17.06 53.31
N SER A 103 -38.40 -17.99 52.83
CA SER A 103 -37.97 -18.89 51.78
C SER A 103 -38.91 -18.91 50.58
N CYS A 104 -40.21 -18.73 50.79
CA CYS A 104 -41.19 -18.82 49.70
C CYS A 104 -42.05 -17.58 49.68
N ILE A 105 -42.32 -17.10 48.47
CA ILE A 105 -43.23 -15.97 48.22
C ILE A 105 -44.10 -16.32 47.03
N ARG A 106 -45.39 -16.44 47.25
CA ARG A 106 -46.34 -16.84 46.21
C ARG A 106 -47.04 -15.61 45.66
N VAL A 107 -47.12 -15.51 44.34
CA VAL A 107 -47.83 -14.44 43.65
C VAL A 107 -48.83 -15.07 42.70
N THR A 108 -50.12 -14.91 43.00
CA THR A 108 -51.19 -15.46 42.18
C THR A 108 -51.94 -14.33 41.49
N ILE A 109 -52.06 -14.43 40.16
CA ILE A 109 -52.69 -13.42 39.33
C ILE A 109 -53.86 -14.08 38.60
N ASP A 110 -55.03 -13.45 38.66
CA ASP A 110 -56.22 -13.92 37.97
C ASP A 110 -56.83 -12.76 37.21
N PRO A 111 -56.42 -12.55 35.96
CA PRO A 111 -57.02 -11.48 35.15
C PRO A 111 -58.49 -11.71 34.83
N GLU A 112 -58.94 -12.97 34.81
CA GLU A 112 -60.35 -13.24 34.53
C GLU A 112 -61.24 -12.73 35.65
N ASN A 113 -60.99 -13.17 36.88
CA ASN A 113 -61.71 -12.69 38.04
C ASN A 113 -61.11 -11.42 38.63
N ASN A 114 -59.99 -10.95 38.08
CA ASN A 114 -59.34 -9.72 38.53
C ASN A 114 -58.97 -9.80 40.00
N LEU A 115 -58.08 -10.74 40.34
CA LEU A 115 -57.68 -10.98 41.73
C LEU A 115 -56.16 -11.12 41.78
N ILE A 116 -55.51 -10.34 42.65
CA ILE A 116 -54.08 -10.43 42.85
C ILE A 116 -53.84 -10.80 44.29
N SER A 117 -53.00 -11.81 44.53
CA SER A 117 -52.70 -12.23 45.89
C SER A 117 -51.20 -12.45 46.05
N ILE A 118 -50.60 -11.71 46.98
CA ILE A 118 -49.19 -11.85 47.32
C ILE A 118 -49.13 -12.42 48.74
N TRP A 119 -48.60 -13.64 48.86
CA TRP A 119 -48.51 -14.34 50.13
C TRP A 119 -47.04 -14.61 50.46
N ASN A 120 -46.69 -14.45 51.73
CA ASN A 120 -45.33 -14.71 52.15
C ASN A 120 -45.33 -15.23 53.58
N ASN A 121 -44.25 -15.92 53.95
CA ASN A 121 -44.06 -16.53 55.24
C ASN A 121 -43.03 -15.74 56.06
N GLY A 122 -42.68 -16.28 57.21
CA GLY A 122 -41.75 -15.64 58.12
C GLY A 122 -42.46 -14.96 59.27
N LYS A 123 -41.71 -14.12 59.97
CA LYS A 123 -42.27 -13.35 61.08
C LYS A 123 -43.32 -12.38 60.55
N GLY A 124 -44.58 -12.63 60.90
CA GLY A 124 -45.67 -11.81 60.42
C GLY A 124 -45.71 -10.46 61.12
N ILE A 125 -46.76 -9.71 60.80
CA ILE A 125 -46.94 -8.37 61.36
C ILE A 125 -47.55 -8.51 62.75
N PRO A 126 -46.94 -7.91 63.78
CA PRO A 126 -47.52 -8.00 65.13
C PRO A 126 -48.89 -7.36 65.21
N VAL A 127 -49.89 -8.15 65.56
CA VAL A 127 -51.27 -7.68 65.66
C VAL A 127 -51.45 -7.12 67.06
N VAL A 128 -51.45 -5.79 67.17
CA VAL A 128 -51.60 -5.11 68.44
C VAL A 128 -52.21 -3.73 68.19
N GLU A 129 -52.99 -3.26 69.15
CA GLU A 129 -53.63 -1.95 69.04
C GLU A 129 -52.66 -0.85 69.48
N HIS A 130 -52.59 0.21 68.68
CA HIS A 130 -51.72 1.33 69.00
C HIS A 130 -52.41 2.24 70.00
N LYS A 131 -51.63 2.75 70.96
CA LYS A 131 -52.21 3.49 72.07
C LYS A 131 -52.64 4.89 71.64
N VAL A 132 -51.74 5.65 71.01
CA VAL A 132 -52.03 7.03 70.66
C VAL A 132 -53.04 7.10 69.53
N GLU A 133 -52.81 6.34 68.46
CA GLU A 133 -53.71 6.36 67.31
C GLU A 133 -55.08 5.76 67.60
N LYS A 134 -55.23 5.04 68.72
CA LYS A 134 -56.50 4.43 69.12
C LYS A 134 -57.01 3.47 68.05
N MET A 135 -56.09 2.75 67.41
CA MET A 135 -56.46 1.78 66.39
C MET A 135 -55.33 0.78 66.25
N TYR A 136 -55.64 -0.35 65.61
CA TYR A 136 -54.69 -1.44 65.49
C TYR A 136 -53.57 -1.07 64.51
N VAL A 137 -52.38 -1.59 64.78
CA VAL A 137 -51.19 -1.34 63.96
C VAL A 137 -51.35 -1.97 62.59
N PRO A 138 -51.81 -3.22 62.45
CA PRO A 138 -52.05 -3.75 61.10
C PRO A 138 -53.07 -2.95 60.32
N ALA A 139 -54.07 -2.38 60.99
CA ALA A 139 -54.99 -1.47 60.31
C ALA A 139 -54.36 -0.10 60.06
N LEU A 140 -53.49 0.35 60.95
CA LEU A 140 -52.86 1.66 60.78
C LEU A 140 -51.90 1.69 59.60
N ILE A 141 -51.09 0.64 59.43
CA ILE A 141 -50.08 0.63 58.38
C ILE A 141 -50.64 0.19 57.03
N PHE A 142 -51.95 -0.02 56.92
CA PHE A 142 -52.57 -0.36 55.64
C PHE A 142 -53.82 0.46 55.32
N GLY A 143 -54.34 1.24 56.26
CA GLY A 143 -55.54 2.02 55.99
C GLY A 143 -55.38 3.49 56.28
N GLN A 144 -54.20 3.88 56.77
CA GLN A 144 -53.91 5.27 57.09
C GLN A 144 -52.62 5.70 56.39
N LEU A 145 -52.66 6.88 55.79
CA LEU A 145 -51.50 7.41 55.09
C LEU A 145 -50.40 7.80 56.06
N LEU A 146 -49.18 7.87 55.54
CA LEU A 146 -47.99 8.25 56.32
C LEU A 146 -47.79 7.33 57.51
N THR A 147 -47.92 6.02 57.27
CA THR A 147 -47.73 5.00 58.30
C THR A 147 -46.80 3.93 57.75
N SER A 148 -45.68 3.70 58.45
CA SER A 148 -44.71 2.71 58.03
C SER A 148 -43.81 2.38 59.21
N SER A 149 -42.95 1.38 59.02
CA SER A 149 -41.98 0.97 60.02
C SER A 149 -40.55 1.34 59.65
N ASN A 150 -40.36 2.15 58.61
CA ASN A 150 -39.05 2.57 58.14
C ASN A 150 -38.84 4.07 58.35
N TYR A 151 -39.35 4.60 59.46
CA TYR A 151 -39.27 6.03 59.77
C TYR A 151 -38.10 6.37 60.69
N ASP A 152 -37.00 5.61 60.61
CA ASP A 152 -35.82 5.86 61.42
C ASP A 152 -34.59 5.77 60.50
N ASP A 153 -34.07 6.93 60.10
CA ASP A 153 -32.91 6.95 59.21
C ASP A 153 -31.62 6.57 59.95
N ASP A 154 -31.61 6.63 61.27
CA ASP A 154 -30.41 6.29 62.03
C ASP A 154 -30.14 4.79 62.03
N GLU A 155 -31.16 3.97 61.79
CA GLU A 155 -30.97 2.52 61.75
C GLU A 155 -30.32 2.05 60.45
N LYS A 156 -30.47 2.83 59.37
CA LYS A 156 -29.83 2.54 58.09
C LYS A 156 -30.22 1.16 57.55
N LYS A 157 -31.52 1.02 57.27
CA LYS A 157 -32.03 -0.22 56.70
C LYS A 157 -31.82 -0.24 55.19
N VAL A 158 -31.93 -1.43 54.61
CA VAL A 158 -31.82 -1.61 53.18
C VAL A 158 -33.15 -2.11 52.63
N THR A 159 -34.25 -1.71 53.25
CA THR A 159 -35.56 -2.09 52.77
C THR A 159 -35.87 -1.39 51.44
N GLY A 160 -36.88 -1.92 50.75
CA GLY A 160 -37.24 -1.37 49.46
C GLY A 160 -37.89 0.00 49.55
N GLY A 161 -38.87 0.15 50.44
CA GLY A 161 -39.60 1.39 50.59
C GLY A 161 -38.98 2.29 51.65
N ARG A 162 -38.97 3.59 51.37
CA ARG A 162 -38.40 4.57 52.30
C ARG A 162 -39.38 5.68 52.61
N ASN A 163 -40.19 6.08 51.62
CA ASN A 163 -41.09 7.20 51.81
C ASN A 163 -42.27 6.80 52.70
N GLY A 164 -43.08 5.84 52.25
CA GLY A 164 -44.20 5.39 53.04
C GLY A 164 -45.55 5.65 52.40
N TYR A 165 -45.61 5.60 51.07
CA TYR A 165 -46.85 5.87 50.34
C TYR A 165 -47.35 4.71 49.50
N GLY A 166 -46.47 4.01 48.79
CA GLY A 166 -46.85 3.02 47.80
C GLY A 166 -47.88 1.98 48.20
N ALA A 167 -47.68 1.35 49.37
CA ALA A 167 -48.60 0.31 49.80
C ALA A 167 -50.00 0.88 50.04
N LYS A 168 -50.08 2.12 50.53
CA LYS A 168 -51.38 2.78 50.64
C LYS A 168 -51.88 3.26 49.29
N LEU A 169 -50.96 3.65 48.39
CA LEU A 169 -51.35 4.05 47.05
C LEU A 169 -52.02 2.91 46.29
N CYS A 170 -51.61 1.66 46.58
CA CYS A 170 -52.29 0.52 45.99
C CYS A 170 -53.73 0.42 46.46
N ASN A 171 -54.00 0.77 47.71
CA ASN A 171 -55.36 0.76 48.22
C ASN A 171 -56.16 1.94 47.70
N ILE A 172 -55.50 3.07 47.40
CA ILE A 172 -56.19 4.22 46.85
C ILE A 172 -56.76 3.92 45.47
N PHE A 173 -56.06 3.10 44.69
CA PHE A 173 -56.47 2.79 43.32
C PHE A 173 -56.93 1.34 43.18
N SER A 174 -57.67 0.84 44.17
CA SER A 174 -58.20 -0.51 44.13
C SER A 174 -59.58 -0.52 44.76
N THR A 175 -60.50 -1.28 44.15
CA THR A 175 -61.86 -1.36 44.68
C THR A 175 -61.94 -2.28 45.90
N LYS A 176 -61.03 -3.25 46.00
CA LYS A 176 -61.00 -4.19 47.12
C LYS A 176 -59.56 -4.42 47.53
N PHE A 177 -59.30 -4.35 48.83
CA PHE A 177 -57.94 -4.48 49.35
C PHE A 177 -58.00 -5.20 50.69
N THR A 178 -57.58 -6.46 50.73
CA THR A 178 -57.67 -7.31 51.92
C THR A 178 -56.28 -7.63 52.42
N VAL A 179 -56.09 -7.46 53.72
CA VAL A 179 -54.82 -7.78 54.40
C VAL A 179 -55.09 -8.85 55.44
N GLU A 180 -54.45 -10.00 55.31
CA GLU A 180 -54.58 -11.11 56.24
C GLU A 180 -53.21 -11.47 56.78
N THR A 181 -52.94 -11.10 58.03
CA THR A 181 -51.65 -11.33 58.64
C THR A 181 -51.80 -12.20 59.88
N ALA A 182 -50.72 -12.87 60.25
CA ALA A 182 -50.70 -13.72 61.44
C ALA A 182 -49.47 -13.42 62.26
N SER A 183 -49.62 -13.42 63.59
CA SER A 183 -48.52 -13.16 64.51
C SER A 183 -48.52 -14.24 65.59
N ARG A 184 -47.41 -14.97 65.69
CA ARG A 184 -47.29 -16.03 66.68
C ARG A 184 -46.87 -15.49 68.04
N GLU A 185 -46.04 -14.44 68.06
CA GLU A 185 -45.64 -13.84 69.33
C GLU A 185 -46.85 -13.31 70.09
N TYR A 186 -47.85 -12.80 69.39
CA TYR A 186 -49.10 -12.35 70.00
C TYR A 186 -50.23 -13.36 69.85
N LYS A 187 -50.02 -14.41 69.05
CA LYS A 187 -51.03 -15.45 68.83
C LYS A 187 -52.34 -14.86 68.32
N LYS A 188 -52.24 -14.07 67.25
CA LYS A 188 -53.39 -13.39 66.68
C LYS A 188 -53.35 -13.50 65.16
N MET A 189 -54.51 -13.26 64.55
CA MET A 189 -54.65 -13.25 63.10
C MET A 189 -55.61 -12.12 62.74
N PHE A 190 -55.11 -11.16 61.97
CA PHE A 190 -55.85 -9.98 61.56
C PHE A 190 -56.29 -10.10 60.11
N LYS A 191 -57.52 -9.67 59.84
CA LYS A 191 -58.05 -9.71 58.48
C LYS A 191 -59.02 -8.55 58.31
N GLN A 192 -58.71 -7.65 57.38
CA GLN A 192 -59.57 -6.51 57.10
C GLN A 192 -59.55 -6.22 55.61
N THR A 193 -60.71 -5.84 55.08
CA THR A 193 -60.88 -5.53 53.67
C THR A 193 -61.42 -4.11 53.53
N TRP A 194 -60.72 -3.30 52.75
CA TRP A 194 -61.14 -1.93 52.43
C TRP A 194 -61.76 -1.91 51.04
N MET A 195 -62.85 -1.16 50.90
CA MET A 195 -63.57 -1.02 49.65
C MET A 195 -63.66 0.46 49.26
N ASP A 196 -63.96 0.69 47.98
CA ASP A 196 -64.22 2.02 47.43
C ASP A 196 -63.04 2.97 47.69
N ASN A 197 -61.88 2.54 47.22
CA ASN A 197 -60.65 3.35 47.27
C ASN A 197 -60.31 3.75 48.71
N MET A 198 -60.43 2.77 49.63
CA MET A 198 -60.11 2.89 51.05
C MET A 198 -61.09 3.79 51.79
N GLY A 199 -62.04 4.42 51.09
CA GLY A 199 -62.99 5.30 51.76
C GLY A 199 -63.92 4.57 52.70
N ARG A 200 -64.17 3.29 52.45
CA ARG A 200 -65.03 2.46 53.29
C ARG A 200 -64.29 1.20 53.68
N ALA A 201 -64.29 0.88 54.97
CA ALA A 201 -63.61 -0.29 55.48
C ALA A 201 -64.61 -1.35 55.88
N GLY A 202 -64.27 -2.62 55.62
CA GLY A 202 -65.12 -3.73 55.97
C GLY A 202 -65.06 -4.05 57.45
N GLU A 203 -65.73 -5.14 57.81
CA GLU A 203 -65.77 -5.59 59.20
C GLU A 203 -64.44 -6.25 59.57
N MET A 204 -63.82 -5.75 60.65
CA MET A 204 -62.55 -6.29 61.10
C MET A 204 -62.73 -7.71 61.62
N GLU A 205 -61.73 -8.56 61.38
CA GLU A 205 -61.75 -9.95 61.83
C GLU A 205 -60.47 -10.26 62.58
N LEU A 206 -60.59 -10.55 63.87
CA LEU A 206 -59.48 -10.97 64.70
C LEU A 206 -59.76 -12.38 65.20
N LYS A 207 -58.82 -13.29 64.97
CA LYS A 207 -59.00 -14.68 65.35
C LYS A 207 -57.74 -15.22 65.99
N PRO A 208 -57.87 -16.09 66.99
CA PRO A 208 -56.68 -16.73 67.57
C PRO A 208 -55.96 -17.60 66.55
N PHE A 209 -54.64 -17.48 66.53
CA PHE A 209 -53.81 -18.20 65.58
C PHE A 209 -52.65 -18.88 66.31
N ASN A 210 -52.36 -20.11 65.91
CA ASN A 210 -51.27 -20.89 66.50
C ASN A 210 -50.61 -21.68 65.37
N GLY A 211 -49.50 -21.15 64.85
CA GLY A 211 -48.80 -21.83 63.78
C GLY A 211 -47.77 -20.91 63.14
N GLU A 212 -47.38 -21.26 61.92
CA GLU A 212 -46.41 -20.47 61.18
C GLU A 212 -47.03 -19.15 60.74
N ASP A 213 -46.36 -18.05 61.09
CA ASP A 213 -46.86 -16.74 60.73
C ASP A 213 -46.79 -16.52 59.22
N TYR A 214 -47.65 -15.66 58.72
CA TYR A 214 -47.72 -15.38 57.30
C TYR A 214 -48.39 -14.03 57.08
N THR A 215 -48.33 -13.56 55.83
CA THR A 215 -48.95 -12.30 55.45
C THR A 215 -49.41 -12.41 54.01
N CYS A 216 -50.68 -12.12 53.76
CA CYS A 216 -51.28 -12.22 52.43
C CYS A 216 -52.04 -10.94 52.12
N ILE A 217 -51.67 -10.29 51.02
CA ILE A 217 -52.35 -9.10 50.52
C ILE A 217 -53.06 -9.47 49.24
N THR A 218 -54.39 -9.36 49.25
CA THR A 218 -55.22 -9.72 48.11
C THR A 218 -56.05 -8.53 47.69
N PHE A 219 -55.84 -8.05 46.47
CA PHE A 219 -56.53 -6.84 46.02
C PHE A 219 -57.06 -7.00 44.60
N GLN A 220 -57.93 -6.06 44.25
CA GLN A 220 -58.53 -5.98 42.91
C GLN A 220 -58.18 -4.63 42.31
N PRO A 221 -57.26 -4.58 41.35
CA PRO A 221 -56.88 -3.28 40.75
C PRO A 221 -58.08 -2.60 40.10
N ASP A 222 -58.31 -1.34 40.47
CA ASP A 222 -59.41 -0.56 39.92
C ASP A 222 -59.05 -0.15 38.50
N LEU A 223 -59.53 -0.91 37.52
CA LEU A 223 -59.23 -0.61 36.13
C LEU A 223 -59.98 0.61 35.61
N SER A 224 -61.04 1.03 36.32
CA SER A 224 -61.79 2.21 35.88
C SER A 224 -60.96 3.49 36.02
N LYS A 225 -60.09 3.56 37.02
CA LYS A 225 -59.25 4.73 37.20
C LYS A 225 -58.12 4.79 36.18
N PHE A 226 -57.76 3.67 35.59
CA PHE A 226 -56.68 3.62 34.60
C PHE A 226 -57.20 3.53 33.17
N LYS A 227 -58.52 3.57 32.96
CA LYS A 227 -59.12 3.52 31.63
C LYS A 227 -58.70 2.27 30.87
N MET A 228 -58.83 1.12 31.53
CA MET A 228 -58.50 -0.17 30.93
C MET A 228 -59.66 -1.13 31.14
N GLN A 229 -59.87 -2.01 30.16
CA GLN A 229 -60.98 -2.96 30.23
C GLN A 229 -60.62 -4.17 31.08
N SER A 230 -59.53 -4.85 30.73
CA SER A 230 -59.11 -6.04 31.46
C SER A 230 -57.58 -6.11 31.47
N LEU A 231 -57.06 -7.03 32.28
CA LEU A 231 -55.62 -7.22 32.40
C LEU A 231 -55.13 -8.00 31.17
N ASP A 232 -54.69 -7.27 30.16
CA ASP A 232 -54.16 -7.89 28.96
C ASP A 232 -52.80 -8.53 29.25
N LYS A 233 -52.29 -9.26 28.26
CA LYS A 233 -51.01 -9.93 28.39
C LYS A 233 -49.84 -8.96 28.57
N ASP A 234 -50.00 -7.70 28.15
CA ASP A 234 -48.93 -6.72 28.30
C ASP A 234 -48.54 -6.51 29.75
N ILE A 235 -49.53 -6.28 30.62
CA ILE A 235 -49.22 -6.07 32.03
C ILE A 235 -48.91 -7.40 32.72
N VAL A 236 -49.44 -8.51 32.20
CA VAL A 236 -49.14 -9.82 32.79
C VAL A 236 -47.68 -10.16 32.59
N ALA A 237 -47.12 -9.83 31.41
CA ALA A 237 -45.70 -10.05 31.18
C ALA A 237 -44.84 -9.24 32.14
N LEU A 238 -45.19 -7.98 32.36
CA LEU A 238 -44.47 -7.15 33.32
C LEU A 238 -44.56 -7.72 34.73
N MET A 239 -45.73 -8.20 35.12
CA MET A 239 -45.89 -8.79 36.45
C MET A 239 -45.07 -10.06 36.61
N VAL A 240 -45.03 -10.90 35.58
CA VAL A 240 -44.25 -12.13 35.66
C VAL A 240 -42.76 -11.81 35.71
N ARG A 241 -42.31 -10.84 34.92
CA ARG A 241 -40.90 -10.44 35.00
C ARG A 241 -40.58 -9.84 36.36
N ARG A 242 -41.52 -9.11 36.95
CA ARG A 242 -41.28 -8.54 38.29
C ARG A 242 -41.23 -9.64 39.34
N ALA A 243 -42.03 -10.69 39.19
CA ALA A 243 -41.92 -11.84 40.08
C ALA A 243 -40.58 -12.54 39.90
N TYR A 244 -40.08 -12.63 38.66
CA TYR A 244 -38.74 -13.14 38.42
C TYR A 244 -37.67 -12.27 39.06
N ASP A 245 -37.90 -10.96 39.14
CA ASP A 245 -36.89 -10.05 39.67
C ASP A 245 -36.57 -10.36 41.12
N ILE A 246 -37.55 -10.80 41.91
CA ILE A 246 -37.30 -11.11 43.30
C ILE A 246 -36.44 -12.36 43.43
N ALA A 247 -36.82 -13.43 42.73
CA ALA A 247 -36.02 -14.65 42.74
C ALA A 247 -34.64 -14.45 42.14
N GLY A 248 -34.45 -13.43 41.32
CA GLY A 248 -33.13 -13.14 40.77
C GLY A 248 -32.30 -12.20 41.60
N SER A 249 -32.95 -11.40 42.44
CA SER A 249 -32.23 -10.41 43.24
C SER A 249 -32.01 -10.90 44.67
N THR A 250 -33.03 -11.48 45.29
CA THR A 250 -32.93 -11.95 46.66
C THR A 250 -32.26 -13.32 46.71
N LYS A 251 -31.76 -13.65 47.90
CA LYS A 251 -31.06 -14.90 48.14
C LYS A 251 -31.90 -15.80 49.04
N ASP A 252 -31.86 -17.11 48.75
CA ASP A 252 -32.58 -18.12 49.52
C ASP A 252 -34.08 -17.83 49.57
N VAL A 253 -34.63 -17.27 48.49
CA VAL A 253 -36.04 -16.94 48.40
C VAL A 253 -36.58 -17.55 47.11
N LYS A 254 -37.62 -18.38 47.24
CA LYS A 254 -38.24 -19.05 46.09
C LYS A 254 -39.54 -18.35 45.76
N VAL A 255 -39.64 -17.80 44.56
CA VAL A 255 -40.85 -17.13 44.10
C VAL A 255 -41.70 -18.13 43.33
N PHE A 256 -42.95 -18.27 43.76
CA PHE A 256 -43.92 -19.16 43.13
C PHE A 256 -44.94 -18.33 42.35
N LEU A 257 -45.31 -18.84 41.18
CA LEU A 257 -46.28 -18.17 40.30
C LEU A 257 -47.44 -19.12 40.08
N ASN A 258 -48.61 -18.77 40.62
CA ASN A 258 -49.84 -19.56 40.50
C ASN A 258 -49.64 -20.98 41.03
N GLY A 259 -48.83 -21.13 42.08
CA GLY A 259 -48.58 -22.41 42.69
C GLY A 259 -47.44 -23.20 42.09
N ASN A 260 -46.89 -22.76 40.96
CA ASN A 260 -45.80 -23.46 40.29
C ASN A 260 -44.47 -22.84 40.68
N LYS A 261 -43.48 -23.69 40.91
CA LYS A 261 -42.15 -23.21 41.28
C LYS A 261 -41.44 -22.65 40.05
N LEU A 262 -40.94 -21.44 40.18
CA LEU A 262 -40.24 -20.80 39.07
C LEU A 262 -38.80 -21.28 39.01
N PRO A 263 -38.32 -21.74 37.85
CA PRO A 263 -36.96 -22.27 37.77
C PRO A 263 -35.89 -21.19 37.86
N VAL A 264 -35.82 -20.50 39.00
CA VAL A 264 -34.84 -19.45 39.22
C VAL A 264 -34.15 -19.75 40.54
N LYS A 265 -32.84 -20.00 40.48
CA LYS A 265 -32.03 -20.25 41.66
C LYS A 265 -30.86 -19.27 41.65
N GLY A 266 -31.10 -18.07 42.20
CA GLY A 266 -30.04 -17.09 42.34
C GLY A 266 -29.87 -16.19 41.14
N PHE A 267 -29.04 -15.18 41.35
CA PHE A 267 -28.74 -14.21 40.30
C PHE A 267 -28.00 -14.83 39.13
N ARG A 268 -27.25 -15.90 39.36
CA ARG A 268 -26.60 -16.60 38.25
C ARG A 268 -27.63 -17.18 37.29
N SER A 269 -28.67 -17.84 37.81
CA SER A 269 -29.73 -18.33 36.95
C SER A 269 -30.56 -17.18 36.37
N TYR A 270 -30.73 -16.10 37.14
CA TYR A 270 -31.42 -14.93 36.61
C TYR A 270 -30.68 -14.36 35.39
N VAL A 271 -29.35 -14.39 35.40
CA VAL A 271 -28.57 -13.94 34.26
C VAL A 271 -28.64 -14.95 33.12
N ASP A 272 -28.53 -16.24 33.45
CA ASP A 272 -28.60 -17.29 32.45
C ASP A 272 -29.93 -17.30 31.70
N MET A 273 -31.01 -16.83 32.34
CA MET A 273 -32.28 -16.74 31.64
C MET A 273 -32.24 -15.69 30.54
N TYR A 274 -31.61 -14.54 30.80
CA TYR A 274 -31.56 -13.46 29.81
C TYR A 274 -30.65 -13.79 28.63
N LEU A 275 -29.72 -14.73 28.79
CA LEU A 275 -28.83 -15.14 27.72
C LEU A 275 -29.36 -16.34 26.95
N LYS A 276 -30.68 -16.51 26.89
CA LYS A 276 -31.27 -17.63 26.17
C LYS A 276 -31.17 -17.43 24.66
N ASP A 277 -31.57 -16.25 24.19
CA ASP A 277 -31.57 -15.93 22.76
C ASP A 277 -30.76 -14.69 22.44
N LYS A 278 -29.87 -14.26 23.35
CA LYS A 278 -29.04 -13.09 23.14
C LYS A 278 -27.75 -13.51 22.44
N LEU A 279 -27.64 -13.18 21.16
CA LEU A 279 -26.50 -13.54 20.35
C LEU A 279 -25.57 -12.34 20.20
N ASP A 280 -24.53 -12.49 19.38
CA ASP A 280 -23.57 -11.43 19.12
C ASP A 280 -23.56 -11.10 17.64
N GLU A 281 -23.20 -9.84 17.32
CA GLU A 281 -23.22 -9.39 15.94
C GLU A 281 -22.10 -10.00 15.11
N THR A 282 -21.01 -10.44 15.74
CA THR A 282 -19.88 -11.01 15.01
C THR A 282 -20.04 -12.50 14.75
N GLY A 283 -20.64 -13.23 15.70
CA GLY A 283 -20.84 -14.66 15.53
C GLY A 283 -20.43 -15.47 16.74
N ASN A 284 -19.64 -14.86 17.62
CA ASN A 284 -19.17 -15.53 18.83
C ASN A 284 -20.26 -15.50 19.89
N SER A 285 -19.93 -15.96 21.09
CA SER A 285 -20.86 -16.00 22.21
C SER A 285 -20.44 -14.99 23.27
N LEU A 286 -21.34 -14.72 24.21
CA LEU A 286 -21.10 -13.79 25.30
C LEU A 286 -20.53 -14.56 26.48
N LYS A 287 -19.25 -14.35 26.76
CA LYS A 287 -18.59 -15.05 27.85
C LYS A 287 -19.03 -14.45 29.18
N VAL A 288 -19.65 -15.27 30.03
CA VAL A 288 -20.14 -14.82 31.32
C VAL A 288 -18.96 -14.59 32.25
N ILE A 289 -18.84 -13.38 32.77
CA ILE A 289 -17.80 -13.03 33.73
C ILE A 289 -18.52 -12.61 35.01
N HIS A 290 -18.75 -13.58 35.89
CA HIS A 290 -19.53 -13.37 37.11
C HIS A 290 -18.62 -13.14 38.30
N GLU A 291 -19.08 -12.31 39.24
CA GLU A 291 -18.34 -12.09 40.46
C GLU A 291 -19.32 -11.96 41.62
N GLN A 292 -18.98 -12.58 42.75
CA GLN A 292 -19.74 -12.46 43.99
C GLN A 292 -18.83 -11.79 45.02
N VAL A 293 -18.88 -10.46 45.06
CA VAL A 293 -18.02 -9.70 45.97
C VAL A 293 -18.41 -9.98 47.42
N ASN A 294 -19.68 -9.77 47.75
CA ASN A 294 -20.18 -10.01 49.11
C ASN A 294 -21.68 -10.24 49.02
N HIS A 295 -22.35 -10.19 50.17
CA HIS A 295 -23.79 -10.37 50.23
C HIS A 295 -24.57 -9.15 49.71
N ARG A 296 -23.87 -8.11 49.24
CA ARG A 296 -24.56 -6.93 48.72
C ARG A 296 -23.92 -6.41 47.43
N TRP A 297 -23.14 -7.24 46.72
CA TRP A 297 -22.56 -6.85 45.45
C TRP A 297 -22.38 -8.07 44.57
N GLU A 298 -22.69 -7.92 43.28
CA GLU A 298 -22.59 -9.02 42.33
C GLU A 298 -22.63 -8.43 40.93
N VAL A 299 -21.60 -8.72 40.12
CA VAL A 299 -21.40 -8.04 38.85
C VAL A 299 -21.13 -9.06 37.75
N CYS A 300 -21.68 -8.79 36.56
CA CYS A 300 -21.40 -9.56 35.36
C CYS A 300 -21.02 -8.59 34.24
N LEU A 301 -20.26 -9.10 33.26
CA LEU A 301 -19.78 -8.25 32.18
C LEU A 301 -19.37 -9.09 30.98
N THR A 302 -19.70 -8.59 29.79
CA THR A 302 -19.27 -9.17 28.52
C THR A 302 -19.53 -8.12 27.43
N MET A 303 -19.41 -8.54 26.17
CA MET A 303 -19.62 -7.63 25.05
C MET A 303 -21.03 -7.05 25.07
N SER A 304 -21.21 -5.98 24.29
CA SER A 304 -22.52 -5.34 24.15
C SER A 304 -22.52 -4.61 22.81
N GLU A 305 -23.26 -5.14 21.84
CA GLU A 305 -23.26 -4.61 20.48
C GLU A 305 -24.44 -3.68 20.20
N LYS A 306 -25.26 -3.38 21.20
CA LYS A 306 -26.43 -2.52 21.02
C LYS A 306 -26.45 -1.44 22.09
N GLY A 307 -25.30 -0.80 22.30
CA GLY A 307 -25.20 0.26 23.28
C GLY A 307 -25.06 -0.27 24.69
N PHE A 308 -25.04 0.66 25.64
CA PHE A 308 -24.90 0.34 27.06
C PHE A 308 -26.23 -0.20 27.57
N GLN A 309 -26.35 -1.52 27.64
CA GLN A 309 -27.54 -2.17 28.16
C GLN A 309 -27.24 -2.72 29.55
N GLN A 310 -28.08 -2.37 30.52
CA GLN A 310 -27.89 -2.79 31.90
C GLN A 310 -29.25 -3.04 32.55
N ILE A 311 -29.28 -4.02 33.44
CA ILE A 311 -30.47 -4.35 34.24
C ILE A 311 -29.99 -4.49 35.67
N SER A 312 -30.15 -3.44 36.47
CA SER A 312 -29.69 -3.40 37.85
C SER A 312 -30.87 -3.40 38.80
N PHE A 313 -30.57 -3.56 40.09
CA PHE A 313 -31.58 -3.61 41.14
C PHE A 313 -31.07 -2.91 42.38
N VAL A 314 -31.92 -2.09 42.98
CA VAL A 314 -31.61 -1.38 44.23
C VAL A 314 -32.66 -1.78 45.24
N ASN A 315 -32.30 -2.69 46.15
CA ASN A 315 -33.20 -3.17 47.21
C ASN A 315 -34.46 -3.78 46.61
N SER A 316 -34.26 -4.76 45.71
CA SER A 316 -35.35 -5.48 45.05
C SER A 316 -36.24 -4.54 44.24
N ILE A 317 -35.66 -3.50 43.67
CA ILE A 317 -36.38 -2.54 42.83
C ILE A 317 -35.65 -2.42 41.51
N ALA A 318 -36.37 -2.67 40.41
CA ALA A 318 -35.78 -2.65 39.08
C ALA A 318 -35.55 -1.20 38.62
N THR A 319 -34.29 -0.84 38.40
CA THR A 319 -33.93 0.48 37.90
C THR A 319 -33.75 0.38 36.38
N SER A 320 -34.86 0.52 35.67
CA SER A 320 -34.83 0.37 34.22
C SER A 320 -34.13 1.54 33.55
N LYS A 321 -34.36 2.76 34.04
CA LYS A 321 -33.73 3.94 33.44
C LYS A 321 -32.25 4.05 33.78
N GLY A 322 -31.82 3.46 34.88
CA GLY A 322 -30.42 3.48 35.29
C GLY A 322 -30.26 4.04 36.70
N GLY A 323 -29.22 4.84 36.89
CA GLY A 323 -28.94 5.42 38.18
C GLY A 323 -27.46 5.49 38.48
N ARG A 324 -27.09 6.12 39.59
CA ARG A 324 -25.69 6.25 39.97
C ARG A 324 -25.14 4.98 40.63
N HIS A 325 -26.01 4.07 41.06
CA HIS A 325 -25.54 2.81 41.63
C HIS A 325 -24.83 1.94 40.60
N VAL A 326 -25.43 1.80 39.42
CA VAL A 326 -24.78 1.04 38.36
C VAL A 326 -23.60 1.83 37.77
N ASP A 327 -23.68 3.16 37.80
CA ASP A 327 -22.58 3.97 37.31
C ASP A 327 -21.35 3.86 38.21
N TYR A 328 -21.56 3.69 39.51
CA TYR A 328 -20.42 3.57 40.42
C TYR A 328 -19.54 2.37 40.09
N VAL A 329 -20.11 1.34 39.48
CA VAL A 329 -19.35 0.17 39.07
C VAL A 329 -18.93 0.27 37.61
N ALA A 330 -19.79 0.81 36.76
CA ALA A 330 -19.45 0.95 35.34
C ALA A 330 -18.26 1.88 35.15
N ASP A 331 -18.30 3.07 35.77
CA ASP A 331 -17.18 3.99 35.67
C ASP A 331 -15.94 3.44 36.36
N GLN A 332 -16.12 2.61 37.40
CA GLN A 332 -14.96 1.97 38.03
C GLN A 332 -14.27 1.02 37.05
N ILE A 333 -15.05 0.18 36.37
CA ILE A 333 -14.48 -0.72 35.37
C ILE A 333 -13.84 0.08 34.23
N VAL A 334 -14.50 1.18 33.81
CA VAL A 334 -13.94 1.99 32.74
C VAL A 334 -12.63 2.63 33.17
N THR A 335 -12.53 3.07 34.42
CA THR A 335 -11.29 3.64 34.92
C THR A 335 -10.19 2.59 34.99
N LYS A 336 -10.53 1.38 35.42
CA LYS A 336 -9.56 0.29 35.44
C LYS A 336 -9.11 -0.10 34.04
N LEU A 337 -9.96 0.10 33.02
CA LEU A 337 -9.58 -0.19 31.65
C LEU A 337 -8.81 0.93 30.97
N VAL A 338 -9.05 2.19 31.38
CA VAL A 338 -8.32 3.31 30.78
C VAL A 338 -6.83 3.20 31.08
N ASP A 339 -6.49 2.66 32.25
CA ASP A 339 -5.08 2.42 32.56
C ASP A 339 -4.43 1.50 31.54
N VAL A 340 -5.21 0.61 30.92
CA VAL A 340 -4.69 -0.20 29.83
C VAL A 340 -4.80 0.53 28.49
N VAL A 341 -5.80 1.42 28.36
CA VAL A 341 -5.97 2.17 27.12
C VAL A 341 -4.73 3.03 26.84
N LYS A 342 -4.21 3.70 27.87
CA LYS A 342 -3.04 4.55 27.71
C LYS A 342 -1.73 3.78 27.61
N LYS A 343 -1.79 2.45 27.54
CA LYS A 343 -0.60 1.62 27.39
C LYS A 343 -0.44 1.08 25.97
N LYS A 344 -1.50 0.54 25.38
CA LYS A 344 -1.47 -0.05 24.05
C LYS A 344 -1.39 0.99 22.93
N ASN A 345 -1.21 2.27 23.24
CA ASN A 345 -1.11 3.31 22.22
C ASN A 345 0.24 3.22 21.51
N VAL A 351 -9.06 7.88 24.88
CA VAL A 351 -10.42 7.35 24.75
C VAL A 351 -11.25 7.75 25.96
N LYS A 352 -12.41 8.36 25.69
CA LYS A 352 -13.29 8.81 26.75
C LYS A 352 -13.99 7.61 27.41
N ALA A 353 -14.71 7.90 28.49
CA ALA A 353 -15.41 6.84 29.22
C ALA A 353 -16.66 6.38 28.49
N HIS A 354 -17.42 7.31 27.90
CA HIS A 354 -18.66 6.95 27.21
C HIS A 354 -18.41 6.18 25.93
N GLN A 355 -17.22 6.27 25.35
CA GLN A 355 -16.92 5.50 24.15
C GLN A 355 -16.82 4.01 24.48
N VAL A 356 -16.11 3.67 25.56
CA VAL A 356 -16.04 2.28 26.00
C VAL A 356 -17.34 1.84 26.67
N LYS A 357 -18.09 2.78 27.26
CA LYS A 357 -19.34 2.44 27.93
C LYS A 357 -20.36 1.84 26.96
N ASN A 358 -20.27 2.19 25.67
CA ASN A 358 -21.23 1.71 24.68
C ASN A 358 -21.12 0.21 24.41
N HIS A 359 -20.12 -0.47 24.97
CA HIS A 359 -19.93 -1.90 24.78
C HIS A 359 -19.83 -2.60 26.14
N MET A 360 -20.74 -2.27 27.04
CA MET A 360 -20.75 -2.86 28.38
C MET A 360 -22.09 -3.52 28.64
N TRP A 361 -22.04 -4.71 29.25
CA TRP A 361 -23.23 -5.47 29.66
C TRP A 361 -23.06 -5.74 31.15
N ILE A 362 -23.47 -4.78 31.97
CA ILE A 362 -23.18 -4.80 33.41
C ILE A 362 -24.49 -4.92 34.18
N PHE A 363 -24.45 -5.73 35.23
CA PHE A 363 -25.57 -5.92 36.13
C PHE A 363 -25.15 -5.57 37.56
N VAL A 364 -26.05 -4.97 38.32
CA VAL A 364 -25.79 -4.57 39.69
C VAL A 364 -26.91 -5.10 40.58
N ASN A 365 -26.56 -5.97 41.52
CA ASN A 365 -27.50 -6.51 42.50
C ASN A 365 -26.95 -6.12 43.88
N ALA A 366 -27.33 -4.94 44.34
CA ALA A 366 -26.78 -4.37 45.56
C ALA A 366 -27.91 -4.00 46.52
N LEU A 367 -27.54 -3.84 47.80
CA LEU A 367 -28.46 -3.45 48.85
C LEU A 367 -27.85 -2.23 49.54
N ILE A 368 -28.30 -1.04 49.14
CA ILE A 368 -27.74 0.22 49.65
C ILE A 368 -28.63 0.71 50.79
N GLU A 369 -27.99 1.21 51.84
CA GLU A 369 -28.72 1.73 53.00
C GLU A 369 -29.36 3.07 52.65
N ASN A 370 -30.70 3.13 52.73
CA ASN A 370 -31.47 4.34 52.49
C ASN A 370 -31.19 4.93 51.12
N PRO A 371 -31.62 4.29 50.04
CA PRO A 371 -31.38 4.85 48.70
C PRO A 371 -32.24 6.07 48.45
N THR A 372 -31.86 6.82 47.41
CA THR A 372 -32.57 8.02 46.99
C THR A 372 -32.92 7.90 45.52
N PHE A 373 -34.19 8.12 45.18
CA PHE A 373 -34.66 8.02 43.82
C PHE A 373 -35.30 9.34 43.39
N ASP A 374 -35.34 9.55 42.07
CA ASP A 374 -35.87 10.79 41.52
C ASP A 374 -37.40 10.74 41.42
N SER A 375 -37.92 9.79 40.64
CA SER A 375 -39.34 9.68 40.40
C SER A 375 -39.94 8.62 41.33
N GLN A 376 -41.26 8.46 41.24
CA GLN A 376 -41.96 7.49 42.08
C GLN A 376 -41.69 6.05 41.64
N THR A 377 -41.37 5.83 40.37
CA THR A 377 -41.10 4.48 39.89
C THR A 377 -39.81 3.91 40.46
N LYS A 378 -38.96 4.76 41.04
CA LYS A 378 -37.69 4.33 41.65
C LYS A 378 -36.81 3.59 40.65
N GLU A 379 -36.61 4.22 39.49
CA GLU A 379 -35.77 3.65 38.44
C GLU A 379 -34.55 4.50 38.15
N ASN A 380 -34.24 5.48 39.01
CA ASN A 380 -33.08 6.33 38.83
C ASN A 380 -32.55 6.70 40.21
N MET A 381 -31.39 6.18 40.57
CA MET A 381 -30.79 6.40 41.89
C MET A 381 -29.73 7.49 41.79
N THR A 382 -29.86 8.52 42.62
CA THR A 382 -28.93 9.64 42.60
C THR A 382 -28.27 9.86 43.96
N LEU A 383 -27.81 8.78 44.58
CA LEU A 383 -27.17 8.87 45.89
C LEU A 383 -25.66 9.02 45.73
N GLN A 384 -25.05 9.77 46.63
CA GLN A 384 -23.61 10.03 46.55
C GLN A 384 -22.81 8.76 46.85
N PRO A 385 -21.61 8.64 46.28
CA PRO A 385 -20.78 7.46 46.55
C PRO A 385 -20.35 7.33 48.01
N LYS A 386 -20.18 8.45 48.71
CA LYS A 386 -19.69 8.37 50.09
C LYS A 386 -20.70 7.72 51.02
N SER A 387 -21.99 7.87 50.75
CA SER A 387 -23.05 7.34 51.61
C SER A 387 -23.56 6.00 51.07
N PHE A 388 -22.67 5.00 51.05
CA PHE A 388 -23.03 3.65 50.67
C PHE A 388 -23.02 2.67 51.83
N GLY A 389 -22.01 2.72 52.70
CA GLY A 389 -21.87 1.77 53.78
C GLY A 389 -21.25 0.45 53.37
N SER A 390 -21.09 0.19 52.08
CA SER A 390 -20.48 -1.04 51.59
C SER A 390 -19.91 -0.77 50.21
N THR A 391 -18.58 -0.78 50.11
CA THR A 391 -17.92 -0.47 48.85
C THR A 391 -17.93 -1.68 47.92
N CYS A 392 -17.80 -1.40 46.63
CA CYS A 392 -17.76 -2.44 45.60
C CYS A 392 -16.31 -2.60 45.16
N GLN A 393 -15.58 -3.45 45.89
CA GLN A 393 -14.18 -3.73 45.58
C GLN A 393 -14.12 -4.96 44.68
N LEU A 394 -13.83 -4.73 43.40
CA LEU A 394 -13.78 -5.81 42.43
C LEU A 394 -12.43 -6.52 42.51
N SER A 395 -12.45 -7.84 42.47
CA SER A 395 -11.23 -8.62 42.57
C SER A 395 -10.44 -8.56 41.27
N GLU A 396 -9.18 -8.98 41.34
CA GLU A 396 -8.33 -9.00 40.15
C GLU A 396 -8.77 -10.04 39.14
N LYS A 397 -9.38 -11.14 39.60
CA LYS A 397 -9.84 -12.17 38.68
C LYS A 397 -10.93 -11.66 37.76
N PHE A 398 -11.79 -10.75 38.24
CA PHE A 398 -12.84 -10.19 37.41
C PHE A 398 -12.25 -9.37 36.27
N ILE A 399 -11.14 -8.66 36.48
CA ILE A 399 -10.61 -7.80 35.37
C ILE A 399 -9.88 -8.69 34.34
N LYS A 400 -9.12 -9.68 34.81
CA LYS A 400 -8.37 -10.59 33.91
C LYS A 400 -9.35 -11.41 33.05
N ALA A 401 -10.47 -11.84 33.65
CA ALA A 401 -11.50 -12.60 32.90
C ALA A 401 -12.09 -11.69 31.81
N ALA A 402 -12.32 -10.41 32.12
CA ALA A 402 -12.81 -9.44 31.11
C ALA A 402 -11.79 -9.31 29.98
N ILE A 403 -10.49 -9.30 30.31
CA ILE A 403 -9.45 -9.27 29.24
C ILE A 403 -9.65 -10.52 28.38
N GLY A 404 -9.92 -11.66 29.00
CA GLY A 404 -10.15 -12.92 28.27
C GLY A 404 -11.39 -12.88 27.40
N CYS A 405 -12.45 -12.21 27.85
CA CYS A 405 -13.73 -12.21 27.08
C CYS A 405 -13.51 -11.61 25.69
N GLY A 406 -12.67 -10.57 25.59
CA GLY A 406 -12.35 -9.99 24.27
C GLY A 406 -12.75 -8.53 24.20
N ILE A 407 -12.94 -7.89 25.35
CA ILE A 407 -13.29 -6.44 25.38
C ILE A 407 -12.07 -5.64 24.89
N VAL A 408 -10.87 -6.23 24.98
CA VAL A 408 -9.66 -5.56 24.52
C VAL A 408 -9.73 -5.26 23.03
N GLU A 409 -10.44 -6.10 22.26
CA GLU A 409 -10.66 -5.82 20.84
C GLU A 409 -11.41 -4.50 20.67
N SER A 410 -12.48 -4.31 21.44
CA SER A 410 -13.22 -3.05 21.38
C SER A 410 -12.39 -1.89 21.90
N ILE A 411 -11.54 -2.13 22.90
CA ILE A 411 -10.64 -1.09 23.39
C ILE A 411 -9.73 -0.61 22.27
N LEU A 412 -9.08 -1.54 21.59
CA LEU A 412 -8.21 -1.18 20.47
C LEU A 412 -8.99 -0.53 19.35
N ASN A 413 -10.23 -0.97 19.13
CA ASN A 413 -11.07 -0.35 18.09
C ASN A 413 -11.35 1.11 18.41
N TRP A 414 -11.69 1.42 19.66
CA TRP A 414 -11.95 2.81 20.02
C TRP A 414 -10.66 3.64 20.04
N VAL A 415 -9.53 3.02 20.41
CA VAL A 415 -8.26 3.73 20.34
C VAL A 415 -7.94 4.11 18.90
N LYS A 416 -8.14 3.17 17.97
CA LYS A 416 -7.92 3.46 16.56
C LYS A 416 -8.92 4.50 16.06
N PHE A 417 -10.16 4.43 16.55
CA PHE A 417 -11.16 5.45 16.22
C PHE A 417 -10.66 6.84 16.59
N LYS A 418 -10.31 7.06 17.85
CA LYS A 418 -9.90 8.43 18.27
C LYS A 418 -8.70 8.89 17.44
N ALA A 419 -7.73 7.98 17.24
CA ALA A 419 -6.50 8.35 16.50
C ALA A 419 -6.86 8.75 15.06
N GLN A 420 -7.78 8.01 14.43
CA GLN A 420 -8.17 8.32 13.02
C GLN A 420 -8.84 9.70 12.96
N VAL A 421 -9.69 10.04 13.94
CA VAL A 421 -10.34 11.38 13.98
C VAL A 421 -9.25 12.44 14.14
N GLN A 422 -8.25 12.17 14.97
CA GLN A 422 -7.11 13.11 15.16
C GLN A 422 -6.38 13.30 13.82
N LEU A 423 -6.17 12.22 13.07
CA LEU A 423 -5.48 12.30 11.74
C LEU A 423 -6.34 13.13 10.79
N ASN A 424 -7.66 12.95 10.84
CA ASN A 424 -8.59 13.72 9.97
C ASN A 424 -8.45 15.20 10.31
N LYS A 425 -8.33 15.54 11.60
CA LYS A 425 -8.10 16.97 11.98
C LYS A 425 -6.86 17.53 11.25
N LYS A 426 -5.68 16.93 11.44
CA LYS A 426 -4.44 17.34 10.79
C LYS A 426 -4.61 17.47 9.28
N CYS A 427 -5.39 16.56 8.68
CA CYS A 427 -5.65 16.63 7.24
C CYS A 427 -6.46 17.88 6.90
N SER A 428 -7.49 18.17 7.71
CA SER A 428 -8.32 19.38 7.48
C SER A 428 -7.42 20.61 7.52
N ALA A 429 -6.62 20.75 8.58
CA ALA A 429 -5.74 21.94 8.75
C ALA A 429 -4.73 22.00 7.60
N VAL A 430 -4.21 20.85 7.17
CA VAL A 430 -3.23 20.81 6.03
C VAL A 430 -3.92 21.31 4.75
N LYS A 431 -5.14 20.83 4.47
CA LYS A 431 -5.86 21.23 3.24
C LYS A 431 -6.15 22.73 3.25
N HIS A 432 -6.46 23.30 4.42
CA HIS A 432 -6.81 24.75 4.52
C HIS A 432 -5.91 25.63 3.64
N ASN A 433 -6.46 26.26 2.60
CA ASN A 433 -5.71 27.21 1.74
C ASN A 433 -4.43 26.54 1.23
N ARG A 434 -4.51 25.25 0.85
CA ARG A 434 -3.30 24.51 0.41
C ARG A 434 -3.68 23.30 -0.44
N ILE A 435 -2.89 23.02 -1.49
CA ILE A 435 -3.14 21.86 -2.39
C ILE A 435 -2.15 20.76 -2.02
N LYS A 436 -2.64 19.58 -1.64
CA LYS A 436 -1.75 18.47 -1.20
C LYS A 436 -2.08 17.20 -1.99
N GLY A 437 -2.39 17.34 -3.28
CA GLY A 437 -2.81 16.16 -4.07
C GLY A 437 -1.75 15.08 -4.17
N ILE A 438 -0.48 15.45 -4.37
CA ILE A 438 0.60 14.43 -4.56
C ILE A 438 1.96 15.11 -4.34
N PRO A 439 3.01 14.49 -3.73
CA PRO A 439 4.28 15.20 -3.64
C PRO A 439 5.02 15.38 -4.99
N LYS A 440 4.60 14.64 -6.01
CA LYS A 440 5.30 14.71 -7.31
C LYS A 440 5.08 16.07 -7.98
N LEU A 441 4.03 16.78 -7.59
CA LEU A 441 3.74 18.07 -8.23
C LEU A 441 4.75 19.13 -7.79
N ASP A 442 5.27 19.89 -8.74
CA ASP A 442 6.21 20.98 -8.43
C ASP A 442 5.38 22.23 -8.14
N ASP A 443 5.14 22.49 -6.86
CA ASP A 443 4.28 23.63 -6.49
C ASP A 443 5.03 24.93 -6.81
N ALA A 444 4.39 25.81 -7.58
CA ALA A 444 5.00 27.10 -7.92
C ALA A 444 4.90 28.08 -6.74
N ASN A 445 5.63 29.18 -6.83
CA ASN A 445 5.59 30.21 -5.77
C ASN A 445 4.25 30.93 -5.76
N ASP A 446 3.67 31.18 -6.95
CA ASP A 446 2.40 31.93 -7.04
C ASP A 446 1.22 30.98 -7.25
N ALA A 447 1.43 29.68 -7.08
CA ALA A 447 0.35 28.72 -7.36
C ALA A 447 -0.62 28.77 -6.18
N GLY A 448 -1.74 29.45 -6.37
CA GLY A 448 -2.76 29.58 -5.31
C GLY A 448 -2.90 30.99 -4.77
N GLY A 449 -2.01 31.90 -5.17
CA GLY A 449 -2.03 33.26 -4.63
C GLY A 449 -2.39 34.27 -5.70
N ARG A 450 -1.68 35.41 -5.69
CA ARG A 450 -1.95 36.47 -6.69
C ARG A 450 -1.33 36.11 -8.04
N ASN A 451 -1.71 36.87 -9.07
CA ASN A 451 -1.19 36.64 -10.43
C ASN A 451 -1.52 35.23 -10.90
N SER A 452 -2.75 34.79 -10.66
CA SER A 452 -3.20 33.45 -11.09
C SER A 452 -3.18 33.34 -12.61
N THR A 453 -3.48 34.44 -13.30
CA THR A 453 -3.48 34.45 -14.78
C THR A 453 -2.06 34.21 -15.31
N GLU A 454 -1.04 34.69 -14.60
CA GLU A 454 0.35 34.55 -15.08
C GLU A 454 0.95 33.20 -14.69
N CYS A 455 0.25 32.43 -13.86
CA CYS A 455 0.77 31.10 -13.43
C CYS A 455 0.79 30.15 -14.63
N THR A 456 1.91 29.47 -14.82
CA THR A 456 2.06 28.56 -15.99
C THR A 456 2.18 27.13 -15.49
N LEU A 457 1.30 26.26 -15.98
CA LEU A 457 1.37 24.83 -15.61
C LEU A 457 1.97 24.06 -16.77
N ILE A 458 3.09 23.40 -16.51
CA ILE A 458 3.82 22.66 -17.57
C ILE A 458 3.53 21.16 -17.38
N LEU A 459 3.20 20.49 -18.47
CA LEU A 459 2.97 19.02 -18.42
C LEU A 459 4.14 18.35 -19.13
N THR A 460 4.82 17.46 -18.41
CA THR A 460 6.01 16.78 -18.98
C THR A 460 5.71 15.30 -19.10
N GLU A 461 5.84 14.76 -20.30
CA GLU A 461 5.60 13.32 -20.52
C GLU A 461 6.74 12.51 -19.91
N GLY A 462 6.43 11.27 -19.53
CA GLY A 462 7.48 10.41 -18.96
C GLY A 462 7.95 10.90 -17.60
N ASP A 463 9.17 10.53 -17.24
CA ASP A 463 9.72 10.93 -15.92
C ASP A 463 11.08 11.62 -16.05
N SER A 464 11.84 11.34 -17.11
CA SER A 464 13.15 12.03 -17.32
C SER A 464 12.92 13.51 -17.62
N ALA A 465 11.78 13.83 -18.24
CA ALA A 465 11.47 15.24 -18.55
C ALA A 465 11.37 16.05 -17.26
N LYS A 466 10.85 15.43 -16.19
CA LYS A 466 10.76 16.14 -14.89
C LYS A 466 12.17 16.50 -14.41
N THR A 467 13.10 15.56 -14.51
CA THR A 467 14.50 15.83 -14.09
C THR A 467 15.09 16.93 -14.98
N LEU A 468 14.81 16.86 -16.28
CA LEU A 468 15.36 17.88 -17.20
C LEU A 468 14.80 19.26 -16.83
N ALA A 469 13.50 19.32 -16.52
CA ALA A 469 12.88 20.61 -16.15
C ALA A 469 13.48 21.13 -14.83
N VAL A 470 13.67 20.24 -13.87
CA VAL A 470 14.25 20.66 -12.56
C VAL A 470 15.66 21.19 -12.81
N SER A 471 16.42 20.53 -13.67
CA SER A 471 17.81 20.95 -13.96
C SER A 471 17.84 22.26 -14.76
N GLY A 472 16.83 22.50 -15.60
CA GLY A 472 16.87 23.68 -16.47
C GLY A 472 16.24 24.93 -15.89
N LEU A 473 15.12 24.80 -15.18
CA LEU A 473 14.37 26.00 -14.71
C LEU A 473 15.11 26.68 -13.55
N GLY A 474 16.17 26.06 -13.03
CA GLY A 474 16.94 26.70 -11.95
C GLY A 474 17.59 28.00 -12.39
N VAL A 475 17.79 28.17 -13.69
CA VAL A 475 18.42 29.42 -14.21
C VAL A 475 17.32 30.45 -14.55
N VAL A 476 16.22 29.99 -15.13
CA VAL A 476 15.20 30.97 -15.59
C VAL A 476 14.40 31.51 -14.40
N GLY A 477 13.78 30.63 -13.63
CA GLY A 477 12.97 31.09 -12.50
C GLY A 477 12.11 29.98 -11.94
N ARG A 478 11.45 30.27 -10.81
CA ARG A 478 10.57 29.26 -10.18
C ARG A 478 9.21 29.84 -9.83
N ASP A 479 9.00 31.15 -10.03
CA ASP A 479 7.71 31.76 -9.58
C ASP A 479 6.53 31.35 -10.46
N LYS A 480 6.64 31.58 -11.77
CA LYS A 480 5.52 31.26 -12.68
C LYS A 480 5.84 29.98 -13.43
N TYR A 481 6.17 28.93 -12.68
CA TYR A 481 6.49 27.63 -13.31
C TYR A 481 6.04 26.50 -12.38
N GLY A 482 5.00 25.78 -12.78
CA GLY A 482 4.58 24.60 -12.01
C GLY A 482 4.66 23.38 -12.90
N VAL A 483 5.57 22.46 -12.61
CA VAL A 483 5.81 21.30 -13.50
C VAL A 483 5.09 20.07 -12.96
N PHE A 484 4.43 19.33 -13.85
CA PHE A 484 3.77 18.07 -13.43
C PHE A 484 4.16 16.98 -14.42
N PRO A 485 4.68 15.82 -13.96
CA PRO A 485 5.01 14.74 -14.86
C PRO A 485 3.76 13.99 -15.35
N LEU A 486 3.85 13.48 -16.57
CA LEU A 486 2.72 12.73 -17.16
C LEU A 486 3.03 11.23 -17.11
N ARG A 487 1.99 10.40 -17.04
CA ARG A 487 2.19 8.95 -16.96
C ARG A 487 2.21 8.32 -18.36
N GLY A 488 1.26 8.66 -19.23
CA GLY A 488 1.18 8.02 -20.54
C GLY A 488 -0.13 8.31 -21.23
N LYS A 489 -0.80 7.27 -21.69
CA LYS A 489 -2.08 7.46 -22.41
C LYS A 489 -3.12 8.10 -21.49
N ILE A 490 -3.99 8.92 -22.08
CA ILE A 490 -5.06 9.60 -21.29
C ILE A 490 -6.39 8.94 -21.62
N LEU A 491 -7.21 8.73 -20.58
CA LEU A 491 -8.53 8.11 -20.80
C LEU A 491 -9.39 9.01 -21.68
N ASN A 492 -10.03 8.40 -22.67
CA ASN A 492 -10.88 9.19 -23.59
C ASN A 492 -12.21 9.46 -22.87
N VAL A 493 -12.48 10.72 -22.57
CA VAL A 493 -13.72 11.06 -21.82
C VAL A 493 -14.87 11.33 -22.78
N ARG A 494 -14.59 11.45 -24.07
CA ARG A 494 -15.67 11.78 -25.02
C ARG A 494 -16.65 10.62 -25.13
N GLU A 495 -16.13 9.39 -25.10
CA GLU A 495 -16.99 8.19 -25.16
C GLU A 495 -16.63 7.29 -23.99
N ALA A 496 -17.26 7.54 -22.84
CA ALA A 496 -16.98 6.70 -21.66
C ALA A 496 -18.18 6.80 -20.71
N SER A 497 -18.39 5.77 -19.91
CA SER A 497 -19.50 5.78 -18.94
C SER A 497 -19.16 6.73 -17.78
N HIS A 498 -20.19 7.14 -17.05
CA HIS A 498 -19.97 8.07 -15.92
C HIS A 498 -19.07 7.39 -14.88
N LYS A 499 -19.25 6.09 -14.67
CA LYS A 499 -18.38 5.35 -13.72
C LYS A 499 -16.94 5.34 -14.24
N GLN A 500 -16.77 5.23 -15.56
CA GLN A 500 -15.41 5.17 -16.15
C GLN A 500 -14.68 6.50 -15.95
N ILE A 501 -15.41 7.61 -15.95
CA ILE A 501 -14.75 8.95 -15.83
C ILE A 501 -14.07 9.07 -14.47
N MET A 502 -14.66 8.49 -13.44
CA MET A 502 -14.12 8.66 -12.05
C MET A 502 -13.17 7.51 -11.69
N GLU A 503 -12.55 6.89 -12.67
CA GLU A 503 -11.65 5.74 -12.37
C GLU A 503 -10.19 6.21 -12.23
N ASN A 504 -9.67 6.92 -13.23
CA ASN A 504 -8.23 7.29 -13.18
C ASN A 504 -8.07 8.42 -12.16
N ALA A 505 -7.27 8.19 -11.14
CA ALA A 505 -7.04 9.20 -10.10
C ALA A 505 -6.27 10.39 -10.67
N GLU A 506 -5.37 10.14 -11.61
CA GLU A 506 -4.55 11.24 -12.17
C GLU A 506 -5.42 12.23 -12.94
N ILE A 507 -6.37 11.72 -13.72
CA ILE A 507 -7.27 12.62 -14.48
C ILE A 507 -8.07 13.47 -13.49
N ASN A 508 -8.54 12.85 -12.42
CA ASN A 508 -9.32 13.59 -11.39
C ASN A 508 -8.43 14.63 -10.72
N ASN A 509 -7.17 14.27 -10.46
CA ASN A 509 -6.22 15.21 -9.81
C ASN A 509 -5.87 16.37 -10.76
N ILE A 510 -5.99 16.16 -12.06
CA ILE A 510 -5.73 17.28 -13.00
C ILE A 510 -6.70 18.42 -12.71
N ILE A 511 -7.96 18.10 -12.44
CA ILE A 511 -8.95 19.16 -12.11
C ILE A 511 -8.55 19.83 -10.78
N LYS A 512 -8.15 19.03 -9.81
CA LYS A 512 -7.79 19.61 -8.48
C LYS A 512 -6.60 20.56 -8.66
N ILE A 513 -5.67 20.20 -9.53
CA ILE A 513 -4.52 21.11 -9.81
C ILE A 513 -5.00 22.36 -10.55
N VAL A 514 -5.88 22.20 -11.53
CA VAL A 514 -6.30 23.38 -12.32
C VAL A 514 -7.44 24.11 -11.61
N GLY A 515 -8.52 23.42 -11.30
CA GLY A 515 -9.68 24.07 -10.66
C GLY A 515 -10.88 24.15 -11.56
N LEU A 516 -10.98 23.23 -12.52
CA LEU A 516 -12.12 23.26 -13.48
C LEU A 516 -13.43 22.85 -12.80
N GLN A 517 -14.54 23.40 -13.31
CA GLN A 517 -15.87 23.01 -12.82
C GLN A 517 -16.73 22.70 -14.04
N TYR A 518 -17.30 21.49 -14.08
CA TYR A 518 -18.07 21.06 -15.27
C TYR A 518 -19.32 21.91 -15.47
N LYS A 519 -19.97 22.30 -14.38
CA LYS A 519 -21.27 23.02 -14.53
C LYS A 519 -21.05 24.53 -14.47
N LYS A 520 -19.85 25.00 -14.80
CA LYS A 520 -19.60 26.46 -14.83
C LYS A 520 -18.93 26.84 -16.14
N ASN A 521 -19.44 27.88 -16.79
CA ASN A 521 -18.87 28.35 -18.06
C ASN A 521 -17.72 29.31 -17.76
N TYR A 522 -16.54 29.01 -18.28
CA TYR A 522 -15.37 29.90 -18.06
C TYR A 522 -15.27 30.89 -19.23
N GLU A 523 -16.23 31.80 -19.33
CA GLU A 523 -16.24 32.77 -20.45
C GLU A 523 -15.66 34.12 -20.02
N ASP A 524 -16.04 34.61 -18.83
CA ASP A 524 -15.57 35.93 -18.36
C ASP A 524 -14.11 35.86 -17.90
N GLU A 525 -13.42 36.99 -17.95
CA GLU A 525 -11.99 37.03 -17.55
C GLU A 525 -11.87 36.67 -16.07
N ASP A 526 -12.85 37.03 -15.27
CA ASP A 526 -12.82 36.68 -13.82
C ASP A 526 -12.82 35.17 -13.66
N SER A 527 -13.58 34.47 -14.51
CA SER A 527 -13.60 32.99 -14.45
C SER A 527 -12.23 32.42 -14.78
N LEU A 528 -11.53 33.03 -15.74
CA LEU A 528 -10.14 32.58 -16.06
C LEU A 528 -9.22 32.89 -14.88
N LYS A 529 -9.39 34.05 -14.25
CA LYS A 529 -8.54 34.42 -13.10
C LYS A 529 -8.81 33.46 -11.93
N THR A 530 -10.03 32.96 -11.84
CA THR A 530 -10.40 32.04 -10.73
C THR A 530 -9.51 30.79 -10.78
N LEU A 531 -9.18 30.34 -11.99
CA LEU A 531 -8.34 29.12 -12.12
C LEU A 531 -6.96 29.36 -11.54
N ARG A 532 -6.35 28.29 -11.03
CA ARG A 532 -5.01 28.39 -10.40
C ARG A 532 -3.92 28.69 -11.44
N TYR A 533 -4.22 28.43 -12.71
CA TYR A 533 -3.21 28.68 -13.77
C TYR A 533 -3.86 29.41 -14.93
N GLY A 534 -3.05 30.06 -15.76
CA GLY A 534 -3.59 30.80 -16.91
C GLY A 534 -3.20 30.19 -18.23
N LYS A 535 -2.06 29.50 -18.27
CA LYS A 535 -1.57 28.91 -19.52
C LYS A 535 -1.09 27.49 -19.27
N ILE A 536 -1.34 26.61 -20.24
CA ILE A 536 -0.90 25.20 -20.12
C ILE A 536 0.10 24.94 -21.23
N MET A 537 1.33 24.59 -20.85
CA MET A 537 2.37 24.30 -21.85
C MET A 537 2.69 22.81 -21.77
N ILE A 538 2.52 22.11 -22.89
CA ILE A 538 2.86 20.67 -22.95
C ILE A 538 4.10 20.51 -23.82
N MET A 539 4.98 19.58 -23.42
CA MET A 539 6.21 19.33 -24.19
C MET A 539 6.36 17.84 -24.45
N THR A 540 6.73 17.49 -25.67
CA THR A 540 6.92 16.08 -26.05
C THR A 540 8.16 15.99 -26.93
N ASP A 541 8.50 14.78 -27.33
CA ASP A 541 9.65 14.57 -28.24
C ASP A 541 9.24 14.79 -29.69
N GLN A 542 10.21 14.76 -30.59
CA GLN A 542 9.92 14.95 -32.03
C GLN A 542 9.29 13.69 -32.62
N ASP A 543 9.18 12.63 -31.83
CA ASP A 543 8.55 11.38 -32.33
C ASP A 543 7.04 11.61 -32.46
N GLN A 544 6.34 10.62 -33.03
CA GLN A 544 4.90 10.77 -33.25
C GLN A 544 4.10 10.43 -31.99
N ASP A 545 4.75 9.90 -30.96
CA ASP A 545 4.01 9.45 -29.75
C ASP A 545 3.34 10.63 -29.04
N GLY A 546 4.02 11.77 -28.98
CA GLY A 546 3.45 12.94 -28.30
C GLY A 546 2.20 13.45 -28.98
N SER A 547 2.05 13.16 -30.27
CA SER A 547 0.84 13.62 -31.00
C SER A 547 -0.41 13.02 -30.36
N HIS A 548 -0.35 11.75 -29.99
CA HIS A 548 -1.53 11.09 -29.38
C HIS A 548 -1.84 11.75 -28.04
N ILE A 549 -0.81 12.04 -27.25
CA ILE A 549 -1.03 12.67 -25.92
C ILE A 549 -1.65 14.06 -26.12
N LYS A 550 -1.13 14.81 -27.09
CA LYS A 550 -1.65 16.17 -27.34
C LYS A 550 -3.11 16.08 -27.79
N GLY A 551 -3.41 15.12 -28.67
CA GLY A 551 -4.78 14.96 -29.14
C GLY A 551 -5.72 14.58 -28.02
N LEU A 552 -5.28 13.68 -27.14
CA LEU A 552 -6.13 13.27 -26.01
C LEU A 552 -6.35 14.46 -25.07
N LEU A 553 -5.31 15.28 -24.87
CA LEU A 553 -5.48 16.48 -24.01
C LEU A 553 -6.47 17.46 -24.65
N ILE A 554 -6.34 17.68 -25.96
CA ILE A 554 -7.27 18.63 -26.64
C ILE A 554 -8.69 18.06 -26.55
N ASN A 555 -8.83 16.75 -26.69
CA ASN A 555 -10.17 16.14 -26.57
C ASN A 555 -10.71 16.35 -25.15
N PHE A 556 -9.87 16.12 -24.15
CA PHE A 556 -10.33 16.25 -22.75
C PHE A 556 -10.76 17.68 -22.48
N ILE A 557 -10.01 18.64 -23.02
CA ILE A 557 -10.34 20.06 -22.75
C ILE A 557 -11.58 20.51 -23.55
N HIS A 558 -11.60 20.23 -24.85
CA HIS A 558 -12.71 20.75 -25.71
C HIS A 558 -14.03 20.04 -25.43
N HIS A 559 -13.98 18.82 -24.90
CA HIS A 559 -15.23 18.05 -24.71
C HIS A 559 -16.17 18.76 -23.73
N ASN A 560 -15.61 19.53 -22.80
CA ASN A 560 -16.47 20.19 -21.78
C ASN A 560 -16.27 21.70 -21.79
N TRP A 561 -15.10 22.17 -22.23
CA TRP A 561 -14.81 23.62 -22.24
C TRP A 561 -14.33 24.04 -23.62
N PRO A 562 -15.21 24.16 -24.62
CA PRO A 562 -14.79 24.67 -25.91
C PRO A 562 -14.37 26.15 -25.88
N SER A 563 -15.09 26.96 -25.11
CA SER A 563 -14.84 28.42 -25.13
C SER A 563 -13.43 28.77 -24.64
N LEU A 564 -12.77 27.85 -23.94
CA LEU A 564 -11.41 28.13 -23.42
C LEU A 564 -10.36 27.95 -24.53
N LEU A 565 -10.79 27.62 -25.73
CA LEU A 565 -9.84 27.40 -26.84
C LEU A 565 -9.59 28.71 -27.60
N ARG A 566 -9.95 29.85 -27.01
CA ARG A 566 -9.73 31.14 -27.71
C ARG A 566 -9.12 32.20 -26.79
N HIS A 567 -8.61 31.81 -25.63
CA HIS A 567 -8.11 32.81 -24.65
C HIS A 567 -6.64 32.57 -24.31
N ARG A 568 -5.84 32.08 -25.27
CA ARG A 568 -4.41 31.81 -25.03
C ARG A 568 -4.23 30.84 -23.87
N PHE A 569 -5.08 29.83 -23.79
CA PHE A 569 -5.02 28.86 -22.67
C PHE A 569 -3.99 27.76 -22.91
N LEU A 570 -3.72 27.42 -24.16
CA LEU A 570 -2.81 26.28 -24.46
C LEU A 570 -1.62 26.76 -25.29
N GLU A 571 -0.48 26.13 -25.07
CA GLU A 571 0.74 26.45 -25.87
C GLU A 571 1.56 25.18 -25.98
N GLU A 572 2.68 25.26 -26.69
CA GLU A 572 3.46 24.04 -26.97
C GLU A 572 4.95 24.30 -26.81
N PHE A 573 5.67 23.29 -26.33
CA PHE A 573 7.14 23.37 -26.24
C PHE A 573 7.71 22.25 -27.10
N ILE A 574 8.77 22.55 -27.84
CA ILE A 574 9.34 21.56 -28.79
C ILE A 574 10.79 21.32 -28.46
N THR A 575 11.33 20.25 -29.03
CA THR A 575 12.73 19.84 -28.76
C THR A 575 13.39 19.54 -30.09
N PRO A 576 14.74 19.53 -30.17
CA PRO A 576 15.40 19.11 -31.39
C PRO A 576 15.38 17.59 -31.58
N ILE A 577 15.68 17.16 -32.80
CA ILE A 577 15.70 15.71 -33.10
C ILE A 577 17.11 15.30 -33.54
N VAL A 578 17.87 16.26 -34.08
CA VAL A 578 19.22 15.94 -34.60
C VAL A 578 20.04 17.23 -34.65
N LYS A 579 21.35 17.11 -34.46
CA LYS A 579 22.22 18.29 -34.53
C LYS A 579 23.50 17.94 -35.28
N VAL A 580 23.96 18.87 -36.11
CA VAL A 580 25.25 18.67 -36.83
C VAL A 580 26.28 19.62 -36.24
N SER A 581 27.54 19.20 -36.24
CA SER A 581 28.62 20.02 -35.66
C SER A 581 29.91 19.81 -36.44
N LYS A 582 30.57 20.89 -36.82
CA LYS A 582 31.90 20.78 -37.47
C LYS A 582 32.59 22.12 -37.26
N ASN A 583 33.80 22.11 -36.68
CA ASN A 583 34.56 23.37 -36.44
C ASN A 583 33.74 24.33 -35.58
N LYS A 584 33.13 23.81 -34.50
CA LYS A 584 32.35 24.66 -33.56
C LYS A 584 31.22 25.38 -34.28
N GLN A 585 30.53 24.68 -35.18
CA GLN A 585 29.37 25.26 -35.89
C GLN A 585 28.20 24.29 -35.75
N GLU A 586 27.14 24.72 -35.07
CA GLU A 586 25.99 23.82 -34.82
C GLU A 586 24.78 24.33 -35.58
N MET A 587 23.92 23.41 -36.00
CA MET A 587 22.68 23.80 -36.71
C MET A 587 21.52 23.00 -36.12
N ALA A 588 20.39 23.67 -35.95
CA ALA A 588 19.23 23.00 -35.34
C ALA A 588 18.29 22.48 -36.42
N PHE A 589 17.76 21.27 -36.23
CA PHE A 589 16.78 20.72 -37.18
C PHE A 589 15.64 20.09 -36.38
N TYR A 590 14.40 20.42 -36.75
CA TYR A 590 13.24 19.93 -35.97
C TYR A 590 12.36 18.98 -36.78
N SER A 591 12.73 18.70 -38.03
CA SER A 591 11.86 17.85 -38.86
C SER A 591 12.72 16.95 -39.75
N LEU A 592 12.27 15.71 -39.99
CA LEU A 592 13.00 14.79 -40.90
C LEU A 592 12.94 15.32 -42.33
N PRO A 593 11.81 15.83 -42.86
CA PRO A 593 11.82 16.44 -44.19
C PRO A 593 12.75 17.66 -44.23
N GLU A 594 12.83 18.41 -43.13
CA GLU A 594 13.79 19.53 -43.08
C GLU A 594 15.22 19.01 -43.23
N PHE A 595 15.53 17.90 -42.55
CA PHE A 595 16.89 17.32 -42.66
C PHE A 595 17.14 16.82 -44.09
N GLU A 596 16.12 16.24 -44.70
CA GLU A 596 16.26 15.75 -46.09
C GLU A 596 16.50 16.94 -47.03
N GLU A 597 15.77 18.04 -46.83
CA GLU A 597 15.97 19.24 -47.68
C GLU A 597 17.36 19.80 -47.44
N TRP A 598 17.81 19.78 -46.19
CA TRP A 598 19.18 20.28 -45.88
C TRP A 598 20.22 19.42 -46.60
N LYS A 599 20.03 18.11 -46.60
CA LYS A 599 20.96 17.24 -47.33
C LYS A 599 20.88 17.52 -48.84
N SER A 600 19.68 17.71 -49.37
CA SER A 600 19.54 17.91 -50.83
C SER A 600 20.03 19.30 -51.24
N SER A 601 20.12 20.23 -50.30
CA SER A 601 20.50 21.63 -50.64
C SER A 601 21.95 21.96 -50.28
N THR A 602 22.62 21.11 -49.50
CA THR A 602 23.99 21.48 -49.04
C THR A 602 25.04 20.52 -49.62
N PRO A 603 26.21 20.96 -50.13
CA PRO A 603 27.15 20.03 -50.77
C PRO A 603 27.96 19.22 -49.75
N ASN A 604 27.70 19.42 -48.46
CA ASN A 604 28.54 18.74 -47.44
C ASN A 604 27.81 17.49 -46.94
N HIS A 605 28.33 16.31 -47.29
CA HIS A 605 27.74 15.04 -46.81
C HIS A 605 28.85 14.27 -46.08
N LYS A 606 28.59 13.83 -44.85
CA LYS A 606 29.61 13.16 -44.00
C LYS A 606 30.58 14.22 -43.47
N LYS A 607 30.62 15.40 -44.10
CA LYS A 607 31.51 16.50 -43.63
C LYS A 607 31.08 16.96 -42.23
N TRP A 608 29.77 17.10 -42.01
CA TRP A 608 29.26 17.56 -40.70
C TRP A 608 29.17 16.36 -39.75
N LYS A 609 29.59 16.51 -38.50
CA LYS A 609 29.42 15.38 -37.55
C LYS A 609 27.97 15.38 -37.09
N VAL A 610 27.27 14.27 -37.33
CA VAL A 610 25.82 14.21 -37.03
C VAL A 610 25.61 13.61 -35.65
N LYS A 611 24.57 14.06 -34.95
CA LYS A 611 24.23 13.45 -33.64
C LYS A 611 22.71 13.36 -33.55
N TYR A 612 22.19 12.14 -33.40
CA TYR A 612 20.73 11.94 -33.30
C TYR A 612 20.25 12.20 -31.88
N TYR A 613 18.98 12.59 -31.75
CA TYR A 613 18.36 12.81 -30.42
C TYR A 613 17.02 12.08 -30.39
N LYS A 614 17.06 10.78 -30.11
CA LYS A 614 15.82 9.96 -30.09
C LYS A 614 15.00 10.17 -28.81
N GLY A 615 15.68 10.30 -27.67
CA GLY A 615 14.95 10.38 -26.38
C GLY A 615 15.35 11.57 -25.55
N LEU A 616 15.08 11.52 -24.25
CA LEU A 616 15.40 12.65 -23.34
C LEU A 616 16.73 12.44 -22.63
N GLY A 617 17.17 11.19 -22.47
CA GLY A 617 18.41 10.91 -21.71
C GLY A 617 19.64 11.45 -22.40
N THR A 618 19.56 11.73 -23.69
CA THR A 618 20.71 12.26 -24.46
C THR A 618 21.04 13.70 -24.10
N SER A 619 20.01 14.53 -23.95
CA SER A 619 20.23 15.96 -23.66
C SER A 619 20.82 16.14 -22.26
N THR A 620 21.64 17.18 -22.10
CA THR A 620 22.29 17.45 -20.80
C THR A 620 21.81 18.81 -20.28
N SER A 621 22.27 19.18 -19.09
CA SER A 621 21.91 20.50 -18.51
C SER A 621 22.48 21.63 -19.35
N LYS A 622 23.68 21.46 -19.89
CA LYS A 622 24.30 22.51 -20.72
C LYS A 622 23.43 22.77 -21.95
N GLU A 623 22.85 21.71 -22.51
CA GLU A 623 21.91 21.88 -23.64
C GLU A 623 20.57 22.48 -23.18
N ALA A 624 20.11 22.09 -22.00
CA ALA A 624 18.83 22.64 -21.48
C ALA A 624 18.97 24.15 -21.26
N LYS A 625 20.16 24.60 -20.84
CA LYS A 625 20.35 26.06 -20.64
C LYS A 625 20.16 26.80 -21.97
N GLU A 626 20.73 26.27 -23.04
CA GLU A 626 20.54 26.88 -24.38
C GLU A 626 19.09 26.74 -24.82
N TYR A 627 18.45 25.64 -24.46
CA TYR A 627 17.04 25.43 -24.84
C TYR A 627 16.16 26.50 -24.19
N PHE A 628 16.42 26.80 -22.92
CA PHE A 628 15.61 27.81 -22.20
C PHE A 628 16.12 29.23 -22.49
N ALA A 629 17.29 29.36 -23.11
CA ALA A 629 17.83 30.70 -23.45
C ALA A 629 16.99 31.34 -24.55
N ASP A 630 16.29 30.53 -25.35
CA ASP A 630 15.48 31.08 -26.47
C ASP A 630 14.04 30.56 -26.31
N MET A 631 13.17 31.41 -25.76
CA MET A 631 11.75 31.02 -25.57
C MET A 631 10.94 31.27 -26.85
N LYS A 632 11.26 32.32 -27.59
CA LYS A 632 10.45 32.68 -28.78
C LYS A 632 10.56 31.62 -29.88
N ARG A 633 11.58 30.76 -29.81
CA ARG A 633 11.78 29.72 -30.84
C ARG A 633 10.99 28.45 -30.50
N HIS A 634 10.92 28.09 -29.22
CA HIS A 634 10.26 26.82 -28.82
C HIS A 634 8.86 27.06 -28.25
N ARG A 635 8.69 28.09 -27.44
CA ARG A 635 7.38 28.33 -26.81
C ARG A 635 6.46 28.90 -27.88
N ILE A 636 5.60 28.05 -28.43
CA ILE A 636 4.70 28.49 -29.53
C ILE A 636 3.27 28.26 -29.08
N GLN A 637 2.43 29.27 -29.28
CA GLN A 637 1.01 29.16 -28.88
C GLN A 637 0.20 28.54 -30.01
N PHE A 638 -1.12 28.57 -29.87
CA PHE A 638 -2.01 27.98 -30.89
C PHE A 638 -2.95 29.06 -31.41
N LYS A 639 -3.78 28.68 -32.38
CA LYS A 639 -4.79 29.63 -32.92
C LYS A 639 -6.04 28.86 -33.29
N TYR A 640 -7.21 29.45 -33.01
CA TYR A 640 -8.48 28.80 -33.38
C TYR A 640 -9.33 29.81 -34.16
N SER A 641 -9.78 29.40 -35.35
CA SER A 641 -10.62 30.29 -36.16
C SER A 641 -11.66 29.45 -36.90
N GLY A 642 -12.94 29.70 -36.64
CA GLY A 642 -14.01 28.96 -37.33
C GLY A 642 -14.31 27.66 -36.61
N PRO A 643 -15.59 27.24 -36.55
CA PRO A 643 -15.95 25.99 -35.91
C PRO A 643 -15.56 24.75 -36.73
N GLU A 644 -15.20 24.93 -37.99
CA GLU A 644 -14.90 23.77 -38.88
C GLU A 644 -13.77 22.94 -38.28
N ASP A 645 -12.79 23.58 -37.65
CA ASP A 645 -11.66 22.84 -37.06
C ASP A 645 -12.18 21.83 -36.04
N ASP A 646 -13.23 22.19 -35.31
CA ASP A 646 -13.79 21.27 -34.29
C ASP A 646 -14.19 19.95 -34.96
N ALA A 647 -14.71 20.03 -36.18
CA ALA A 647 -15.08 18.78 -36.88
C ALA A 647 -13.83 17.91 -37.02
N ALA A 648 -12.70 18.50 -37.41
CA ALA A 648 -11.44 17.73 -37.49
C ALA A 648 -11.07 17.22 -36.09
N ILE A 649 -11.31 18.04 -35.07
CA ILE A 649 -11.01 17.62 -33.68
C ILE A 649 -11.86 16.38 -33.39
N SER A 650 -13.08 16.35 -33.90
CA SER A 650 -13.96 15.17 -33.71
C SER A 650 -13.61 14.05 -34.69
N LEU A 651 -12.92 14.38 -35.79
CA LEU A 651 -12.70 13.35 -36.83
C LEU A 651 -11.91 12.18 -36.25
N ALA A 652 -10.87 12.47 -35.48
CA ALA A 652 -10.03 11.40 -34.91
C ALA A 652 -10.62 10.90 -33.59
N PHE A 653 -11.78 11.42 -33.20
CA PHE A 653 -12.35 11.00 -31.89
C PHE A 653 -13.85 10.73 -31.97
N SER A 654 -14.36 10.31 -33.11
CA SER A 654 -15.81 10.02 -33.26
C SER A 654 -15.99 8.56 -33.62
N LYS A 655 -16.84 7.86 -32.87
CA LYS A 655 -17.09 6.43 -33.17
C LYS A 655 -18.08 6.27 -34.32
N LYS A 656 -18.63 7.38 -34.81
CA LYS A 656 -19.60 7.31 -35.93
C LYS A 656 -18.96 7.76 -37.24
N GLN A 657 -17.67 8.10 -37.23
CA GLN A 657 -16.99 8.62 -38.44
C GLN A 657 -15.88 7.67 -38.87
N ILE A 658 -16.12 6.37 -38.78
CA ILE A 658 -15.07 5.38 -39.13
C ILE A 658 -14.76 5.47 -40.63
N ASP A 659 -15.79 5.53 -41.45
CA ASP A 659 -15.59 5.61 -42.92
C ASP A 659 -14.89 6.91 -43.28
N ASP A 660 -15.18 7.99 -42.56
CA ASP A 660 -14.51 9.28 -42.83
C ASP A 660 -13.01 9.13 -42.58
N ARG A 661 -12.63 8.50 -41.48
CA ARG A 661 -11.20 8.27 -41.19
C ARG A 661 -10.61 7.36 -42.25
N LYS A 662 -11.39 6.39 -42.71
CA LYS A 662 -10.88 5.48 -43.76
C LYS A 662 -10.56 6.28 -45.01
N GLU A 663 -11.47 7.16 -45.41
CA GLU A 663 -11.23 8.00 -46.61
C GLU A 663 -10.03 8.92 -46.36
N TRP A 664 -9.90 9.41 -45.14
CA TRP A 664 -8.78 10.33 -44.82
C TRP A 664 -7.44 9.60 -44.97
N LEU A 665 -7.34 8.40 -44.40
CA LEU A 665 -6.08 7.62 -44.52
C LEU A 665 -5.86 7.27 -45.99
N THR A 666 -6.92 6.94 -46.71
CA THR A 666 -6.78 6.55 -48.14
C THR A 666 -6.25 7.74 -48.93
N ASN A 667 -6.78 8.93 -48.68
CA ASN A 667 -6.33 10.14 -49.41
C ASN A 667 -4.86 10.38 -49.09
N PHE A 668 -4.48 10.23 -47.81
CA PHE A 668 -3.08 10.50 -47.44
C PHE A 668 -2.15 9.48 -48.11
N MET A 669 -2.56 8.22 -48.11
CA MET A 669 -1.70 7.17 -48.71
C MET A 669 -1.56 7.42 -50.22
N GLU A 670 -2.66 7.81 -50.87
CA GLU A 670 -2.60 8.09 -52.32
C GLU A 670 -1.68 9.29 -52.58
N ASP A 671 -1.80 10.32 -51.75
CA ASP A 671 -0.94 11.51 -51.94
C ASP A 671 0.53 11.14 -51.75
N ARG A 672 0.81 10.33 -50.73
CA ARG A 672 2.21 9.94 -50.46
C ARG A 672 2.74 9.10 -51.63
N ARG A 673 1.91 8.19 -52.14
CA ARG A 673 2.35 7.34 -53.26
C ARG A 673 2.63 8.22 -54.48
N GLN A 674 1.75 9.18 -54.75
CA GLN A 674 1.95 10.06 -55.93
C GLN A 674 3.21 10.91 -55.75
N ARG A 675 3.43 11.43 -54.55
CA ARG A 675 4.60 12.29 -54.31
C ARG A 675 5.89 11.48 -54.44
N LYS A 676 5.87 10.24 -53.94
CA LYS A 676 7.08 9.38 -54.05
C LYS A 676 7.32 9.00 -55.52
N LEU A 677 6.25 8.74 -56.26
CA LEU A 677 6.42 8.40 -57.70
C LEU A 677 6.96 9.60 -58.48
N LEU A 678 6.42 10.80 -58.18
CA LEU A 678 6.87 12.01 -58.92
C LEU A 678 8.20 12.54 -58.36
N GLY A 679 8.59 12.08 -57.17
CA GLY A 679 9.87 12.51 -56.58
C GLY A 679 9.82 13.92 -55.98
N LEU A 680 8.62 14.51 -55.91
CA LEU A 680 8.50 15.85 -55.30
C LEU A 680 8.62 15.72 -53.78
N PRO A 681 9.40 16.60 -53.11
CA PRO A 681 9.50 16.55 -51.66
C PRO A 681 8.19 16.97 -50.99
N GLU A 682 7.89 16.35 -49.85
CA GLU A 682 6.64 16.65 -49.13
C GLU A 682 6.78 17.95 -48.33
N ASP A 683 5.71 18.32 -47.63
CA ASP A 683 5.72 19.56 -46.83
C ASP A 683 5.96 19.20 -45.35
N TYR A 684 6.53 20.14 -44.61
CA TYR A 684 6.79 19.92 -43.17
C TYR A 684 6.54 21.23 -42.42
N LEU A 685 6.48 21.13 -41.10
CA LEU A 685 6.24 22.33 -40.27
C LEU A 685 7.52 22.73 -39.54
N TYR A 686 7.45 23.84 -38.80
CA TYR A 686 8.60 24.33 -37.98
C TYR A 686 9.77 24.70 -38.89
N GLY A 687 9.51 25.07 -40.14
CA GLY A 687 10.62 25.53 -41.00
C GLY A 687 11.23 26.82 -40.50
N GLN A 688 10.39 27.79 -40.16
CA GLN A 688 10.87 29.08 -39.62
C GLN A 688 10.16 29.30 -38.29
N THR A 689 10.43 30.42 -37.65
CA THR A 689 9.78 30.72 -36.36
C THR A 689 8.28 30.96 -36.57
N THR A 690 7.47 30.47 -35.63
CA THR A 690 6.01 30.69 -35.73
C THR A 690 5.49 31.12 -34.35
N THR A 691 4.48 31.98 -34.34
CA THR A 691 3.90 32.44 -33.06
C THR A 691 2.70 31.56 -32.67
N TYR A 692 1.87 31.21 -33.64
CA TYR A 692 0.64 30.43 -33.34
C TYR A 692 0.71 29.12 -34.12
N LEU A 693 -0.35 28.33 -33.98
CA LEU A 693 -0.43 27.07 -34.75
C LEU A 693 -1.90 26.74 -34.97
N THR A 694 -2.31 26.67 -36.23
CA THR A 694 -3.71 26.36 -36.53
C THR A 694 -4.00 24.88 -36.23
N TYR A 695 -5.23 24.60 -35.80
CA TYR A 695 -5.61 23.21 -35.47
C TYR A 695 -5.77 22.38 -36.73
N ASN A 696 -6.23 22.99 -37.83
CA ASN A 696 -6.50 22.19 -39.04
C ASN A 696 -5.21 21.55 -39.54
N ASP A 697 -4.17 22.35 -39.69
CA ASP A 697 -2.86 21.80 -40.14
C ASP A 697 -2.31 20.88 -39.04
N PHE A 698 -2.58 21.23 -37.79
CA PHE A 698 -2.06 20.40 -36.67
C PHE A 698 -2.60 18.98 -36.80
N ILE A 699 -3.89 18.85 -37.09
CA ILE A 699 -4.49 17.51 -37.26
C ILE A 699 -4.07 16.88 -38.57
N ASN A 700 -4.02 17.67 -39.64
CA ASN A 700 -3.77 17.11 -40.99
C ASN A 700 -2.29 16.80 -41.24
N LYS A 701 -1.40 17.25 -40.37
CA LYS A 701 0.05 17.07 -40.67
C LYS A 701 0.78 16.25 -39.61
N GLU A 702 0.48 16.45 -38.34
CA GLU A 702 1.31 15.80 -37.29
C GLU A 702 0.68 14.49 -36.78
N LEU A 703 -0.59 14.51 -36.40
CA LEU A 703 -1.23 13.29 -35.86
C LEU A 703 -1.33 12.24 -36.97
N ILE A 704 -1.47 12.69 -38.20
CA ILE A 704 -1.61 11.73 -39.34
C ILE A 704 -0.33 10.89 -39.44
N LEU A 705 0.82 11.47 -39.13
CA LEU A 705 2.07 10.68 -39.15
C LEU A 705 2.02 9.59 -38.08
N PHE A 706 1.51 9.91 -36.90
CA PHE A 706 1.38 8.88 -35.85
C PHE A 706 0.40 7.80 -36.30
N SER A 707 -0.69 8.20 -36.93
CA SER A 707 -1.67 7.21 -37.42
C SER A 707 -1.01 6.27 -38.44
N ASN A 708 -0.26 6.85 -39.38
CA ASN A 708 0.40 6.03 -40.42
C ASN A 708 1.42 5.10 -39.76
N SER A 709 2.20 5.61 -38.82
CA SER A 709 3.24 4.78 -38.17
C SER A 709 2.59 3.65 -37.37
N ASP A 710 1.54 3.96 -36.64
CA ASP A 710 0.84 2.92 -35.83
C ASP A 710 0.27 1.86 -36.76
N ASN A 711 -0.30 2.29 -37.88
CA ASN A 711 -0.88 1.32 -38.84
C ASN A 711 0.22 0.45 -39.45
N GLU A 712 1.37 1.05 -39.75
CA GLU A 712 2.49 0.29 -40.35
C GLU A 712 3.07 -0.70 -39.33
N ARG A 713 3.09 -0.34 -38.05
CA ARG A 713 3.72 -1.22 -37.06
C ARG A 713 2.72 -2.19 -36.42
N SER A 714 1.42 -1.97 -36.59
CA SER A 714 0.43 -2.83 -35.87
C SER A 714 0.09 -4.09 -36.65
N ILE A 715 -0.20 -3.95 -37.94
CA ILE A 715 -0.67 -5.13 -38.74
C ILE A 715 0.45 -5.55 -39.67
N PRO A 716 0.78 -6.85 -39.73
CA PRO A 716 1.80 -7.31 -40.64
C PRO A 716 1.32 -7.34 -42.09
N SER A 717 2.26 -7.56 -43.01
CA SER A 717 1.93 -7.61 -44.45
C SER A 717 1.43 -9.00 -44.84
N MET A 718 1.00 -9.14 -46.09
CA MET A 718 0.50 -10.44 -46.57
C MET A 718 1.66 -11.29 -47.13
N VAL A 719 2.80 -10.68 -47.42
CA VAL A 719 3.89 -11.48 -48.06
C VAL A 719 4.49 -12.44 -47.05
N ASP A 720 4.92 -11.93 -45.89
CA ASP A 720 5.58 -12.78 -44.88
C ASP A 720 4.72 -12.92 -43.63
N GLY A 721 3.80 -11.98 -43.39
CA GLY A 721 2.98 -12.01 -42.17
C GLY A 721 3.79 -11.85 -40.90
N LEU A 722 4.75 -10.94 -40.92
CA LEU A 722 5.58 -10.69 -39.72
C LEU A 722 5.56 -9.20 -39.40
N LYS A 723 5.33 -8.87 -38.13
CA LYS A 723 5.33 -7.46 -37.70
C LYS A 723 6.77 -6.95 -37.63
N PRO A 724 6.98 -5.62 -37.63
CA PRO A 724 8.33 -5.07 -37.62
C PRO A 724 9.14 -5.53 -36.40
N GLY A 725 8.51 -5.65 -35.24
CA GLY A 725 9.25 -6.15 -34.08
C GLY A 725 9.70 -7.58 -34.26
N GLN A 726 8.82 -8.45 -34.72
CA GLN A 726 9.20 -9.85 -35.00
C GLN A 726 10.28 -9.85 -36.08
N ARG A 727 10.14 -8.96 -37.06
CA ARG A 727 11.12 -8.91 -38.17
C ARG A 727 12.50 -8.56 -37.61
N LYS A 728 12.58 -7.57 -36.74
CA LYS A 728 13.88 -7.15 -36.18
C LYS A 728 14.45 -8.30 -35.34
N VAL A 729 13.60 -8.94 -34.54
CA VAL A 729 14.11 -10.01 -33.66
C VAL A 729 14.67 -11.14 -34.51
N LEU A 730 13.92 -11.53 -35.55
CA LEU A 730 14.36 -12.68 -36.37
C LEU A 730 15.62 -12.32 -37.15
N PHE A 731 15.72 -11.07 -37.63
CA PHE A 731 16.94 -10.66 -38.35
C PHE A 731 18.16 -10.70 -37.41
N THR A 732 17.98 -10.22 -36.20
CA THR A 732 19.11 -10.24 -35.23
C THR A 732 19.49 -11.68 -34.93
N CYS A 733 18.48 -12.55 -34.83
CA CYS A 733 18.77 -13.98 -34.57
C CYS A 733 19.53 -14.58 -35.77
N PHE A 734 19.15 -14.20 -36.98
CA PHE A 734 19.84 -14.69 -38.18
C PHE A 734 21.27 -14.17 -38.21
N LYS A 735 21.52 -13.01 -37.62
CA LYS A 735 22.87 -12.41 -37.66
C LYS A 735 23.86 -13.36 -37.00
N ARG A 736 23.43 -14.04 -35.93
CA ARG A 736 24.33 -14.97 -35.20
C ARG A 736 23.93 -16.42 -35.48
N ASN A 737 24.66 -17.36 -34.87
CA ASN A 737 24.36 -18.80 -35.05
C ASN A 737 23.54 -19.34 -33.88
N ASP A 738 23.93 -18.99 -32.65
CA ASP A 738 23.20 -19.44 -31.44
C ASP A 738 23.11 -20.96 -31.37
N LYS A 739 24.25 -21.64 -31.34
CA LYS A 739 24.25 -23.11 -31.18
C LYS A 739 23.75 -23.49 -29.79
N ARG A 740 24.14 -22.73 -28.77
CA ARG A 740 23.70 -23.00 -27.38
C ARG A 740 22.50 -22.13 -27.05
N GLU A 741 22.07 -22.17 -25.78
CA GLU A 741 20.94 -21.35 -25.33
C GLU A 741 21.40 -19.90 -25.10
N VAL A 742 20.43 -19.02 -24.89
CA VAL A 742 20.75 -17.59 -24.65
C VAL A 742 19.63 -16.99 -23.80
N LYS A 743 19.96 -15.95 -23.03
CA LYS A 743 18.94 -15.28 -22.20
C LYS A 743 18.08 -14.34 -23.03
N VAL A 744 16.86 -14.12 -22.58
CA VAL A 744 15.93 -13.21 -23.31
C VAL A 744 16.33 -11.75 -23.08
N ALA A 745 16.60 -11.39 -21.83
CA ALA A 745 16.95 -9.99 -21.53
C ALA A 745 18.26 -9.63 -22.22
N GLN A 746 19.21 -10.56 -22.24
CA GLN A 746 20.51 -10.31 -22.92
C GLN A 746 20.28 -10.17 -24.43
N LEU A 747 19.38 -10.97 -25.00
CA LEU A 747 19.12 -10.92 -26.45
C LEU A 747 18.40 -9.62 -26.82
N ALA A 748 17.56 -9.12 -25.93
CA ALA A 748 16.78 -7.90 -26.25
C ALA A 748 17.73 -6.72 -26.50
N GLY A 749 18.77 -6.59 -25.68
CA GLY A 749 19.73 -5.49 -25.88
C GLY A 749 20.45 -5.63 -27.20
N SER A 750 20.84 -6.86 -27.55
CA SER A 750 21.54 -7.08 -28.84
C SER A 750 20.60 -6.77 -30.00
N VAL A 751 19.32 -7.11 -29.85
CA VAL A 751 18.35 -6.77 -30.93
C VAL A 751 18.22 -5.25 -31.05
N ALA A 752 18.10 -4.56 -29.92
CA ALA A 752 17.91 -3.10 -29.95
C ALA A 752 19.16 -2.41 -30.50
N GLU A 753 20.33 -2.98 -30.24
CA GLU A 753 21.59 -2.33 -30.65
C GLU A 753 21.72 -2.31 -32.18
N MET A 754 21.35 -3.41 -32.85
CA MET A 754 21.58 -3.49 -34.32
C MET A 754 20.34 -3.12 -35.12
N SER A 755 19.14 -3.33 -34.58
CA SER A 755 17.90 -3.10 -35.37
C SER A 755 17.39 -1.67 -35.22
N SER A 756 18.13 -0.81 -34.53
CA SER A 756 17.70 0.60 -34.32
C SER A 756 16.32 0.64 -33.65
N TYR A 757 16.16 -0.14 -32.58
CA TYR A 757 14.86 -0.20 -31.86
C TYR A 757 14.79 0.98 -30.89
N HIS A 758 13.71 1.74 -30.98
CA HIS A 758 13.55 2.94 -30.13
C HIS A 758 12.17 2.94 -29.48
N HIS A 759 11.78 1.80 -28.91
CA HIS A 759 10.47 1.69 -28.26
C HIS A 759 10.64 1.05 -26.87
N GLY A 760 11.64 1.49 -26.12
CA GLY A 760 11.84 0.95 -24.76
C GLY A 760 12.41 -0.44 -24.79
N GLU A 761 12.17 -1.22 -23.74
CA GLU A 761 12.67 -2.62 -23.70
C GLU A 761 11.54 -3.57 -23.39
N MET A 762 10.50 -3.09 -22.72
CA MET A 762 9.40 -4.01 -22.29
C MET A 762 8.65 -4.55 -23.49
N SER A 763 8.40 -3.72 -24.49
CA SER A 763 7.62 -4.16 -25.66
C SER A 763 8.38 -5.26 -26.42
N LEU A 764 9.69 -5.08 -26.56
CA LEU A 764 10.50 -6.09 -27.30
C LEU A 764 10.47 -7.42 -26.54
N MET A 765 10.63 -7.37 -25.22
CA MET A 765 10.60 -8.61 -24.41
C MET A 765 9.22 -9.26 -24.50
N MET A 766 8.18 -8.44 -24.50
CA MET A 766 6.80 -8.98 -24.63
C MET A 766 6.64 -9.67 -26.00
N THR A 767 7.17 -9.04 -27.05
CA THR A 767 7.08 -9.66 -28.39
C THR A 767 7.85 -10.98 -28.40
N ILE A 768 9.00 -11.01 -27.76
CA ILE A 768 9.79 -12.28 -27.71
C ILE A 768 8.97 -13.34 -26.97
N ILE A 769 8.32 -12.94 -25.88
CA ILE A 769 7.50 -13.92 -25.11
C ILE A 769 6.36 -14.44 -25.98
N ASN A 770 5.72 -13.55 -26.73
CA ASN A 770 4.61 -13.97 -27.61
C ASN A 770 5.16 -14.93 -28.68
N LEU A 771 6.36 -14.67 -29.19
CA LEU A 771 6.98 -15.59 -30.17
C LEU A 771 7.31 -16.92 -29.49
N ALA A 772 7.59 -16.90 -28.19
CA ALA A 772 7.97 -18.14 -27.47
C ALA A 772 6.77 -19.01 -27.12
N GLN A 773 5.57 -18.41 -27.06
CA GLN A 773 4.39 -19.19 -26.63
C GLN A 773 4.03 -20.21 -27.71
N ASN A 774 3.87 -21.47 -27.32
CA ASN A 774 3.51 -22.52 -28.30
C ASN A 774 2.48 -23.50 -27.74
N PHE A 775 1.78 -23.11 -26.68
CA PHE A 775 0.83 -24.05 -26.05
C PHE A 775 -0.43 -24.18 -26.91
N VAL A 776 -1.29 -25.11 -26.54
CA VAL A 776 -2.50 -25.37 -27.36
C VAL A 776 -3.41 -24.14 -27.35
N GLY A 777 -3.83 -23.71 -28.54
CA GLY A 777 -4.72 -22.53 -28.64
C GLY A 777 -3.99 -21.21 -28.82
N SER A 778 -2.67 -21.24 -28.92
CA SER A 778 -1.90 -19.98 -29.08
C SER A 778 -1.22 -19.93 -30.44
N ASN A 779 -0.44 -20.96 -30.77
CA ASN A 779 0.31 -20.97 -32.05
C ASN A 779 0.38 -22.40 -32.57
N ASN A 780 0.89 -22.56 -33.78
CA ASN A 780 1.05 -23.93 -34.35
C ASN A 780 2.49 -24.22 -34.75
N LEU A 781 3.29 -23.18 -34.99
CA LEU A 781 4.71 -23.39 -35.34
C LEU A 781 5.51 -22.19 -34.87
N ASN A 782 6.37 -22.40 -33.89
CA ASN A 782 7.16 -21.27 -33.33
C ASN A 782 8.55 -21.22 -33.95
N LEU A 783 9.28 -20.15 -33.67
CA LEU A 783 10.67 -20.03 -34.16
C LEU A 783 11.67 -20.24 -33.02
N LEU A 784 11.20 -20.62 -31.84
CA LEU A 784 12.10 -20.82 -30.69
C LEU A 784 11.84 -22.19 -30.04
N GLN A 785 12.48 -22.44 -28.91
CA GLN A 785 12.27 -23.73 -28.20
C GLN A 785 11.81 -23.42 -26.78
N PRO A 786 10.82 -24.15 -26.24
CA PRO A 786 10.34 -23.85 -24.90
C PRO A 786 11.36 -24.27 -23.83
N ILE A 787 11.98 -23.26 -23.20
CA ILE A 787 12.94 -23.55 -22.10
C ILE A 787 12.49 -22.71 -20.90
N GLY A 788 11.90 -23.37 -19.90
CA GLY A 788 11.41 -22.65 -18.73
C GLY A 788 9.90 -22.55 -18.67
N GLN A 789 9.41 -21.65 -17.82
CA GLN A 789 7.94 -21.49 -17.68
C GLN A 789 7.52 -20.31 -18.55
N PHE A 790 6.96 -20.60 -19.72
CA PHE A 790 6.54 -19.53 -20.65
C PHE A 790 5.05 -19.24 -20.48
N GLY A 791 4.50 -19.58 -19.32
CA GLY A 791 3.07 -19.35 -19.09
C GLY A 791 2.28 -20.60 -19.43
N THR A 792 1.42 -21.02 -18.51
CA THR A 792 0.63 -22.26 -18.74
C THR A 792 -0.72 -21.92 -19.35
N ARG A 793 -1.50 -22.95 -19.67
CA ARG A 793 -2.83 -22.75 -20.29
C ARG A 793 -3.90 -22.63 -19.21
N LEU A 794 -3.50 -22.33 -17.97
CA LEU A 794 -4.48 -22.29 -16.86
C LEU A 794 -4.91 -20.86 -16.55
N HIS A 795 -3.96 -19.97 -16.31
CA HIS A 795 -4.32 -18.60 -15.85
C HIS A 795 -3.86 -17.56 -16.85
N GLY A 796 -4.64 -17.34 -17.91
CA GLY A 796 -4.38 -16.23 -18.84
C GLY A 796 -3.18 -16.42 -19.76
N GLY A 797 -2.29 -17.35 -19.42
CA GLY A 797 -1.08 -17.54 -20.23
C GLY A 797 -0.08 -16.40 -20.10
N LYS A 798 -0.36 -15.42 -19.24
CA LYS A 798 0.53 -14.24 -19.08
C LYS A 798 1.18 -14.28 -17.69
N ASP A 799 1.25 -15.46 -17.08
CA ASP A 799 1.83 -15.61 -15.72
C ASP A 799 3.28 -16.09 -15.82
N SER A 800 3.96 -15.75 -16.91
CA SER A 800 5.37 -16.18 -17.08
C SER A 800 6.29 -15.41 -16.14
N ALA A 801 7.52 -15.89 -16.02
CA ALA A 801 8.49 -15.26 -15.10
C ALA A 801 9.22 -14.10 -15.79
N SER A 802 10.24 -13.56 -15.13
CA SER A 802 11.04 -12.46 -15.72
C SER A 802 11.78 -12.98 -16.96
N PRO A 803 12.04 -12.13 -17.97
CA PRO A 803 12.78 -12.55 -19.14
C PRO A 803 14.17 -13.09 -18.80
N ARG A 804 14.76 -12.60 -17.70
CA ARG A 804 16.08 -13.15 -17.26
C ARG A 804 15.90 -14.48 -16.52
N TYR A 805 14.75 -14.70 -15.91
CA TYR A 805 14.51 -16.02 -15.26
C TYR A 805 14.49 -17.11 -16.33
N ILE A 806 13.88 -16.80 -17.48
CA ILE A 806 13.69 -17.84 -18.53
C ILE A 806 14.82 -17.80 -19.55
N PHE A 807 15.03 -18.93 -20.22
CA PHE A 807 16.05 -19.02 -21.29
C PHE A 807 15.34 -19.31 -22.61
N THR A 808 16.07 -19.19 -23.71
CA THR A 808 15.49 -19.44 -25.03
C THR A 808 16.55 -20.01 -25.97
N MET A 809 16.10 -20.58 -27.09
CA MET A 809 17.04 -21.14 -28.08
C MET A 809 16.33 -21.15 -29.44
N LEU A 810 17.08 -20.87 -30.50
CA LEU A 810 16.49 -20.83 -31.85
C LEU A 810 16.06 -22.23 -32.29
N SER A 811 14.95 -22.30 -33.02
CA SER A 811 14.45 -23.59 -33.51
C SER A 811 15.22 -24.03 -34.75
N SER A 812 14.97 -25.26 -35.20
CA SER A 812 15.67 -25.80 -36.40
C SER A 812 14.85 -25.55 -37.68
N LEU A 813 13.59 -25.17 -37.56
CA LEU A 813 12.73 -24.95 -38.75
C LEU A 813 13.10 -23.65 -39.48
N ALA A 814 13.65 -22.66 -38.78
CA ALA A 814 13.93 -21.35 -39.41
C ALA A 814 14.95 -21.49 -40.54
N ARG A 815 15.85 -22.46 -40.43
CA ARG A 815 16.88 -22.65 -41.48
C ARG A 815 16.21 -23.03 -42.80
N LEU A 816 15.16 -23.83 -42.75
CA LEU A 816 14.46 -24.25 -44.00
C LEU A 816 13.41 -23.23 -44.43
N LEU A 817 12.81 -22.51 -43.47
CA LEU A 817 11.79 -21.50 -43.84
C LEU A 817 12.42 -20.35 -44.61
N PHE A 818 13.55 -19.83 -44.11
CA PHE A 818 14.23 -18.70 -44.78
C PHE A 818 15.62 -19.18 -45.19
N PRO A 819 15.78 -19.70 -46.41
CA PRO A 819 17.10 -20.10 -46.87
C PRO A 819 18.04 -18.90 -46.95
N PRO A 820 19.32 -19.06 -46.57
CA PRO A 820 20.27 -17.95 -46.62
C PRO A 820 20.46 -17.40 -48.04
N LYS A 821 20.30 -18.23 -49.06
CA LYS A 821 20.56 -17.80 -50.45
C LYS A 821 19.59 -16.69 -50.87
N ASP A 822 18.52 -16.46 -50.10
CA ASP A 822 17.54 -15.40 -50.41
C ASP A 822 18.03 -14.02 -49.95
N ASP A 823 19.19 -13.95 -49.33
CA ASP A 823 19.73 -12.65 -48.84
C ASP A 823 20.03 -11.71 -50.03
N HIS A 824 20.32 -12.27 -51.21
CA HIS A 824 20.67 -11.43 -52.37
C HIS A 824 19.42 -11.05 -53.17
N THR A 825 18.23 -11.39 -52.68
CA THR A 825 17.01 -11.12 -53.45
C THR A 825 16.43 -9.76 -53.06
N LEU A 826 16.22 -9.52 -51.77
CA LEU A 826 15.57 -8.25 -51.36
C LEU A 826 16.61 -7.15 -51.13
N LYS A 827 16.17 -5.91 -51.28
CA LYS A 827 17.08 -4.76 -51.08
C LYS A 827 16.89 -4.24 -49.66
N PHE A 828 17.97 -4.19 -48.89
CA PHE A 828 17.88 -3.73 -47.49
C PHE A 828 17.81 -2.21 -47.42
N LEU A 829 17.28 -1.70 -46.31
CA LEU A 829 17.25 -0.24 -46.10
C LEU A 829 18.62 0.26 -45.67
N TYR A 830 18.82 1.57 -45.75
CA TYR A 830 20.12 2.18 -45.38
C TYR A 830 19.87 3.22 -44.30
N ASP A 831 19.92 2.78 -43.03
CA ASP A 831 19.76 3.70 -41.90
C ASP A 831 21.08 3.77 -41.13
N ASP A 832 21.58 4.97 -40.86
CA ASP A 832 22.87 5.15 -40.14
C ASP A 832 24.00 4.50 -40.95
N ASN A 833 23.84 4.45 -42.28
CA ASN A 833 24.86 3.82 -43.16
C ASN A 833 25.12 2.39 -42.69
N GLN A 834 24.06 1.69 -42.27
CA GLN A 834 24.23 0.33 -41.71
C GLN A 834 23.31 -0.63 -42.45
N ARG A 835 23.82 -1.84 -42.71
CA ARG A 835 22.99 -2.87 -43.38
C ARG A 835 21.97 -3.35 -42.35
N VAL A 836 20.70 -3.12 -42.64
CA VAL A 836 19.64 -3.46 -41.66
C VAL A 836 18.70 -4.50 -42.27
N GLU A 837 17.68 -4.88 -41.51
CA GLU A 837 16.74 -5.92 -41.98
C GLU A 837 15.94 -5.41 -43.18
N PRO A 838 15.43 -6.31 -44.04
CA PRO A 838 14.63 -5.89 -45.17
C PRO A 838 13.22 -5.47 -44.76
N GLU A 839 12.41 -5.08 -45.74
CA GLU A 839 11.03 -4.66 -45.45
C GLU A 839 10.10 -5.86 -45.26
N TRP A 840 10.43 -6.99 -45.87
CA TRP A 840 9.62 -8.20 -45.69
C TRP A 840 10.50 -9.43 -45.90
N TYR A 841 9.90 -10.60 -45.99
CA TYR A 841 10.66 -11.83 -46.26
C TYR A 841 9.86 -12.71 -47.21
N ILE A 842 10.50 -13.77 -47.68
CA ILE A 842 9.80 -14.70 -48.60
C ILE A 842 9.78 -16.08 -47.95
N PRO A 843 8.75 -16.40 -47.16
CA PRO A 843 8.65 -17.72 -46.58
C PRO A 843 8.13 -18.76 -47.57
N ILE A 844 8.21 -20.02 -47.18
CA ILE A 844 7.65 -21.10 -48.03
C ILE A 844 6.14 -21.22 -47.85
N ILE A 845 5.62 -20.78 -46.70
CA ILE A 845 4.16 -20.84 -46.46
C ILE A 845 3.71 -19.51 -45.88
N PRO A 846 2.46 -19.09 -46.10
CA PRO A 846 1.98 -17.87 -45.49
C PRO A 846 1.83 -18.06 -43.98
N MET A 847 2.59 -17.26 -43.23
CA MET A 847 2.59 -17.40 -41.76
C MET A 847 1.23 -17.03 -41.18
N VAL A 848 0.50 -16.14 -41.84
CA VAL A 848 -0.81 -15.68 -41.29
C VAL A 848 -1.73 -16.90 -41.16
N LEU A 849 -1.58 -17.87 -42.05
CA LEU A 849 -2.46 -19.06 -42.02
C LEU A 849 -1.95 -20.11 -41.03
N ILE A 850 -0.81 -19.89 -40.39
CA ILE A 850 -0.29 -20.92 -39.44
C ILE A 850 -0.20 -20.37 -38.01
N ASN A 851 -0.06 -19.06 -37.84
CA ASN A 851 0.06 -18.49 -36.48
C ASN A 851 -0.98 -17.40 -36.23
N GLY A 852 -1.68 -16.95 -37.27
CA GLY A 852 -2.74 -15.95 -37.09
C GLY A 852 -2.19 -14.54 -37.05
N ALA A 853 -2.94 -13.61 -37.65
CA ALA A 853 -2.53 -12.20 -37.60
C ALA A 853 -3.61 -11.43 -36.85
N GLU A 854 -3.32 -11.05 -35.61
CA GLU A 854 -4.31 -10.30 -34.79
C GLU A 854 -3.74 -8.90 -34.61
N GLY A 855 -4.12 -8.00 -35.52
CA GLY A 855 -3.60 -6.63 -35.46
C GLY A 855 -4.74 -5.64 -35.33
N ILE A 856 -4.55 -4.64 -34.47
CA ILE A 856 -5.60 -3.60 -34.27
C ILE A 856 -4.97 -2.26 -34.56
N GLY A 857 -5.40 -1.61 -35.63
CA GLY A 857 -4.81 -0.33 -36.04
C GLY A 857 -5.88 0.70 -36.33
N THR A 858 -5.47 1.87 -36.81
CA THR A 858 -6.43 2.95 -37.13
C THR A 858 -6.97 2.77 -38.55
N GLY A 859 -8.28 2.81 -38.70
CA GLY A 859 -8.92 2.69 -40.03
C GLY A 859 -9.33 1.28 -40.36
N TRP A 860 -8.51 0.31 -39.96
CA TRP A 860 -8.82 -1.10 -40.26
C TRP A 860 -8.23 -1.97 -39.18
N SER A 861 -8.43 -3.28 -39.30
CA SER A 861 -7.87 -4.25 -38.34
C SER A 861 -7.60 -5.55 -39.09
N CYS A 862 -7.17 -6.56 -38.37
CA CYS A 862 -6.94 -7.88 -39.02
C CYS A 862 -7.09 -8.96 -37.97
N LYS A 863 -7.92 -9.96 -38.27
CA LYS A 863 -8.07 -11.11 -37.35
C LYS A 863 -8.25 -12.34 -38.23
N ILE A 864 -7.23 -13.19 -38.30
CA ILE A 864 -7.31 -14.41 -39.15
C ILE A 864 -7.07 -15.61 -38.24
N PRO A 865 -8.01 -16.55 -38.17
CA PRO A 865 -7.78 -17.74 -37.36
C PRO A 865 -6.71 -18.65 -37.95
N ASN A 866 -6.37 -19.69 -37.19
CA ASN A 866 -5.35 -20.67 -37.66
C ASN A 866 -5.96 -21.72 -38.58
N PHE A 867 -5.09 -22.53 -39.17
CA PHE A 867 -5.55 -23.59 -40.09
C PHE A 867 -4.64 -24.80 -39.91
N ASP A 868 -4.80 -25.79 -40.79
CA ASP A 868 -3.99 -27.02 -40.71
C ASP A 868 -2.73 -26.87 -41.57
N VAL A 869 -1.60 -27.35 -41.06
CA VAL A 869 -0.32 -27.21 -41.80
C VAL A 869 -0.21 -28.31 -42.87
N ARG A 870 -0.76 -29.48 -42.61
CA ARG A 870 -0.62 -30.59 -43.58
C ARG A 870 -1.37 -30.26 -44.88
N GLU A 871 -2.54 -29.64 -44.76
CA GLU A 871 -3.37 -29.34 -45.96
C GLU A 871 -2.70 -28.27 -46.83
N ILE A 872 -1.87 -27.43 -46.23
CA ILE A 872 -1.24 -26.33 -47.02
C ILE A 872 -0.37 -26.93 -48.13
N VAL A 873 0.38 -27.97 -47.80
CA VAL A 873 1.29 -28.57 -48.82
C VAL A 873 0.45 -29.18 -49.94
N ASN A 874 -0.63 -29.88 -49.59
CA ASN A 874 -1.48 -30.50 -50.62
C ASN A 874 -2.11 -29.41 -51.49
N ASN A 875 -2.55 -28.33 -50.86
CA ASN A 875 -3.17 -27.22 -51.64
C ASN A 875 -2.14 -26.60 -52.59
N ILE A 876 -0.92 -26.41 -52.10
CA ILE A 876 0.13 -25.80 -52.96
C ILE A 876 0.46 -26.75 -54.11
N ARG A 877 0.51 -28.05 -53.83
CA ARG A 877 0.79 -29.02 -54.91
C ARG A 877 -0.35 -28.98 -55.95
N ARG A 878 -1.59 -28.93 -55.47
CA ARG A 878 -2.74 -28.91 -56.39
C ARG A 878 -2.70 -27.62 -57.22
N LEU A 879 -2.32 -26.51 -56.61
CA LEU A 879 -2.23 -25.23 -57.34
C LEU A 879 -1.09 -25.27 -58.35
N MET A 880 0.03 -25.88 -57.99
CA MET A 880 1.15 -26.03 -58.95
C MET A 880 0.68 -26.89 -60.12
N ASP A 881 -0.14 -27.90 -59.84
CA ASP A 881 -0.71 -28.74 -60.93
C ASP A 881 -1.62 -27.88 -61.82
N GLY A 882 -2.44 -27.02 -61.23
CA GLY A 882 -3.36 -26.19 -62.02
C GLY A 882 -4.82 -26.52 -61.79
N GLU A 883 -5.11 -27.23 -60.70
CA GLU A 883 -6.51 -27.61 -60.38
C GLU A 883 -7.10 -26.67 -59.31
N GLU A 884 -8.43 -26.66 -59.22
CA GLU A 884 -9.09 -25.78 -58.23
C GLU A 884 -8.84 -26.36 -56.83
N PRO A 885 -8.24 -25.58 -55.92
CA PRO A 885 -7.95 -26.09 -54.58
C PRO A 885 -9.20 -26.31 -53.73
N LEU A 886 -9.15 -27.32 -52.88
CA LEU A 886 -10.32 -27.63 -52.02
C LEU A 886 -10.45 -26.61 -50.90
N PRO A 887 -11.67 -26.35 -50.40
CA PRO A 887 -11.86 -25.42 -49.31
C PRO A 887 -11.24 -25.93 -48.01
N MET A 888 -10.58 -25.03 -47.28
CA MET A 888 -9.92 -25.43 -46.02
C MET A 888 -10.81 -25.18 -44.81
N LEU A 889 -10.39 -25.70 -43.66
CA LEU A 889 -11.17 -25.52 -42.41
C LEU A 889 -10.19 -25.08 -41.31
N PRO A 890 -10.60 -24.15 -40.43
CA PRO A 890 -9.70 -23.71 -39.37
C PRO A 890 -9.35 -24.84 -38.41
N SER A 891 -8.06 -25.16 -38.33
CA SER A 891 -7.60 -26.28 -37.48
C SER A 891 -6.64 -25.76 -36.42
N TYR A 892 -6.41 -26.56 -35.40
CA TYR A 892 -5.49 -26.16 -34.31
C TYR A 892 -4.71 -27.40 -33.87
N LYS A 893 -3.47 -27.20 -33.45
CA LYS A 893 -2.64 -28.33 -33.00
C LYS A 893 -3.19 -28.88 -31.68
N ASN A 894 -3.27 -30.20 -31.58
CA ASN A 894 -3.79 -30.84 -30.34
C ASN A 894 -5.21 -30.33 -30.03
N PHE A 895 -6.10 -30.45 -31.01
CA PHE A 895 -7.51 -30.02 -30.79
C PHE A 895 -8.40 -30.99 -31.55
N LYS A 896 -9.25 -31.73 -30.83
CA LYS A 896 -10.10 -32.74 -31.47
C LYS A 896 -11.52 -32.20 -31.71
N GLY A 897 -11.73 -30.91 -31.45
CA GLY A 897 -13.07 -30.31 -31.64
C GLY A 897 -13.43 -30.16 -33.10
N THR A 898 -14.66 -30.55 -33.45
CA THR A 898 -15.11 -30.43 -34.85
C THR A 898 -15.67 -29.04 -35.11
N ILE A 899 -15.48 -28.55 -36.34
CA ILE A 899 -16.00 -27.22 -36.70
C ILE A 899 -16.83 -27.35 -37.98
N GLU A 900 -18.05 -26.84 -37.94
CA GLU A 900 -18.93 -26.89 -39.13
C GLU A 900 -19.20 -25.46 -39.58
N GLU A 901 -19.09 -25.21 -40.88
CA GLU A 901 -19.33 -23.85 -41.41
C GLU A 901 -20.69 -23.84 -42.12
N LEU A 902 -21.63 -23.05 -41.61
CA LEU A 902 -22.95 -22.95 -42.27
C LEU A 902 -22.96 -21.75 -43.23
N ALA A 903 -22.58 -20.58 -42.73
CA ALA A 903 -22.54 -19.37 -43.59
C ALA A 903 -21.08 -19.03 -43.87
N PRO A 904 -20.77 -18.40 -45.02
CA PRO A 904 -19.40 -18.05 -45.32
C PRO A 904 -18.83 -17.02 -44.34
N ASN A 905 -17.54 -17.15 -44.03
CA ASN A 905 -16.86 -16.22 -43.10
C ASN A 905 -17.47 -16.30 -41.70
N GLN A 906 -18.08 -17.42 -41.36
CA GLN A 906 -18.62 -17.60 -40.00
C GLN A 906 -18.29 -19.01 -39.55
N TYR A 907 -17.94 -19.16 -38.28
CA TYR A 907 -17.57 -20.50 -37.78
C TYR A 907 -18.16 -20.74 -36.40
N VAL A 908 -18.51 -22.00 -36.15
CA VAL A 908 -19.05 -22.39 -34.82
C VAL A 908 -18.12 -23.45 -34.25
N ILE A 909 -17.64 -23.22 -33.05
CA ILE A 909 -16.69 -24.17 -32.41
C ILE A 909 -17.33 -24.67 -31.12
N SER A 910 -17.35 -25.99 -30.95
CA SER A 910 -17.92 -26.59 -29.72
C SER A 910 -16.93 -27.60 -29.15
N GLY A 911 -17.08 -27.88 -27.87
CA GLY A 911 -16.22 -28.88 -27.21
C GLY A 911 -16.84 -30.25 -27.19
N GLU A 912 -16.28 -31.11 -26.34
CA GLU A 912 -16.82 -32.48 -26.21
C GLU A 912 -17.08 -32.77 -24.72
N VAL A 913 -18.23 -33.37 -24.44
CA VAL A 913 -18.59 -33.70 -23.05
C VAL A 913 -18.82 -35.21 -22.97
N ALA A 914 -18.47 -35.80 -21.84
CA ALA A 914 -18.63 -37.25 -21.65
C ALA A 914 -19.61 -37.49 -20.52
N ILE A 915 -20.62 -38.32 -20.79
CA ILE A 915 -21.62 -38.68 -19.73
C ILE A 915 -21.29 -40.08 -19.25
N LEU A 916 -20.63 -40.18 -18.10
CA LEU A 916 -20.29 -41.51 -17.54
C LEU A 916 -21.54 -42.19 -16.97
N ASN A 917 -22.30 -41.48 -16.15
CA ASN A 917 -23.48 -42.08 -15.48
C ASN A 917 -24.62 -41.07 -15.57
N SER A 918 -25.80 -41.49 -15.16
CA SER A 918 -26.96 -40.58 -15.15
C SER A 918 -26.73 -39.41 -14.19
N THR A 919 -25.82 -39.57 -13.22
CA THR A 919 -25.52 -38.47 -12.27
C THR A 919 -24.19 -37.78 -12.60
N THR A 920 -23.15 -38.57 -12.89
CA THR A 920 -21.82 -37.98 -13.13
C THR A 920 -21.69 -37.51 -14.58
N ILE A 921 -20.86 -36.49 -14.78
CA ILE A 921 -20.60 -35.97 -16.15
C ILE A 921 -19.20 -35.37 -16.17
N GLU A 922 -18.55 -35.45 -17.32
CA GLU A 922 -17.19 -34.90 -17.44
C GLU A 922 -17.06 -34.18 -18.78
N ILE A 923 -16.41 -33.02 -18.76
CA ILE A 923 -16.16 -32.30 -20.03
C ILE A 923 -14.83 -32.80 -20.59
N SER A 924 -14.88 -33.42 -21.76
CA SER A 924 -13.66 -34.00 -22.36
C SER A 924 -12.77 -32.92 -22.99
N GLU A 925 -13.37 -32.08 -23.84
CA GLU A 925 -12.56 -31.10 -24.59
C GLU A 925 -13.21 -29.72 -24.49
N LEU A 926 -12.38 -28.70 -24.30
CA LEU A 926 -12.86 -27.30 -24.20
C LEU A 926 -12.59 -26.57 -25.51
N PRO A 927 -13.45 -25.64 -25.93
CA PRO A 927 -13.24 -24.91 -27.18
C PRO A 927 -12.14 -23.86 -27.05
N VAL A 928 -11.86 -23.16 -28.15
CA VAL A 928 -10.77 -22.14 -28.13
C VAL A 928 -11.17 -20.99 -27.23
N ARG A 929 -10.17 -20.24 -26.75
CA ARG A 929 -10.43 -19.12 -25.81
C ARG A 929 -11.18 -19.63 -24.60
N THR A 930 -10.58 -20.62 -23.92
CA THR A 930 -11.20 -21.15 -22.70
C THR A 930 -10.11 -21.28 -21.66
N TRP A 931 -10.11 -20.38 -20.68
CA TRP A 931 -9.10 -20.42 -19.60
C TRP A 931 -9.71 -21.06 -18.36
N THR A 932 -8.90 -21.80 -17.61
CA THR A 932 -9.45 -22.54 -16.46
C THR A 932 -10.03 -21.58 -15.42
N GLN A 933 -9.28 -20.54 -15.06
CA GLN A 933 -9.75 -19.65 -13.97
C GLN A 933 -11.00 -18.89 -14.43
N THR A 934 -10.97 -18.37 -15.65
CA THR A 934 -12.12 -17.58 -16.14
C THR A 934 -13.36 -18.46 -16.29
N TYR A 935 -13.19 -19.64 -16.90
CA TYR A 935 -14.34 -20.54 -17.11
C TYR A 935 -14.90 -20.94 -15.74
N LYS A 936 -13.99 -21.24 -14.81
CA LYS A 936 -14.45 -21.63 -13.46
C LYS A 936 -15.26 -20.49 -12.83
N GLU A 937 -14.68 -19.29 -12.77
CA GLU A 937 -15.36 -18.18 -12.08
C GLU A 937 -16.65 -17.79 -12.79
N GLN A 938 -16.75 -18.07 -14.09
CA GLN A 938 -17.94 -17.61 -14.84
C GLN A 938 -19.00 -18.71 -15.00
N VAL A 939 -18.66 -19.96 -14.69
CA VAL A 939 -19.64 -21.07 -14.90
C VAL A 939 -19.89 -21.83 -13.61
N LEU A 940 -18.84 -22.31 -12.97
CA LEU A 940 -19.03 -23.19 -11.78
C LEU A 940 -19.65 -22.43 -10.60
N GLU A 941 -19.24 -21.19 -10.39
CA GLU A 941 -19.75 -20.44 -9.22
C GLU A 941 -21.26 -20.17 -9.34
N PRO A 942 -21.81 -19.69 -10.47
CA PRO A 942 -23.26 -19.53 -10.56
C PRO A 942 -24.01 -20.86 -10.46
N MET A 943 -23.46 -21.91 -11.07
CA MET A 943 -24.15 -23.22 -11.08
C MET A 943 -24.08 -23.92 -9.72
N LEU A 944 -23.03 -23.69 -8.93
CA LEU A 944 -22.89 -24.42 -7.66
C LEU A 944 -23.96 -24.00 -6.66
N ASN A 945 -24.07 -22.69 -6.42
CA ASN A 945 -25.01 -22.20 -5.40
C ASN A 945 -26.25 -21.62 -6.08
N GLY A 946 -27.26 -21.29 -5.29
CA GLY A 946 -28.45 -20.66 -5.87
C GLY A 946 -28.25 -19.17 -6.02
N THR A 947 -28.28 -18.70 -7.26
CA THR A 947 -28.05 -17.26 -7.53
C THR A 947 -29.33 -16.47 -7.23
N GLU A 948 -29.33 -15.18 -7.52
CA GLU A 948 -30.51 -14.33 -7.24
C GLU A 948 -31.72 -14.80 -8.05
N LYS A 949 -31.49 -15.40 -9.23
CA LYS A 949 -32.63 -15.78 -10.09
C LYS A 949 -32.60 -17.26 -10.51
N THR A 950 -31.46 -17.93 -10.41
CA THR A 950 -31.39 -19.32 -10.91
C THR A 950 -31.12 -20.27 -9.75
N PRO A 951 -31.78 -21.45 -9.71
CA PRO A 951 -31.51 -22.43 -8.67
C PRO A 951 -30.14 -23.09 -8.90
N PRO A 952 -29.56 -23.76 -7.88
CA PRO A 952 -28.26 -24.37 -8.08
C PRO A 952 -28.35 -25.52 -9.09
N LEU A 953 -27.64 -25.37 -10.21
CA LEU A 953 -27.75 -26.39 -11.28
C LEU A 953 -26.92 -27.64 -10.93
N ILE A 954 -25.64 -27.46 -10.66
CA ILE A 954 -24.76 -28.62 -10.39
C ILE A 954 -24.77 -28.92 -8.90
N THR A 955 -24.33 -30.13 -8.54
CA THR A 955 -24.28 -30.54 -7.12
C THR A 955 -22.83 -30.73 -6.66
N ASP A 956 -21.94 -31.10 -7.57
CA ASP A 956 -20.53 -31.34 -7.19
C ASP A 956 -19.64 -31.15 -8.41
N TYR A 957 -18.38 -30.80 -8.19
CA TYR A 957 -17.43 -30.66 -9.30
C TYR A 957 -16.01 -30.85 -8.78
N ARG A 958 -15.14 -31.40 -9.62
CA ARG A 958 -13.73 -31.60 -9.24
C ARG A 958 -12.85 -31.12 -10.39
N GLU A 959 -11.63 -30.71 -10.07
CA GLU A 959 -10.73 -30.16 -11.11
C GLU A 959 -9.40 -30.91 -11.04
N TYR A 960 -9.33 -32.06 -11.70
CA TYR A 960 -8.06 -32.83 -11.77
C TYR A 960 -7.33 -32.45 -13.07
N HIS A 961 -6.93 -31.19 -13.17
CA HIS A 961 -6.32 -30.70 -14.43
C HIS A 961 -4.86 -31.11 -14.54
N THR A 962 -4.48 -31.60 -15.71
CA THR A 962 -3.06 -31.92 -15.97
C THR A 962 -2.41 -30.69 -16.62
N ASP A 963 -1.20 -30.86 -17.15
CA ASP A 963 -0.51 -29.74 -17.83
C ASP A 963 -1.28 -29.32 -19.07
N THR A 964 -1.84 -30.28 -19.81
CA THR A 964 -2.53 -29.96 -21.08
C THR A 964 -3.99 -30.40 -21.06
N THR A 965 -4.26 -31.58 -20.51
CA THR A 965 -5.66 -32.11 -20.53
C THR A 965 -6.45 -31.61 -19.32
N VAL A 966 -7.75 -31.83 -19.36
CA VAL A 966 -8.63 -31.37 -18.26
C VAL A 966 -9.46 -32.55 -17.75
N LYS A 967 -9.93 -32.44 -16.52
CA LYS A 967 -10.80 -33.50 -15.95
C LYS A 967 -11.86 -32.81 -15.09
N PHE A 968 -13.10 -33.29 -15.20
CA PHE A 968 -14.22 -32.69 -14.44
C PHE A 968 -15.07 -33.79 -13.84
N VAL A 969 -14.85 -34.08 -12.56
CA VAL A 969 -15.73 -35.05 -11.87
C VAL A 969 -16.92 -34.24 -11.38
N VAL A 970 -17.92 -34.10 -12.23
CA VAL A 970 -19.08 -33.23 -11.91
C VAL A 970 -20.32 -34.10 -11.74
N LYS A 971 -21.05 -33.85 -10.66
CA LYS A 971 -22.31 -34.59 -10.40
C LYS A 971 -23.50 -33.68 -10.66
N MET A 972 -24.60 -34.28 -11.08
CA MET A 972 -25.80 -33.49 -11.39
C MET A 972 -27.05 -34.34 -11.12
N THR A 973 -28.15 -33.68 -10.77
CA THR A 973 -29.42 -34.39 -10.51
C THR A 973 -29.88 -35.06 -11.81
N GLU A 974 -30.32 -36.31 -11.71
CA GLU A 974 -30.78 -37.05 -12.89
C GLU A 974 -32.01 -36.37 -13.49
N GLU A 975 -32.89 -35.83 -12.66
CA GLU A 975 -34.09 -35.13 -13.19
C GLU A 975 -33.69 -33.88 -13.95
N LYS A 976 -32.72 -33.13 -13.43
CA LYS A 976 -32.28 -31.88 -14.10
C LYS A 976 -31.52 -32.20 -15.39
N LEU A 977 -30.95 -33.40 -15.48
CA LEU A 977 -30.19 -33.78 -16.70
C LEU A 977 -31.13 -33.81 -17.90
N ALA A 978 -32.37 -34.27 -17.71
CA ALA A 978 -33.34 -34.31 -18.83
C ALA A 978 -33.63 -32.90 -19.33
N GLU A 979 -33.82 -31.95 -18.41
CA GLU A 979 -34.05 -30.54 -18.82
C GLU A 979 -32.81 -30.00 -19.52
N ALA A 980 -31.63 -30.34 -19.01
CA ALA A 980 -30.37 -29.86 -19.64
C ALA A 980 -30.27 -30.43 -21.05
N GLU A 981 -30.66 -31.69 -21.23
CA GLU A 981 -30.63 -32.30 -22.58
C GLU A 981 -31.65 -31.62 -23.49
N ARG A 982 -32.84 -31.33 -22.97
CA ARG A 982 -33.88 -30.71 -23.81
C ARG A 982 -33.42 -29.30 -24.23
N VAL A 983 -32.78 -28.58 -23.30
CA VAL A 983 -32.26 -27.23 -23.64
C VAL A 983 -31.01 -27.30 -24.51
N GLY A 984 -30.11 -28.24 -24.20
CA GLY A 984 -28.85 -28.35 -24.95
C GLY A 984 -27.64 -28.29 -24.04
N LEU A 985 -26.77 -29.30 -24.13
CA LEU A 985 -25.58 -29.35 -23.26
C LEU A 985 -24.64 -28.20 -23.58
N HIS A 986 -24.40 -27.96 -24.87
CA HIS A 986 -23.50 -26.84 -25.26
C HIS A 986 -24.12 -25.50 -24.89
N LYS A 987 -25.45 -25.41 -24.91
CA LYS A 987 -26.12 -24.12 -24.59
C LYS A 987 -26.08 -23.83 -23.10
N VAL A 988 -26.36 -24.83 -22.28
CA VAL A 988 -26.42 -24.58 -20.81
C VAL A 988 -25.02 -24.30 -20.28
N PHE A 989 -24.04 -25.10 -20.66
CA PHE A 989 -22.67 -24.94 -20.14
C PHE A 989 -21.89 -23.90 -20.96
N LYS A 990 -22.54 -23.29 -21.96
CA LYS A 990 -21.88 -22.23 -22.78
C LYS A 990 -20.60 -22.76 -23.43
N LEU A 991 -20.72 -23.87 -24.18
CA LEU A 991 -19.56 -24.46 -24.87
C LEU A 991 -19.46 -23.99 -26.33
N GLN A 992 -20.47 -23.29 -26.83
CA GLN A 992 -20.45 -22.85 -28.25
C GLN A 992 -19.69 -21.54 -28.38
N THR A 993 -18.98 -21.38 -29.49
CA THR A 993 -18.23 -20.13 -29.75
C THR A 993 -18.42 -19.75 -31.21
N SER A 994 -18.83 -18.51 -31.46
CA SER A 994 -19.06 -18.05 -32.84
C SER A 994 -18.00 -17.01 -33.20
N LEU A 995 -17.43 -17.12 -34.39
CA LEU A 995 -16.45 -16.10 -34.84
C LEU A 995 -16.70 -15.77 -36.31
N THR A 996 -16.47 -14.51 -36.66
CA THR A 996 -16.64 -14.07 -38.06
C THR A 996 -15.33 -13.48 -38.55
N CYS A 997 -14.96 -13.81 -39.78
CA CYS A 997 -13.70 -13.26 -40.35
C CYS A 997 -14.08 -12.37 -41.53
N ASN A 998 -14.05 -11.06 -41.31
CA ASN A 998 -14.42 -10.11 -42.39
C ASN A 998 -13.30 -9.11 -42.66
N SER A 999 -12.44 -8.86 -41.66
CA SER A 999 -11.38 -7.83 -41.85
C SER A 999 -10.16 -8.47 -42.52
N MET A 1000 -10.31 -8.80 -43.80
CA MET A 1000 -9.19 -9.42 -44.56
C MET A 1000 -8.39 -8.31 -45.25
N VAL A 1001 -7.84 -7.42 -44.44
CA VAL A 1001 -7.04 -6.29 -45.00
C VAL A 1001 -5.59 -6.53 -44.61
N LEU A 1002 -4.72 -6.59 -45.61
CA LEU A 1002 -3.28 -6.82 -45.36
C LEU A 1002 -2.46 -5.89 -46.26
N PHE A 1003 -1.23 -5.64 -45.83
CA PHE A 1003 -0.34 -4.78 -46.63
C PHE A 1003 0.14 -5.57 -47.85
N ASP A 1004 -0.05 -4.99 -49.03
CA ASP A 1004 0.36 -5.66 -50.27
C ASP A 1004 1.87 -5.56 -50.45
N HIS A 1005 2.39 -6.25 -51.47
CA HIS A 1005 3.84 -6.18 -51.75
C HIS A 1005 4.23 -4.73 -52.10
N VAL A 1006 3.34 -3.99 -52.75
CA VAL A 1006 3.60 -2.56 -53.04
C VAL A 1006 3.51 -1.69 -51.78
N GLY A 1007 2.51 -1.95 -50.92
CA GLY A 1007 2.32 -1.12 -49.72
C GLY A 1007 0.87 -0.71 -49.48
N CYS A 1008 -0.01 -1.06 -50.42
CA CYS A 1008 -1.43 -0.66 -50.31
C CYS A 1008 -2.22 -1.62 -49.41
N LEU A 1009 -3.45 -1.24 -49.09
CA LEU A 1009 -4.34 -2.10 -48.28
C LEU A 1009 -5.57 -2.46 -49.11
N LYS A 1010 -5.82 -3.76 -49.24
CA LYS A 1010 -6.99 -4.21 -50.03
C LYS A 1010 -7.75 -5.22 -49.19
N LYS A 1011 -9.06 -5.00 -49.06
CA LYS A 1011 -9.91 -5.95 -48.30
C LYS A 1011 -10.09 -7.20 -49.15
N TYR A 1012 -9.69 -8.34 -48.61
CA TYR A 1012 -9.74 -9.60 -49.38
C TYR A 1012 -11.05 -10.34 -49.13
N ASP A 1013 -11.33 -11.33 -49.97
CA ASP A 1013 -12.61 -12.07 -49.85
C ASP A 1013 -12.38 -13.50 -49.35
N THR A 1014 -11.49 -14.25 -49.99
CA THR A 1014 -11.29 -15.66 -49.61
C THR A 1014 -9.81 -15.94 -49.36
N VAL A 1015 -9.53 -17.07 -48.74
CA VAL A 1015 -8.11 -17.46 -48.49
C VAL A 1015 -7.45 -17.96 -49.78
N LEU A 1016 -8.23 -18.62 -50.65
CA LEU A 1016 -7.62 -19.20 -51.87
C LEU A 1016 -7.06 -18.09 -52.77
N ASP A 1017 -7.74 -16.95 -52.82
CA ASP A 1017 -7.21 -15.82 -53.61
C ASP A 1017 -5.87 -15.35 -53.03
N ILE A 1018 -5.79 -15.32 -51.70
CA ILE A 1018 -4.51 -14.92 -51.05
C ILE A 1018 -3.44 -15.95 -51.41
N LEU A 1019 -3.81 -17.23 -51.41
CA LEU A 1019 -2.82 -18.29 -51.75
C LEU A 1019 -2.37 -18.11 -53.21
N ARG A 1020 -3.29 -17.78 -54.10
CA ARG A 1020 -2.93 -17.61 -55.53
C ARG A 1020 -2.01 -16.39 -55.69
N ASP A 1021 -2.31 -15.31 -54.98
CA ASP A 1021 -1.47 -14.10 -55.07
C ASP A 1021 -0.07 -14.41 -54.55
N PHE A 1022 0.01 -15.13 -53.44
CA PHE A 1022 1.33 -15.52 -52.89
C PHE A 1022 2.04 -16.43 -53.88
N PHE A 1023 1.29 -17.32 -54.52
CA PHE A 1023 1.90 -18.25 -55.48
C PHE A 1023 2.50 -17.48 -56.66
N GLU A 1024 1.79 -16.47 -57.15
CA GLU A 1024 2.33 -15.66 -58.26
C GLU A 1024 3.57 -14.88 -57.80
N LEU A 1025 3.50 -14.29 -56.61
CA LEU A 1025 4.65 -13.50 -56.11
C LEU A 1025 5.85 -14.42 -55.93
N ARG A 1026 5.62 -15.65 -55.51
CA ARG A 1026 6.71 -16.64 -55.35
C ARG A 1026 7.24 -17.14 -56.69
N LEU A 1027 6.35 -17.31 -57.65
CA LEU A 1027 6.77 -17.76 -59.01
C LEU A 1027 7.65 -16.68 -59.63
N LYS A 1028 7.43 -15.43 -59.26
CA LYS A 1028 8.24 -14.33 -59.85
C LYS A 1028 9.70 -14.50 -59.46
N TYR A 1029 9.98 -15.20 -58.34
CA TYR A 1029 11.37 -15.25 -57.81
C TYR A 1029 12.17 -16.49 -58.21
N TYR A 1030 11.53 -17.50 -58.81
CA TYR A 1030 12.33 -18.68 -59.24
C TYR A 1030 13.36 -18.25 -60.27
N GLY A 1031 12.96 -17.45 -61.26
CA GLY A 1031 13.90 -16.97 -62.28
C GLY A 1031 14.98 -16.11 -61.66
N LEU A 1032 14.61 -15.28 -60.70
CA LEU A 1032 15.61 -14.40 -60.06
C LEU A 1032 16.66 -15.26 -59.33
N ARG A 1033 16.21 -16.26 -58.57
CA ARG A 1033 17.18 -17.12 -57.83
C ARG A 1033 18.02 -17.89 -58.84
N LYS A 1034 17.40 -18.34 -59.92
CA LYS A 1034 18.14 -19.13 -60.93
C LYS A 1034 19.20 -18.25 -61.59
N GLU A 1035 18.85 -17.00 -61.90
CA GLU A 1035 19.84 -16.08 -62.51
C GLU A 1035 20.96 -15.80 -61.52
N TRP A 1036 20.62 -15.64 -60.24
CA TRP A 1036 21.67 -15.36 -59.23
C TRP A 1036 22.60 -16.58 -59.08
N LEU A 1037 22.02 -17.77 -59.06
CA LEU A 1037 22.84 -18.99 -58.93
C LEU A 1037 23.64 -19.25 -60.21
N LEU A 1038 23.02 -19.02 -61.36
CA LEU A 1038 23.73 -19.25 -62.63
C LEU A 1038 24.85 -18.23 -62.78
N GLY A 1039 26.01 -18.69 -63.19
CA GLY A 1039 27.18 -17.81 -63.33
C GLY A 1039 27.97 -17.70 -62.04
N MET A 1040 27.27 -17.63 -60.91
CA MET A 1040 27.97 -17.56 -59.60
C MET A 1040 28.72 -18.88 -59.37
N LEU A 1041 28.09 -20.01 -59.66
CA LEU A 1041 28.80 -21.31 -59.57
C LEU A 1041 29.91 -21.34 -60.63
N GLY A 1042 29.63 -20.79 -61.82
CA GLY A 1042 30.63 -20.76 -62.89
C GLY A 1042 31.84 -19.96 -62.46
N ALA A 1043 31.64 -18.95 -61.62
CA ALA A 1043 32.78 -18.11 -61.20
C ALA A 1043 33.80 -18.95 -60.42
N GLU A 1044 33.33 -19.68 -59.40
CA GLU A 1044 34.26 -20.53 -58.62
C GLU A 1044 34.75 -21.67 -59.51
N SER A 1045 33.91 -22.12 -60.45
CA SER A 1045 34.33 -23.20 -61.36
C SER A 1045 35.53 -22.75 -62.20
N ALA A 1046 35.44 -21.55 -62.78
CA ALA A 1046 36.57 -21.03 -63.59
C ALA A 1046 37.76 -20.76 -62.66
N LYS A 1047 37.49 -20.32 -61.44
CA LYS A 1047 38.60 -20.05 -60.51
C LYS A 1047 39.36 -21.35 -60.21
N LEU A 1048 38.65 -22.42 -59.92
CA LEU A 1048 39.30 -23.72 -59.66
C LEU A 1048 39.99 -24.21 -60.94
N ASN A 1049 39.37 -23.96 -62.10
CA ASN A 1049 39.99 -24.39 -63.37
C ASN A 1049 41.32 -23.66 -63.57
N ASN A 1050 41.34 -22.37 -63.30
CA ASN A 1050 42.59 -21.58 -63.43
C ASN A 1050 43.63 -22.08 -62.42
N GLN A 1051 43.18 -22.40 -61.20
CA GLN A 1051 44.11 -22.92 -60.18
C GLN A 1051 44.71 -24.26 -60.64
N ALA A 1052 43.87 -25.13 -61.19
CA ALA A 1052 44.37 -26.43 -61.67
C ALA A 1052 45.34 -26.21 -62.83
N ARG A 1053 45.03 -25.25 -63.69
CA ARG A 1053 45.92 -24.97 -64.83
C ARG A 1053 47.26 -24.44 -64.31
N PHE A 1054 47.23 -23.61 -63.27
CA PHE A 1054 48.50 -23.12 -62.69
C PHE A 1054 49.29 -24.28 -62.09
N ILE A 1055 48.58 -25.20 -61.43
CA ILE A 1055 49.27 -26.38 -60.84
C ILE A 1055 49.90 -27.22 -61.96
N LEU A 1056 49.15 -27.42 -63.05
CA LEU A 1056 49.68 -28.22 -64.17
C LEU A 1056 50.88 -27.50 -64.79
N GLU A 1057 50.81 -26.18 -64.91
CA GLU A 1057 51.95 -25.40 -65.47
C GLU A 1057 53.16 -25.54 -64.56
N LYS A 1058 52.94 -25.52 -63.25
CA LYS A 1058 54.07 -25.70 -62.31
C LYS A 1058 54.63 -27.11 -62.45
N ILE A 1059 53.78 -28.10 -62.65
CA ILE A 1059 54.28 -29.48 -62.88
C ILE A 1059 55.14 -29.48 -64.15
N ASP A 1060 54.65 -28.84 -65.21
CA ASP A 1060 55.47 -28.73 -66.44
C ASP A 1060 56.67 -27.83 -66.15
N GLY A 1061 56.43 -26.63 -65.63
CA GLY A 1061 57.52 -25.74 -65.19
C GLY A 1061 57.94 -24.67 -66.17
N LYS A 1062 57.37 -23.47 -66.04
CA LYS A 1062 57.86 -22.32 -66.85
C LYS A 1062 58.03 -21.09 -65.94
N ILE A 1063 57.27 -20.99 -64.85
CA ILE A 1063 57.33 -19.76 -64.01
C ILE A 1063 58.44 -19.94 -62.97
N ILE A 1064 59.49 -19.15 -63.12
CA ILE A 1064 60.62 -19.27 -62.16
C ILE A 1064 60.24 -18.57 -60.87
N ILE A 1065 60.49 -19.22 -59.74
CA ILE A 1065 60.14 -18.65 -58.41
C ILE A 1065 61.41 -18.10 -57.75
N GLU A 1066 62.47 -17.87 -58.53
CA GLU A 1066 63.76 -17.44 -57.94
C GLU A 1066 63.74 -15.93 -57.73
N ASN A 1067 62.96 -15.47 -56.74
CA ASN A 1067 62.96 -14.03 -56.38
C ASN A 1067 62.62 -13.14 -57.58
N LYS A 1068 61.68 -13.58 -58.39
CA LYS A 1068 61.26 -12.75 -59.54
C LYS A 1068 60.38 -11.60 -59.05
N PRO A 1069 60.50 -10.40 -59.64
CA PRO A 1069 59.63 -9.30 -59.26
C PRO A 1069 58.16 -9.59 -59.56
N LYS A 1070 57.27 -9.02 -58.77
CA LYS A 1070 55.81 -9.24 -58.94
C LYS A 1070 55.36 -8.66 -60.29
N LYS A 1071 56.04 -7.64 -60.79
CA LYS A 1071 55.62 -7.01 -62.07
C LYS A 1071 55.75 -8.01 -63.21
N GLU A 1072 56.88 -8.72 -63.28
CA GLU A 1072 57.06 -9.73 -64.33
C GLU A 1072 56.03 -10.85 -64.15
N LEU A 1073 55.76 -11.20 -62.90
CA LEU A 1073 54.79 -12.29 -62.64
C LEU A 1073 53.42 -11.88 -63.15
N ILE A 1074 53.00 -10.65 -62.87
CA ILE A 1074 51.68 -10.18 -63.33
C ILE A 1074 51.67 -10.12 -64.87
N LYS A 1075 52.79 -9.69 -65.46
CA LYS A 1075 52.85 -9.62 -66.94
C LYS A 1075 52.69 -11.02 -67.52
N VAL A 1076 53.35 -12.01 -66.93
CA VAL A 1076 53.22 -13.39 -67.43
C VAL A 1076 51.77 -13.87 -67.23
N LEU A 1077 51.18 -13.57 -66.08
CA LEU A 1077 49.80 -14.03 -65.81
C LEU A 1077 48.85 -13.41 -66.84
N ILE A 1078 49.08 -12.15 -67.21
CA ILE A 1078 48.23 -11.52 -68.26
C ILE A 1078 48.50 -12.14 -69.62
N GLN A 1079 49.76 -12.38 -69.96
CA GLN A 1079 50.09 -12.87 -71.33
C GLN A 1079 49.64 -14.31 -71.54
N ARG A 1080 49.36 -15.05 -70.47
CA ARG A 1080 49.03 -16.48 -70.59
C ARG A 1080 47.53 -16.72 -70.42
N GLY A 1081 46.70 -15.70 -70.66
CA GLY A 1081 45.23 -15.87 -70.60
C GLY A 1081 44.69 -16.25 -69.23
N TYR A 1082 45.08 -15.51 -68.20
CA TYR A 1082 44.53 -15.74 -66.85
C TYR A 1082 43.69 -14.54 -66.44
N ASP A 1083 42.43 -14.79 -66.11
CA ASP A 1083 41.50 -13.69 -65.79
C ASP A 1083 41.71 -13.20 -64.36
N SER A 1084 41.01 -12.13 -64.00
CA SER A 1084 41.12 -11.58 -62.64
C SER A 1084 40.18 -12.34 -61.69
N ASP A 1085 40.00 -11.80 -60.49
CA ASP A 1085 39.16 -12.50 -59.49
C ASP A 1085 37.69 -12.40 -59.91
N PRO A 1086 37.00 -13.52 -60.16
CA PRO A 1086 35.57 -13.46 -60.47
C PRO A 1086 34.73 -13.02 -59.27
N VAL A 1087 35.17 -13.40 -58.06
CA VAL A 1087 34.42 -12.98 -56.84
C VAL A 1087 34.42 -11.45 -56.77
N LYS A 1088 35.54 -10.83 -57.12
CA LYS A 1088 35.59 -9.35 -57.14
C LYS A 1088 34.59 -8.82 -58.18
N ALA A 1089 34.48 -9.49 -59.33
CA ALA A 1089 33.54 -9.03 -60.37
C ALA A 1089 32.10 -9.13 -59.86
N TRP A 1090 31.75 -10.25 -59.23
CA TRP A 1090 30.37 -10.42 -58.71
C TRP A 1090 30.11 -9.43 -57.57
N LYS A 1091 31.14 -9.11 -56.79
CA LYS A 1091 30.98 -8.09 -55.73
C LYS A 1091 30.78 -6.71 -56.34
N GLU A 1092 31.53 -6.39 -57.40
CA GLU A 1092 31.37 -5.08 -58.06
C GLU A 1092 29.98 -4.98 -58.68
N ALA A 1093 29.50 -6.07 -59.28
CA ALA A 1093 28.17 -6.07 -59.90
C ALA A 1093 27.11 -6.45 -58.85
N GLN A 1094 27.15 -5.79 -57.69
CA GLN A 1094 26.16 -6.05 -56.62
C GLN A 1094 25.51 -4.75 -56.15
N GLN A 1095 26.28 -3.67 -56.06
CA GLN A 1095 25.74 -2.38 -55.55
C GLN A 1095 24.68 -1.83 -56.51
N LYS A 1096 24.90 -1.97 -57.82
CA LYS A 1096 23.95 -1.41 -58.81
C LYS A 1096 23.39 -2.48 -59.74
N VAL A 1097 23.88 -3.72 -59.63
CA VAL A 1097 23.36 -4.82 -60.50
C VAL A 1097 22.73 -5.93 -59.64
N SER A 1121 43.81 -0.85 -58.42
CA SER A 1121 44.83 -0.88 -59.49
C SER A 1121 44.27 -1.63 -60.72
N GLY A 1122 45.12 -2.43 -61.36
CA GLY A 1122 44.67 -3.15 -62.56
C GLY A 1122 44.16 -4.52 -62.19
N PRO A 1123 44.64 -5.60 -62.84
CA PRO A 1123 44.13 -6.93 -62.58
C PRO A 1123 44.52 -7.44 -61.20
N THR A 1124 43.76 -8.41 -60.70
CA THR A 1124 44.03 -8.97 -59.35
C THR A 1124 44.38 -10.45 -59.47
N PHE A 1125 45.48 -10.86 -58.83
CA PHE A 1125 45.89 -12.28 -58.88
C PHE A 1125 46.29 -12.77 -57.49
N ASN A 1126 45.69 -12.22 -56.44
CA ASN A 1126 46.04 -12.61 -55.06
C ASN A 1126 45.66 -14.07 -54.81
N TYR A 1127 44.54 -14.52 -55.37
CA TYR A 1127 44.06 -15.90 -55.10
C TYR A 1127 45.00 -16.94 -55.73
N LEU A 1128 45.77 -16.55 -56.74
CA LEU A 1128 46.72 -17.50 -57.35
C LEU A 1128 48.03 -17.57 -56.57
N LEU A 1129 48.22 -16.69 -55.59
CA LEU A 1129 49.47 -16.71 -54.79
C LEU A 1129 49.20 -16.93 -53.29
N ASP A 1130 47.93 -16.98 -52.89
CA ASP A 1130 47.58 -17.16 -51.46
C ASP A 1130 47.37 -18.65 -51.16
N MET A 1131 47.91 -19.51 -52.01
CA MET A 1131 47.67 -20.97 -51.83
C MET A 1131 48.89 -21.61 -51.15
N PRO A 1132 48.69 -22.36 -50.07
CA PRO A 1132 49.80 -23.04 -49.41
C PRO A 1132 50.40 -24.17 -50.25
N LEU A 1133 51.48 -24.78 -49.76
CA LEU A 1133 52.19 -25.83 -50.52
C LEU A 1133 51.43 -27.16 -50.55
N TRP A 1134 50.36 -27.28 -49.75
CA TRP A 1134 49.61 -28.56 -49.71
C TRP A 1134 49.04 -28.89 -51.09
N TYR A 1135 48.80 -27.88 -51.89
CA TYR A 1135 48.26 -28.11 -53.26
C TYR A 1135 49.28 -28.90 -54.09
N LEU A 1136 50.56 -28.87 -53.72
CA LEU A 1136 51.61 -29.56 -54.51
C LEU A 1136 51.65 -31.07 -54.22
N THR A 1137 50.84 -31.54 -53.28
CA THR A 1137 50.82 -32.99 -52.93
C THR A 1137 49.97 -33.79 -53.90
N LYS A 1138 50.21 -35.09 -53.95
CA LYS A 1138 49.44 -35.96 -54.87
C LYS A 1138 47.97 -36.07 -54.43
N GLU A 1139 47.75 -36.24 -53.14
CA GLU A 1139 46.36 -36.45 -52.64
C GLU A 1139 45.53 -35.19 -52.89
N LYS A 1140 46.11 -34.03 -52.63
CA LYS A 1140 45.34 -32.77 -52.82
C LYS A 1140 44.99 -32.59 -54.30
N LYS A 1141 45.95 -32.87 -55.19
CA LYS A 1141 45.68 -32.74 -56.63
C LYS A 1141 44.59 -33.74 -57.03
N ASP A 1142 44.69 -34.97 -56.53
CA ASP A 1142 43.72 -36.02 -56.92
C ASP A 1142 42.31 -35.63 -56.45
N GLU A 1143 42.20 -35.11 -55.23
CA GLU A 1143 40.87 -34.71 -54.71
C GLU A 1143 40.36 -33.46 -55.41
N LEU A 1144 41.26 -32.53 -55.76
CA LEU A 1144 40.84 -31.31 -56.48
C LEU A 1144 40.34 -31.67 -57.89
N CYS A 1145 40.94 -32.67 -58.51
CA CYS A 1145 40.55 -33.06 -59.89
C CYS A 1145 39.07 -33.44 -59.90
N ARG A 1146 38.56 -34.01 -58.81
CA ARG A 1146 37.12 -34.33 -58.73
C ARG A 1146 36.31 -33.22 -58.04
N LEU A 1147 36.94 -32.43 -57.18
CA LEU A 1147 36.21 -31.30 -56.54
C LEU A 1147 35.83 -30.28 -57.60
N ARG A 1148 36.69 -30.08 -58.59
CA ARG A 1148 36.37 -29.13 -59.68
C ARG A 1148 35.19 -29.63 -60.51
N ASN A 1149 34.98 -30.94 -60.54
CA ASN A 1149 33.84 -31.51 -61.31
C ASN A 1149 32.59 -31.65 -60.45
N GLU A 1150 32.75 -31.65 -59.12
CA GLU A 1150 31.55 -31.70 -58.24
C GLU A 1150 30.70 -30.46 -58.50
N LYS A 1151 31.33 -29.30 -58.70
CA LYS A 1151 30.58 -28.08 -59.05
C LYS A 1151 30.05 -28.14 -60.49
N GLU A 1152 30.82 -28.75 -61.39
CA GLU A 1152 30.37 -28.86 -62.79
C GLU A 1152 29.09 -29.70 -62.85
N GLN A 1153 28.98 -30.71 -62.00
CA GLN A 1153 27.76 -31.56 -62.02
C GLN A 1153 26.54 -30.71 -61.67
N GLU A 1154 26.64 -29.90 -60.61
CA GLU A 1154 25.50 -29.04 -60.21
C GLU A 1154 25.24 -27.98 -61.27
N LEU A 1155 26.31 -27.45 -61.88
CA LEU A 1155 26.12 -26.42 -62.92
C LEU A 1155 25.38 -27.01 -64.12
N ASP A 1156 25.76 -28.21 -64.53
CA ASP A 1156 25.06 -28.88 -65.66
C ASP A 1156 23.63 -29.19 -65.27
N THR A 1157 23.41 -29.58 -64.02
CA THR A 1157 22.04 -29.87 -63.56
C THR A 1157 21.20 -28.60 -63.58
N LEU A 1158 21.77 -27.47 -63.15
CA LEU A 1158 21.02 -26.19 -63.19
C LEU A 1158 20.73 -25.80 -64.63
N LYS A 1159 21.70 -25.96 -65.52
CA LYS A 1159 21.47 -25.66 -66.94
C LYS A 1159 20.43 -26.63 -67.53
N ARG A 1160 20.29 -27.81 -66.92
CA ARG A 1160 19.33 -28.82 -67.45
C ARG A 1160 17.97 -28.69 -66.77
N LYS A 1161 17.94 -28.35 -65.49
CA LYS A 1161 16.65 -28.33 -64.75
C LYS A 1161 15.83 -27.10 -65.15
N SER A 1162 14.55 -27.13 -64.79
CA SER A 1162 13.62 -26.02 -65.12
C SER A 1162 13.33 -25.23 -63.85
N PRO A 1163 12.74 -24.02 -63.94
CA PRO A 1163 12.34 -23.29 -62.73
C PRO A 1163 11.29 -24.07 -61.94
N SER A 1164 10.51 -24.91 -62.63
CA SER A 1164 9.55 -25.78 -61.91
C SER A 1164 10.27 -26.99 -61.34
N ASP A 1165 9.57 -27.82 -60.57
CA ASP A 1165 10.15 -29.06 -60.00
C ASP A 1165 11.18 -28.70 -58.93
N LEU A 1166 11.32 -27.42 -58.62
CA LEU A 1166 12.26 -27.00 -57.54
C LEU A 1166 11.50 -26.82 -56.23
N TRP A 1167 10.26 -26.33 -56.32
CA TRP A 1167 9.46 -26.10 -55.10
C TRP A 1167 9.19 -27.43 -54.41
N LYS A 1168 8.86 -28.47 -55.18
CA LYS A 1168 8.57 -29.79 -54.59
C LYS A 1168 9.84 -30.36 -53.95
N GLU A 1169 10.97 -30.22 -54.63
CA GLU A 1169 12.25 -30.74 -54.08
C GLU A 1169 12.61 -29.97 -52.81
N ASP A 1170 12.30 -28.68 -52.77
CA ASP A 1170 12.55 -27.88 -51.54
C ASP A 1170 11.59 -28.31 -50.42
N LEU A 1171 10.34 -28.60 -50.76
CA LEU A 1171 9.34 -29.00 -49.75
C LEU A 1171 9.61 -30.42 -49.23
N ALA A 1172 10.30 -31.25 -50.01
CA ALA A 1172 10.50 -32.65 -49.55
C ALA A 1172 11.31 -32.65 -48.25
N THR A 1173 12.40 -31.89 -48.21
CA THR A 1173 13.23 -31.83 -46.99
C THR A 1173 12.42 -31.19 -45.87
N PHE A 1174 11.60 -30.19 -46.20
CA PHE A 1174 10.79 -29.52 -45.16
C PHE A 1174 9.77 -30.48 -44.56
N ILE A 1175 9.16 -31.32 -45.39
CA ILE A 1175 8.20 -32.32 -44.87
C ILE A 1175 8.94 -33.34 -44.01
N GLU A 1176 10.14 -33.73 -44.41
CA GLU A 1176 10.93 -34.68 -43.59
C GLU A 1176 11.23 -34.03 -42.23
N GLU A 1177 11.65 -32.77 -42.24
CA GLU A 1177 11.96 -32.06 -40.97
C GLU A 1177 10.69 -31.90 -40.14
N LEU A 1178 9.56 -31.63 -40.80
CA LEU A 1178 8.29 -31.45 -40.07
C LEU A 1178 7.88 -32.77 -39.42
N GLU A 1179 8.08 -33.89 -40.12
CA GLU A 1179 7.79 -35.20 -39.51
C GLU A 1179 8.73 -35.42 -38.32
N ALA A 1180 9.99 -35.00 -38.46
CA ALA A 1180 10.94 -35.14 -37.33
C ALA A 1180 10.46 -34.30 -36.14
N VAL A 1181 10.00 -33.08 -36.41
CA VAL A 1181 9.54 -32.18 -35.31
C VAL A 1181 8.29 -32.79 -34.67
N GLU A 1182 7.40 -33.36 -35.47
CA GLU A 1182 6.19 -34.02 -34.91
C GLU A 1182 6.60 -35.25 -34.08
N ALA A 1183 7.62 -35.98 -34.53
CA ALA A 1183 8.12 -37.12 -33.73
C ALA A 1183 8.67 -36.59 -32.40
N LYS A 1184 9.37 -35.47 -32.44
CA LYS A 1184 9.88 -34.86 -31.18
C LYS A 1184 8.70 -34.46 -30.30
N GLU A 1185 7.63 -33.93 -30.89
CA GLU A 1185 6.44 -33.56 -30.11
C GLU A 1185 5.80 -34.80 -29.49
N LYS A 1186 5.74 -35.89 -30.24
CA LYS A 1186 5.21 -37.16 -29.67
C LYS A 1186 6.13 -37.63 -28.54
N GLN A 1187 7.43 -37.47 -28.71
CA GLN A 1187 8.39 -37.85 -27.63
C GLN A 1187 8.13 -36.99 -26.40
N ASP A 1188 7.85 -35.70 -26.60
CA ASP A 1188 7.54 -34.79 -25.47
C ASP A 1188 6.24 -35.23 -24.80
N GLU A 1189 5.27 -35.66 -25.60
CA GLU A 1189 4.00 -36.18 -25.04
C GLU A 1189 4.30 -37.43 -24.21
N GLN A 1190 5.19 -38.28 -24.70
CA GLN A 1190 5.61 -39.46 -23.92
C GLN A 1190 6.29 -38.99 -22.63
N VAL A 1191 7.04 -37.88 -22.69
CA VAL A 1191 7.63 -37.31 -21.46
C VAL A 1191 6.51 -36.77 -20.56
N GLY A 1192 5.47 -36.21 -21.17
CA GLY A 1192 4.34 -35.66 -20.41
C GLY A 1192 3.34 -36.74 -20.06
N LEU A 1193 3.74 -38.02 -20.23
CA LEU A 1193 2.86 -39.15 -19.86
C LEU A 1193 3.19 -39.57 -18.44
N PRO A 1194 2.32 -39.30 -17.45
CA PRO A 1194 2.60 -39.65 -16.06
C PRO A 1194 2.57 -41.16 -15.80
N GLY A 1195 1.68 -41.89 -16.51
CA GLY A 1195 1.49 -43.32 -16.26
C GLY A 1195 0.03 -43.59 -15.92
N LYS A 1196 -0.83 -42.59 -16.10
CA LYS A 1196 -2.28 -42.70 -15.75
C LYS A 1196 -3.07 -43.46 -16.82
N GLY A 1197 -4.27 -43.94 -16.47
CA GLY A 1197 -5.14 -44.70 -17.41
C GLY A 1197 -5.76 -43.78 -18.48
N GLY A 1198 -6.15 -44.35 -19.63
CA GLY A 1198 -6.73 -43.57 -20.76
C GLY A 1198 -8.16 -43.12 -20.45
N LYS A 1199 -8.64 -42.06 -21.13
CA LYS A 1199 -10.01 -41.56 -20.91
C LYS A 1199 -11.04 -42.62 -21.33
N ALA A 1200 -12.08 -42.81 -20.52
CA ALA A 1200 -13.11 -43.84 -20.80
C ALA A 1200 -14.01 -43.44 -21.97
N LYS A 1201 -14.44 -44.41 -22.79
CA LYS A 1201 -15.40 -44.10 -23.87
C LYS A 1201 -16.77 -43.80 -23.25
N GLY A 1202 -17.49 -42.81 -23.78
CA GLY A 1202 -18.80 -42.41 -23.21
C GLY A 1202 -19.67 -41.74 -24.29
N LYS A 1203 -20.98 -41.66 -24.04
CA LYS A 1203 -21.89 -40.99 -24.99
C LYS A 1203 -21.51 -39.50 -25.10
N LYS A 1204 -21.41 -38.98 -26.32
CA LYS A 1204 -21.09 -37.55 -26.55
C LYS A 1204 -21.86 -37.07 -27.78
N THR A 1205 -22.27 -35.80 -27.79
CA THR A 1205 -23.05 -35.26 -28.92
C THR A 1205 -22.65 -33.81 -29.23
N GLN A 1206 -22.83 -33.38 -30.48
CA GLN A 1206 -22.54 -31.97 -30.82
C GLN A 1206 -23.85 -31.30 -31.25
N MET A 1207 -24.20 -30.18 -30.61
CA MET A 1207 -25.47 -29.49 -30.91
C MET A 1207 -25.39 -28.78 -32.27
N ALA A 1208 -26.50 -28.76 -33.01
CA ALA A 1208 -26.55 -28.03 -34.30
C ALA A 1208 -27.35 -26.74 -34.11
N GLU A 1209 -26.68 -25.63 -33.80
CA GLU A 1209 -27.38 -24.35 -33.52
C GLU A 1209 -28.18 -23.92 -34.77
N VAL A 1210 -29.38 -23.39 -34.56
CA VAL A 1210 -30.19 -22.88 -35.72
C VAL A 1210 -29.42 -21.70 -36.32
N LEU A 1211 -29.46 -21.56 -37.65
CA LEU A 1211 -28.64 -20.50 -38.30
C LEU A 1211 -29.42 -19.18 -38.29
N PRO A 1212 -28.99 -18.17 -37.50
CA PRO A 1212 -29.75 -16.92 -37.41
C PRO A 1212 -29.58 -16.08 -38.69
N SER A 1213 -28.91 -16.65 -39.70
CA SER A 1213 -28.69 -15.94 -41.00
C SER A 1213 -27.98 -14.61 -40.74
N PRO A 1214 -26.99 -14.54 -39.82
CA PRO A 1214 -26.35 -13.26 -39.51
C PRO A 1214 -25.60 -12.71 -40.72
N ARG A 1215 -25.64 -11.38 -40.93
CA ARG A 1215 -24.94 -10.74 -42.07
C ARG A 1215 -25.21 -11.54 -43.36
N SER B 29 -41.47 -0.05 72.09
CA SER B 29 -41.40 -1.03 71.01
C SER B 29 -42.36 -0.67 69.88
N VAL B 30 -43.65 -0.80 70.15
CA VAL B 30 -44.66 -0.50 69.14
C VAL B 30 -44.76 1.01 68.93
N GLU B 31 -44.66 1.79 70.01
CA GLU B 31 -44.77 3.24 69.93
C GLU B 31 -43.56 3.91 69.31
N ARG B 32 -42.53 3.14 68.94
CA ARG B 32 -41.30 3.70 68.37
C ARG B 32 -41.11 3.36 66.90
N ILE B 33 -41.32 2.10 66.51
CA ILE B 33 -41.10 1.71 65.12
C ILE B 33 -42.36 1.88 64.28
N TYR B 34 -43.55 1.73 64.86
CA TYR B 34 -44.80 1.94 64.16
C TYR B 34 -45.38 3.27 64.63
N GLN B 35 -45.23 4.31 63.81
CA GLN B 35 -45.72 5.64 64.12
C GLN B 35 -46.35 6.24 62.87
N LYS B 36 -47.07 7.35 63.08
CA LYS B 36 -47.71 8.09 62.00
C LYS B 36 -47.19 9.52 61.99
N LYS B 37 -46.87 10.01 60.80
CA LYS B 37 -46.35 11.35 60.63
C LYS B 37 -47.43 12.29 60.09
N THR B 38 -47.25 13.58 60.35
CA THR B 38 -48.17 14.60 59.90
C THR B 38 -47.60 15.32 58.67
N GLN B 39 -48.35 16.30 58.17
CA GLN B 39 -47.91 17.03 56.99
C GLN B 39 -46.71 17.92 57.29
N LEU B 40 -46.59 18.40 58.53
CA LEU B 40 -45.50 19.30 58.87
C LEU B 40 -44.21 18.56 59.21
N GLU B 41 -44.32 17.44 59.92
CA GLU B 41 -43.14 16.73 60.39
C GLU B 41 -42.55 15.79 59.33
N HIS B 42 -43.37 15.29 58.41
CA HIS B 42 -42.85 14.36 57.40
C HIS B 42 -41.93 15.06 56.42
N ILE B 43 -42.14 16.36 56.18
CA ILE B 43 -41.25 17.10 55.28
C ILE B 43 -39.87 17.26 55.91
N LEU B 44 -39.83 17.60 57.20
CA LEU B 44 -38.56 17.71 57.90
C LEU B 44 -37.90 16.35 58.13
N LEU B 45 -38.69 15.28 58.17
CA LEU B 45 -38.13 13.95 58.37
C LEU B 45 -37.55 13.40 57.07
N ARG B 46 -38.20 13.67 55.94
CA ARG B 46 -37.76 13.19 54.62
C ARG B 46 -37.56 14.40 53.71
N PRO B 47 -36.42 15.08 53.80
CA PRO B 47 -36.19 16.24 52.93
C PRO B 47 -36.05 15.87 51.46
N ASP B 48 -35.45 14.72 51.16
CA ASP B 48 -35.20 14.35 49.77
C ASP B 48 -36.48 14.08 48.99
N THR B 49 -37.60 13.83 49.68
CA THR B 49 -38.86 13.55 48.99
C THR B 49 -39.48 14.82 48.41
N TYR B 50 -39.27 15.96 49.06
CA TYR B 50 -39.94 17.21 48.67
C TYR B 50 -38.99 18.21 48.02
N ILE B 51 -37.83 18.46 48.61
CA ILE B 51 -36.89 19.44 48.08
C ILE B 51 -35.66 18.81 47.44
N GLY B 52 -35.40 17.54 47.70
CA GLY B 52 -34.23 16.87 47.14
C GLY B 52 -33.15 16.66 48.18
N SER B 53 -32.02 16.15 47.70
CA SER B 53 -30.88 15.86 48.58
C SER B 53 -30.36 17.13 49.22
N VAL B 54 -30.14 17.08 50.53
CA VAL B 54 -29.63 18.21 51.29
C VAL B 54 -28.13 18.07 51.56
N GLU B 55 -27.45 17.19 50.84
CA GLU B 55 -26.02 16.96 51.01
C GLU B 55 -25.24 17.66 49.90
N LEU B 56 -24.01 18.06 50.23
CA LEU B 56 -23.16 18.76 49.27
C LEU B 56 -22.87 17.86 48.07
N VAL B 57 -23.44 18.22 46.92
CA VAL B 57 -23.17 17.53 45.66
C VAL B 57 -22.13 18.32 44.90
N THR B 58 -21.30 17.59 44.14
CA THR B 58 -20.19 18.17 43.39
C THR B 58 -20.26 17.65 41.95
N GLN B 59 -20.48 18.56 41.01
CA GLN B 59 -20.50 18.20 39.59
C GLN B 59 -20.29 19.45 38.77
N GLN B 60 -19.75 19.27 37.57
CA GLN B 60 -19.45 20.37 36.68
C GLN B 60 -20.72 20.84 35.97
N MET B 61 -20.90 22.16 35.93
CA MET B 61 -22.04 22.76 35.25
C MET B 61 -21.72 24.21 34.92
N TRP B 62 -22.68 24.86 34.25
CA TRP B 62 -22.54 26.25 33.88
C TRP B 62 -22.89 27.15 35.06
N VAL B 63 -21.99 28.09 35.38
CA VAL B 63 -22.21 29.06 36.44
C VAL B 63 -21.67 30.42 36.00
N TYR B 64 -22.21 31.47 36.61
CA TYR B 64 -21.81 32.84 36.33
C TYR B 64 -21.04 33.36 37.54
N ASP B 65 -19.71 33.43 37.41
CA ASP B 65 -18.85 33.93 38.46
C ASP B 65 -18.70 35.44 38.35
N GLU B 66 -18.62 36.09 39.52
CA GLU B 66 -18.49 37.53 39.58
C GLU B 66 -17.15 37.98 39.01
N ASP B 67 -17.18 39.02 38.18
CA ASP B 67 -16.00 39.58 37.52
C ASP B 67 -15.29 38.55 36.63
N VAL B 68 -15.97 37.44 36.32
CA VAL B 68 -15.43 36.40 35.45
C VAL B 68 -16.35 36.14 34.27
N GLY B 69 -17.64 35.99 34.52
CA GLY B 69 -18.62 35.73 33.49
C GLY B 69 -19.16 34.32 33.58
N ILE B 70 -19.79 33.89 32.48
CA ILE B 70 -20.33 32.53 32.42
C ILE B 70 -19.21 31.56 32.08
N ASN B 71 -19.26 30.37 32.68
CA ASN B 71 -18.26 29.35 32.41
C ASN B 71 -18.82 27.99 32.81
N TYR B 72 -18.07 26.94 32.45
CA TYR B 72 -18.44 25.55 32.74
C TYR B 72 -17.36 24.97 33.65
N ARG B 73 -17.56 25.08 34.95
CA ARG B 73 -16.59 24.63 35.94
C ARG B 73 -17.25 23.69 36.94
N GLU B 74 -16.44 23.19 37.88
CA GLU B 74 -16.88 22.26 38.91
C GLU B 74 -17.32 23.05 40.12
N VAL B 75 -18.59 22.89 40.51
CA VAL B 75 -19.19 23.65 41.59
C VAL B 75 -19.83 22.69 42.58
N THR B 76 -19.58 22.90 43.86
CA THR B 76 -20.14 22.10 44.95
C THR B 76 -21.19 22.93 45.67
N PHE B 77 -22.40 22.38 45.81
CA PHE B 77 -23.47 23.10 46.51
C PHE B 77 -24.56 22.10 46.89
N VAL B 78 -25.66 22.62 47.43
CA VAL B 78 -26.77 21.81 47.90
C VAL B 78 -27.96 22.05 46.98
N PRO B 79 -28.60 21.00 46.47
CA PRO B 79 -29.78 21.20 45.61
C PRO B 79 -30.97 21.79 46.35
N GLY B 80 -31.12 21.50 47.64
CA GLY B 80 -32.29 22.00 48.36
C GLY B 80 -32.24 23.49 48.62
N LEU B 81 -31.07 24.00 49.02
CA LEU B 81 -30.91 25.44 49.20
C LEU B 81 -31.12 26.18 47.89
N TYR B 82 -30.77 25.55 46.76
CA TYR B 82 -31.04 26.14 45.45
C TYR B 82 -32.52 26.08 45.10
N LYS B 83 -33.21 24.99 45.44
CA LYS B 83 -34.61 24.82 45.06
C LYS B 83 -35.54 25.71 45.87
N ILE B 84 -35.24 25.91 47.15
CA ILE B 84 -36.11 26.76 47.97
C ILE B 84 -36.12 28.20 47.45
N PHE B 85 -35.05 28.62 46.77
CA PHE B 85 -35.02 29.90 46.09
C PHE B 85 -35.56 29.81 44.67
N ASP B 86 -35.32 28.68 44.00
CA ASP B 86 -35.78 28.49 42.62
C ASP B 86 -37.30 28.54 42.55
N GLU B 87 -37.98 28.00 43.55
CA GLU B 87 -39.45 27.99 43.50
C GLU B 87 -40.01 29.40 43.59
N ILE B 88 -39.47 30.24 44.48
CA ILE B 88 -39.94 31.62 44.58
C ILE B 88 -39.56 32.39 43.32
N LEU B 89 -38.39 32.10 42.75
CA LEU B 89 -37.98 32.75 41.51
C LEU B 89 -38.89 32.36 40.35
N VAL B 90 -39.41 31.13 40.33
CA VAL B 90 -40.33 30.72 39.29
C VAL B 90 -41.72 31.32 39.53
N ASN B 91 -42.13 31.40 40.79
CA ASN B 91 -43.41 32.03 41.11
C ASN B 91 -43.40 33.52 40.74
N ALA B 92 -42.22 34.15 40.80
CA ALA B 92 -42.11 35.54 40.37
C ALA B 92 -42.37 35.68 38.88
N ALA B 93 -41.90 34.74 38.06
CA ALA B 93 -42.11 34.80 36.63
C ALA B 93 -43.49 34.29 36.22
N ASP B 94 -44.14 33.50 37.08
CA ASP B 94 -45.47 32.99 36.78
C ASP B 94 -46.51 34.09 36.61
N ASN B 95 -46.20 35.33 37.01
CA ASN B 95 -47.13 36.44 36.83
C ASN B 95 -47.25 36.84 35.36
N LYS B 96 -46.37 36.33 34.49
CA LYS B 96 -46.43 36.70 33.08
C LYS B 96 -47.74 36.22 32.45
N GLN B 97 -48.11 34.96 32.68
CA GLN B 97 -49.36 34.46 32.11
C GLN B 97 -50.57 35.03 32.83
N ARG B 98 -50.46 35.29 34.14
CA ARG B 98 -51.55 35.91 34.87
C ARG B 98 -51.70 37.38 34.47
N ASP B 99 -50.60 38.07 34.18
CA ASP B 99 -50.64 39.45 33.78
C ASP B 99 -49.51 39.73 32.77
N PRO B 100 -49.84 39.90 31.50
CA PRO B 100 -48.79 40.22 30.51
C PRO B 100 -48.11 41.56 30.74
N LYS B 101 -48.62 42.39 31.65
CA LYS B 101 -48.04 43.70 31.92
C LYS B 101 -46.83 43.64 32.83
N MET B 102 -46.38 42.45 33.22
CA MET B 102 -45.20 42.33 34.06
C MET B 102 -43.96 42.76 33.29
N SER B 103 -43.23 43.71 33.84
CA SER B 103 -42.06 44.28 33.17
C SER B 103 -40.76 44.12 33.96
N CYS B 104 -40.81 44.28 35.29
CA CYS B 104 -39.61 44.26 36.11
C CYS B 104 -39.74 43.23 37.22
N ILE B 105 -38.67 42.49 37.47
CA ILE B 105 -38.58 41.55 38.58
C ILE B 105 -37.23 41.75 39.25
N ARG B 106 -37.23 42.18 40.51
CA ARG B 106 -36.01 42.49 41.24
C ARG B 106 -35.70 41.34 42.20
N VAL B 107 -34.43 40.92 42.20
CA VAL B 107 -33.96 39.86 43.09
C VAL B 107 -32.82 40.45 43.91
N THR B 108 -33.06 40.67 45.20
CA THR B 108 -32.06 41.23 46.11
C THR B 108 -31.48 40.09 46.95
N ILE B 109 -30.17 39.91 46.85
CA ILE B 109 -29.45 38.86 47.56
C ILE B 109 -28.36 39.52 48.40
N ASP B 110 -28.36 39.24 49.70
CA ASP B 110 -27.37 39.76 50.64
C ASP B 110 -26.91 38.63 51.53
N PRO B 111 -25.84 37.92 51.13
CA PRO B 111 -25.33 36.83 51.98
C PRO B 111 -24.78 37.29 53.32
N GLU B 112 -24.48 38.58 53.47
CA GLU B 112 -23.93 39.09 54.72
C GLU B 112 -24.95 38.98 55.84
N ASN B 113 -26.08 39.65 55.69
CA ASN B 113 -27.16 39.60 56.67
C ASN B 113 -28.20 38.54 56.36
N ASN B 114 -27.94 37.69 55.36
CA ASN B 114 -28.87 36.64 54.95
C ASN B 114 -30.23 37.23 54.58
N LEU B 115 -30.22 38.14 53.61
CA LEU B 115 -31.43 38.83 53.16
C LEU B 115 -31.71 38.44 51.72
N ILE B 116 -32.71 37.60 51.51
CA ILE B 116 -33.14 37.17 50.19
C ILE B 116 -34.55 37.67 49.95
N SER B 117 -34.71 38.49 48.90
CA SER B 117 -36.03 39.05 48.60
C SER B 117 -36.25 39.02 47.09
N ILE B 118 -37.49 38.73 46.70
CA ILE B 118 -37.89 38.70 45.30
C ILE B 118 -39.14 39.55 45.17
N TRP B 119 -39.06 40.62 44.38
CA TRP B 119 -40.13 41.57 44.20
C TRP B 119 -40.56 41.61 42.74
N ASN B 120 -41.86 41.74 42.51
CA ASN B 120 -42.38 41.84 41.16
C ASN B 120 -43.65 42.69 41.16
N ASN B 121 -44.02 43.15 39.96
CA ASN B 121 -45.17 44.01 39.76
C ASN B 121 -46.26 43.26 38.99
N GLY B 122 -47.31 43.99 38.64
CA GLY B 122 -48.45 43.44 37.92
C GLY B 122 -49.67 43.33 38.80
N LYS B 123 -50.63 42.52 38.34
CA LYS B 123 -51.84 42.28 39.10
C LYS B 123 -51.50 41.51 40.38
N GLY B 124 -51.78 42.11 41.52
CA GLY B 124 -51.47 41.51 42.80
C GLY B 124 -52.40 40.36 43.15
N ILE B 125 -52.18 39.82 44.34
CA ILE B 125 -52.96 38.67 44.83
C ILE B 125 -54.22 39.20 45.50
N PRO B 126 -55.40 38.69 45.12
CA PRO B 126 -56.65 39.17 45.74
C PRO B 126 -56.67 38.89 47.23
N VAL B 127 -56.72 39.96 48.02
CA VAL B 127 -56.76 39.85 49.48
C VAL B 127 -58.22 39.65 49.86
N VAL B 128 -58.61 38.39 50.02
CA VAL B 128 -59.98 38.03 50.37
C VAL B 128 -59.94 36.79 51.25
N GLU B 129 -60.93 36.64 52.11
CA GLU B 129 -61.01 35.52 53.02
C GLU B 129 -61.67 34.33 52.34
N HIS B 130 -61.03 33.17 52.45
CA HIS B 130 -61.58 31.93 51.88
C HIS B 130 -62.70 31.43 52.79
N LYS B 131 -63.89 31.24 52.22
CA LYS B 131 -65.07 30.94 53.03
C LYS B 131 -64.97 29.57 53.69
N VAL B 132 -64.55 28.55 52.93
CA VAL B 132 -64.51 27.19 53.47
C VAL B 132 -63.43 27.07 54.53
N GLU B 133 -62.23 27.57 54.24
CA GLU B 133 -61.12 27.48 55.17
C GLU B 133 -61.19 28.51 56.29
N LYS B 134 -62.09 29.49 56.19
CA LYS B 134 -62.27 30.53 57.20
C LYS B 134 -60.96 31.28 57.46
N MET B 135 -60.25 31.62 56.39
CA MET B 135 -59.00 32.37 56.48
C MET B 135 -58.74 33.02 55.15
N TYR B 136 -57.78 33.94 55.14
CA TYR B 136 -57.47 34.70 53.93
C TYR B 136 -56.78 33.82 52.89
N VAL B 137 -57.02 34.13 51.63
CA VAL B 137 -56.47 33.38 50.51
C VAL B 137 -54.95 33.52 50.43
N PRO B 138 -54.37 34.72 50.57
CA PRO B 138 -52.90 34.79 50.58
C PRO B 138 -52.26 34.01 51.72
N ALA B 139 -52.81 34.13 52.93
CA ALA B 139 -52.31 33.32 54.04
C ALA B 139 -52.50 31.83 53.80
N LEU B 140 -53.59 31.44 53.14
CA LEU B 140 -53.82 30.04 52.84
C LEU B 140 -52.81 29.50 51.83
N ILE B 141 -52.47 30.29 50.81
CA ILE B 141 -51.57 29.83 49.76
C ILE B 141 -50.10 30.00 50.13
N PHE B 142 -49.79 30.80 51.16
CA PHE B 142 -48.41 30.93 51.60
C PHE B 142 -48.11 30.32 52.96
N GLY B 143 -49.11 29.75 53.65
CA GLY B 143 -48.86 29.17 54.96
C GLY B 143 -49.47 27.80 55.17
N GLN B 144 -50.18 27.28 54.15
CA GLN B 144 -50.83 25.98 54.24
C GLN B 144 -50.44 25.13 53.04
N LEU B 145 -50.20 23.85 53.29
CA LEU B 145 -49.85 22.92 52.23
C LEU B 145 -51.06 22.63 51.34
N LEU B 146 -50.77 22.13 50.14
CA LEU B 146 -51.80 21.75 49.17
C LEU B 146 -52.69 22.94 48.81
N THR B 147 -52.07 24.11 48.67
CA THR B 147 -52.78 25.33 48.34
C THR B 147 -52.07 26.03 47.19
N SER B 148 -52.79 26.23 46.09
CA SER B 148 -52.25 26.90 44.91
C SER B 148 -53.41 27.34 44.02
N SER B 149 -53.08 27.99 42.91
CA SER B 149 -54.06 28.42 41.94
C SER B 149 -53.97 27.65 40.63
N ASN B 150 -53.16 26.60 40.58
CA ASN B 150 -53.00 25.78 39.39
C ASN B 150 -53.57 24.38 39.58
N TYR B 151 -54.64 24.27 40.37
CA TYR B 151 -55.26 22.99 40.68
C TYR B 151 -56.42 22.66 39.75
N ASP B 152 -56.44 23.23 38.54
CA ASP B 152 -57.48 22.94 37.55
C ASP B 152 -56.81 22.64 36.22
N ASP B 153 -56.74 21.35 35.88
CA ASP B 153 -56.12 20.93 34.62
C ASP B 153 -56.98 21.21 33.41
N ASP B 154 -58.24 21.62 33.59
CA ASP B 154 -59.10 21.90 32.44
C ASP B 154 -58.72 23.19 31.75
N GLU B 155 -58.25 24.19 32.51
CA GLU B 155 -57.83 25.44 31.90
C GLU B 155 -56.53 25.31 31.13
N LYS B 156 -55.69 24.32 31.47
CA LYS B 156 -54.46 24.02 30.75
C LYS B 156 -53.52 25.23 30.73
N LYS B 157 -53.09 25.64 31.92
CA LYS B 157 -52.16 26.75 32.04
C LYS B 157 -50.74 26.29 31.71
N VAL B 158 -49.87 27.28 31.47
CA VAL B 158 -48.46 27.02 31.20
C VAL B 158 -47.62 27.62 32.32
N THR B 159 -48.17 27.67 33.52
CA THR B 159 -47.43 28.16 34.67
C THR B 159 -46.29 27.21 35.01
N GLY B 160 -45.28 27.76 35.70
CA GLY B 160 -44.13 26.95 36.07
C GLY B 160 -44.46 25.88 37.09
N GLY B 161 -45.26 26.22 38.09
CA GLY B 161 -45.62 25.30 39.15
C GLY B 161 -46.91 24.56 38.85
N ARG B 162 -46.93 23.26 39.16
CA ARG B 162 -48.10 22.44 38.92
C ARG B 162 -48.52 21.67 40.17
N ASN B 163 -47.55 21.25 40.98
CA ASN B 163 -47.85 20.40 42.13
C ASN B 163 -48.49 21.20 43.25
N GLY B 164 -47.77 22.19 43.79
CA GLY B 164 -48.29 22.99 44.87
C GLY B 164 -47.57 22.79 46.19
N TYR B 165 -46.24 22.65 46.13
CA TYR B 165 -45.48 22.34 47.37
C TYR B 165 -44.32 23.31 47.60
N GLY B 166 -43.63 23.73 46.54
CA GLY B 166 -42.38 24.52 46.73
C GLY B 166 -42.54 25.82 47.50
N ALA B 167 -43.59 26.61 47.26
CA ALA B 167 -43.68 27.91 47.96
C ALA B 167 -43.80 27.65 49.47
N LYS B 168 -44.43 26.54 49.85
CA LYS B 168 -44.53 26.21 51.26
C LYS B 168 -43.29 25.49 51.76
N LEU B 169 -42.64 24.70 50.90
CA LEU B 169 -41.39 24.05 51.28
C LEU B 169 -40.31 25.08 51.59
N CYS B 170 -40.33 26.23 50.91
CA CYS B 170 -39.41 27.30 51.24
C CYS B 170 -39.65 27.83 52.65
N ASN B 171 -40.90 27.86 53.09
CA ASN B 171 -41.19 28.25 54.46
C ASN B 171 -40.83 27.15 55.45
N ILE B 172 -40.89 25.89 55.01
CA ILE B 172 -40.49 24.78 55.88
C ILE B 172 -39.01 24.86 56.23
N PHE B 173 -38.19 25.39 55.32
CA PHE B 173 -36.75 25.46 55.50
C PHE B 173 -36.26 26.90 55.57
N SER B 174 -36.98 27.74 56.31
CA SER B 174 -36.60 29.13 56.49
C SER B 174 -36.95 29.57 57.90
N THR B 175 -36.19 30.54 58.42
CA THR B 175 -36.41 31.07 59.75
C THR B 175 -37.38 32.25 59.76
N LYS B 176 -37.39 33.03 58.68
CA LYS B 176 -38.26 34.21 58.56
C LYS B 176 -38.76 34.27 57.12
N PHE B 177 -40.07 34.06 56.94
CA PHE B 177 -40.69 34.03 55.62
C PHE B 177 -41.80 35.08 55.58
N THR B 178 -41.54 36.20 54.91
CA THR B 178 -42.46 37.32 54.84
C THR B 178 -43.04 37.44 53.43
N VAL B 179 -44.35 37.60 53.35
CA VAL B 179 -45.05 37.81 52.09
C VAL B 179 -45.78 39.15 52.17
N GLU B 180 -45.44 40.06 51.26
CA GLU B 180 -46.03 41.40 51.23
C GLU B 180 -46.59 41.64 49.84
N THR B 181 -47.92 41.56 49.71
CA THR B 181 -48.58 41.75 48.42
C THR B 181 -49.59 42.88 48.54
N ALA B 182 -49.93 43.46 47.38
CA ALA B 182 -50.88 44.56 47.33
C ALA B 182 -51.96 44.24 46.30
N SER B 183 -53.18 44.71 46.56
CA SER B 183 -54.30 44.50 45.66
C SER B 183 -55.07 45.80 45.51
N ARG B 184 -55.14 46.31 44.28
CA ARG B 184 -55.86 47.56 44.02
C ARG B 184 -57.35 47.32 43.79
N GLU B 185 -57.70 46.17 43.23
CA GLU B 185 -59.12 45.83 43.05
C GLU B 185 -59.82 45.73 44.40
N TYR B 186 -59.13 45.17 45.40
CA TYR B 186 -59.66 45.11 46.77
C TYR B 186 -59.11 46.21 47.66
N LYS B 187 -58.08 46.94 47.22
CA LYS B 187 -57.48 48.04 47.97
C LYS B 187 -57.00 47.55 49.34
N LYS B 188 -56.24 46.45 49.33
CA LYS B 188 -55.76 45.86 50.57
C LYS B 188 -54.31 45.42 50.41
N MET B 189 -53.53 45.61 51.46
CA MET B 189 -52.14 45.18 51.50
C MET B 189 -51.98 44.08 52.52
N PHE B 190 -51.59 42.89 52.05
CA PHE B 190 -51.37 41.74 52.91
C PHE B 190 -49.89 41.62 53.26
N LYS B 191 -49.61 41.39 54.53
CA LYS B 191 -48.23 41.27 54.99
C LYS B 191 -48.22 40.32 56.20
N GLN B 192 -47.64 39.14 56.01
CA GLN B 192 -47.54 38.16 57.08
C GLN B 192 -46.17 37.51 57.06
N THR B 193 -45.63 37.26 58.25
CA THR B 193 -44.31 36.68 58.42
C THR B 193 -44.41 35.43 59.28
N TRP B 194 -43.88 34.32 58.77
CA TRP B 194 -43.83 33.05 59.48
C TRP B 194 -42.43 32.81 60.03
N MET B 195 -42.36 32.30 61.25
CA MET B 195 -41.10 31.98 61.91
C MET B 195 -41.07 30.51 62.31
N ASP B 196 -39.87 30.03 62.62
CA ASP B 196 -39.65 28.69 63.14
C ASP B 196 -40.22 27.61 62.21
N ASN B 197 -39.85 27.70 60.93
CA ASN B 197 -40.22 26.71 59.92
C ASN B 197 -41.74 26.55 59.82
N MET B 198 -42.43 27.68 59.68
CA MET B 198 -43.88 27.80 59.50
C MET B 198 -44.64 27.40 60.77
N GLY B 199 -43.96 26.94 61.82
CA GLY B 199 -44.64 26.55 63.04
C GLY B 199 -45.24 27.70 63.81
N ARG B 200 -44.73 28.92 63.61
CA ARG B 200 -45.23 30.10 64.29
C ARG B 200 -45.46 31.20 63.27
N ALA B 201 -46.64 31.82 63.33
CA ALA B 201 -47.01 32.90 62.43
C ALA B 201 -46.98 34.23 63.17
N GLY B 202 -46.47 35.26 62.51
CA GLY B 202 -46.36 36.57 63.10
C GLY B 202 -47.68 37.33 63.05
N GLU B 203 -47.61 38.59 63.47
CA GLU B 203 -48.78 39.44 63.51
C GLU B 203 -49.11 39.93 62.10
N MET B 204 -50.31 39.63 61.64
CA MET B 204 -50.74 40.05 60.30
C MET B 204 -51.03 41.54 60.30
N GLU B 205 -50.61 42.21 59.23
CA GLU B 205 -50.79 43.65 59.07
C GLU B 205 -51.55 43.91 57.78
N LEU B 206 -52.74 44.50 57.90
CA LEU B 206 -53.57 44.85 56.75
C LEU B 206 -53.70 46.36 56.68
N LYS B 207 -53.43 46.93 55.50
CA LYS B 207 -53.50 48.36 55.27
C LYS B 207 -54.09 48.61 53.89
N PRO B 208 -54.85 49.70 53.74
CA PRO B 208 -55.37 50.04 52.41
C PRO B 208 -54.25 50.33 51.42
N PHE B 209 -54.53 50.07 50.15
CA PHE B 209 -53.54 50.29 49.08
C PHE B 209 -54.23 50.92 47.89
N ASN B 210 -53.56 51.91 47.28
CA ASN B 210 -54.07 52.61 46.10
C ASN B 210 -52.87 52.89 45.20
N GLY B 211 -52.68 52.04 44.19
CA GLY B 211 -51.59 52.23 43.26
C GLY B 211 -51.31 50.94 42.49
N GLU B 212 -50.13 50.90 41.89
CA GLU B 212 -49.71 49.73 41.12
C GLU B 212 -49.45 48.57 42.07
N ASP B 213 -50.17 47.47 41.88
CA ASP B 213 -50.02 46.31 42.75
C ASP B 213 -48.65 45.67 42.60
N TYR B 214 -48.23 44.94 43.63
CA TYR B 214 -46.92 44.32 43.64
C TYR B 214 -46.94 43.14 44.59
N THR B 215 -45.87 42.35 44.57
CA THR B 215 -45.72 41.20 45.44
C THR B 215 -44.24 40.99 45.75
N CYS B 216 -43.91 40.87 47.03
CA CYS B 216 -42.53 40.69 47.47
C CYS B 216 -42.47 39.55 48.48
N ILE B 217 -41.65 38.56 48.17
CA ILE B 217 -41.42 37.41 49.06
C ILE B 217 -40.00 37.53 49.59
N THR B 218 -39.85 37.69 50.90
CA THR B 218 -38.54 37.83 51.54
C THR B 218 -38.36 36.68 52.52
N PHE B 219 -37.41 35.80 52.22
CA PHE B 219 -37.21 34.63 53.06
C PHE B 219 -35.75 34.49 53.45
N GLN B 220 -35.52 34.11 54.71
CA GLN B 220 -34.18 33.86 55.24
C GLN B 220 -33.96 32.35 55.31
N PRO B 221 -33.22 31.76 54.38
CA PRO B 221 -33.05 30.30 54.38
C PRO B 221 -32.33 29.81 55.62
N ASP B 222 -32.85 28.75 56.22
CA ASP B 222 -32.23 28.14 57.39
C ASP B 222 -31.09 27.25 56.93
N LEU B 223 -29.85 27.70 57.15
CA LEU B 223 -28.67 26.94 56.76
C LEU B 223 -28.35 25.80 57.72
N SER B 224 -29.04 25.71 58.86
CA SER B 224 -28.78 24.63 59.80
C SER B 224 -29.23 23.29 59.25
N LYS B 225 -30.37 23.26 58.56
CA LYS B 225 -30.88 22.01 57.99
C LYS B 225 -30.05 21.55 56.80
N PHE B 226 -29.27 22.43 56.18
CA PHE B 226 -28.47 22.09 55.03
C PHE B 226 -26.99 21.92 55.35
N LYS B 227 -26.60 22.08 56.62
CA LYS B 227 -25.21 21.91 57.07
C LYS B 227 -24.26 22.83 56.32
N MET B 228 -24.61 24.12 56.28
CA MET B 228 -23.80 25.13 55.62
C MET B 228 -23.59 26.31 56.57
N GLN B 229 -22.40 26.91 56.50
CA GLN B 229 -22.08 28.03 57.38
C GLN B 229 -22.62 29.35 56.84
N SER B 230 -22.36 29.64 55.57
CA SER B 230 -22.82 30.88 54.95
C SER B 230 -22.98 30.64 53.46
N LEU B 231 -23.57 31.63 52.79
CA LEU B 231 -23.81 31.58 51.35
C LEU B 231 -22.49 31.89 50.64
N ASP B 232 -21.79 30.84 50.24
CA ASP B 232 -20.53 31.00 49.53
C ASP B 232 -20.78 31.50 48.10
N LYS B 233 -19.70 31.74 47.38
CA LYS B 233 -19.80 32.26 46.01
C LYS B 233 -20.45 31.25 45.06
N ASP B 234 -20.46 29.97 45.42
CA ASP B 234 -21.05 28.96 44.54
C ASP B 234 -22.55 29.15 44.44
N ILE B 235 -23.24 29.18 45.59
CA ILE B 235 -24.69 29.35 45.57
C ILE B 235 -25.07 30.74 45.05
N VAL B 236 -24.21 31.73 45.27
CA VAL B 236 -24.48 33.06 44.72
C VAL B 236 -24.40 33.04 43.20
N ALA B 237 -23.41 32.35 42.65
CA ALA B 237 -23.33 32.21 41.20
C ALA B 237 -24.52 31.45 40.64
N LEU B 238 -24.94 30.37 41.33
CA LEU B 238 -26.14 29.65 40.91
C LEU B 238 -27.36 30.55 40.90
N MET B 239 -27.55 31.37 41.95
CA MET B 239 -28.71 32.25 42.01
C MET B 239 -28.65 33.33 40.95
N VAL B 240 -27.45 33.84 40.64
CA VAL B 240 -27.35 34.86 39.61
C VAL B 240 -27.65 34.27 38.23
N ARG B 241 -27.15 33.07 37.96
CA ARG B 241 -27.50 32.42 36.70
C ARG B 241 -28.98 32.10 36.62
N ARG B 242 -29.60 31.72 37.74
CA ARG B 242 -31.03 31.43 37.72
C ARG B 242 -31.85 32.69 37.54
N ALA B 243 -31.35 33.83 38.03
CA ALA B 243 -32.00 35.10 37.75
C ALA B 243 -31.85 35.49 36.29
N TYR B 244 -30.68 35.23 35.70
CA TYR B 244 -30.51 35.38 34.25
C TYR B 244 -31.46 34.49 33.46
N ASP B 245 -31.81 33.32 34.02
CA ASP B 245 -32.67 32.38 33.32
C ASP B 245 -34.06 32.98 33.06
N ILE B 246 -34.53 33.85 33.96
CA ILE B 246 -35.83 34.48 33.75
C ILE B 246 -35.77 35.49 32.60
N ALA B 247 -34.77 36.37 32.62
CA ALA B 247 -34.60 37.32 31.54
C ALA B 247 -34.31 36.64 30.21
N GLY B 248 -33.82 35.41 30.24
CA GLY B 248 -33.59 34.66 29.02
C GLY B 248 -34.81 33.91 28.51
N SER B 249 -35.60 33.37 29.43
CA SER B 249 -36.75 32.55 29.03
C SER B 249 -37.97 33.40 28.75
N THR B 250 -38.28 34.34 29.63
CA THR B 250 -39.47 35.17 29.49
C THR B 250 -39.23 36.28 28.48
N LYS B 251 -40.34 36.83 27.97
CA LYS B 251 -40.31 37.90 26.99
C LYS B 251 -40.82 39.19 27.61
N ASP B 252 -40.17 40.30 27.24
CA ASP B 252 -40.55 41.64 27.72
C ASP B 252 -40.54 41.71 29.25
N VAL B 253 -39.58 41.03 29.85
CA VAL B 253 -39.42 41.00 31.31
C VAL B 253 -37.99 41.36 31.63
N LYS B 254 -37.80 42.40 32.44
CA LYS B 254 -36.48 42.88 32.83
C LYS B 254 -36.16 42.40 34.24
N VAL B 255 -35.11 41.61 34.37
CA VAL B 255 -34.66 41.08 35.66
C VAL B 255 -33.57 41.99 36.20
N PHE B 256 -33.74 42.45 37.44
CA PHE B 256 -32.77 43.31 38.11
C PHE B 256 -32.13 42.54 39.25
N LEU B 257 -30.82 42.74 39.41
CA LEU B 257 -30.04 42.09 40.45
C LEU B 257 -29.51 43.15 41.39
N ASN B 258 -30.03 43.18 42.62
CA ASN B 258 -29.63 44.14 43.64
C ASN B 258 -29.81 45.58 43.18
N GLY B 259 -30.84 45.82 42.36
CA GLY B 259 -31.14 47.15 41.87
C GLY B 259 -30.45 47.53 40.58
N ASN B 260 -29.57 46.67 40.06
CA ASN B 260 -28.84 46.96 38.83
C ASN B 260 -29.51 46.25 37.65
N LYS B 261 -29.58 46.94 36.51
CA LYS B 261 -30.20 46.37 35.32
C LYS B 261 -29.28 45.33 34.70
N LEU B 262 -29.84 44.16 34.39
CA LEU B 262 -29.06 43.08 33.80
C LEU B 262 -29.12 43.15 32.28
N PRO B 263 -27.98 43.13 31.59
CA PRO B 263 -28.01 43.32 30.13
C PRO B 263 -28.49 42.09 29.38
N VAL B 264 -29.75 41.72 29.56
CA VAL B 264 -30.37 40.61 28.85
C VAL B 264 -31.73 41.08 28.35
N LYS B 265 -31.92 41.05 27.03
CA LYS B 265 -33.15 41.47 26.38
C LYS B 265 -33.62 40.34 25.47
N GLY B 266 -34.45 39.46 26.02
CA GLY B 266 -34.96 38.33 25.25
C GLY B 266 -34.10 37.10 25.37
N PHE B 267 -34.43 36.12 24.53
CA PHE B 267 -33.70 34.84 24.53
C PHE B 267 -32.44 34.92 23.70
N ARG B 268 -32.43 35.75 22.65
CA ARG B 268 -31.24 35.87 21.80
C ARG B 268 -30.09 36.50 22.56
N SER B 269 -30.37 37.52 23.38
CA SER B 269 -29.31 38.13 24.18
C SER B 269 -28.79 37.16 25.24
N TYR B 270 -29.65 36.31 25.78
CA TYR B 270 -29.20 35.30 26.74
C TYR B 270 -28.35 34.24 26.07
N VAL B 271 -28.67 33.88 24.82
CA VAL B 271 -27.84 32.94 24.07
C VAL B 271 -26.49 33.57 23.76
N ASP B 272 -26.48 34.85 23.40
CA ASP B 272 -25.24 35.54 23.04
C ASP B 272 -24.24 35.56 24.19
N MET B 273 -24.70 35.41 25.44
CA MET B 273 -23.76 35.32 26.55
C MET B 273 -22.96 34.03 26.53
N TYR B 274 -23.49 32.99 25.88
CA TYR B 274 -22.83 31.69 25.81
C TYR B 274 -21.93 31.55 24.58
N LEU B 275 -21.87 32.56 23.71
CA LEU B 275 -20.98 32.57 22.56
C LEU B 275 -19.70 33.35 22.83
N LYS B 276 -19.23 33.35 24.08
CA LYS B 276 -18.06 34.15 24.43
C LYS B 276 -16.76 33.43 24.07
N ASP B 277 -16.53 32.26 24.67
CA ASP B 277 -15.28 31.51 24.50
C ASP B 277 -15.57 30.04 24.23
N LYS B 278 -16.52 29.78 23.32
CA LYS B 278 -16.86 28.42 22.92
C LYS B 278 -16.34 28.19 21.51
N LEU B 279 -15.22 27.47 21.41
CA LEU B 279 -14.57 27.20 20.14
C LEU B 279 -14.59 25.70 19.86
N ASP B 280 -14.06 25.32 18.69
CA ASP B 280 -14.01 23.92 18.30
C ASP B 280 -12.76 23.25 18.88
N GLU B 281 -12.74 21.92 18.82
CA GLU B 281 -11.58 21.18 19.31
C GLU B 281 -10.33 21.52 18.53
N THR B 282 -10.46 21.82 17.24
CA THR B 282 -9.32 22.20 16.42
C THR B 282 -8.99 23.69 16.49
N GLY B 283 -9.94 24.52 16.93
CA GLY B 283 -9.71 25.94 17.04
C GLY B 283 -10.58 26.76 16.11
N ASN B 284 -11.76 26.25 15.79
CA ASN B 284 -12.71 26.93 14.92
C ASN B 284 -13.86 27.50 15.73
N SER B 285 -14.53 28.50 15.17
CA SER B 285 -15.67 29.14 15.81
C SER B 285 -16.97 28.50 15.36
N LEU B 286 -18.01 28.71 16.17
CA LEU B 286 -19.33 28.18 15.88
C LEU B 286 -20.19 29.24 15.20
N LYS B 287 -21.10 28.77 14.34
CA LYS B 287 -21.95 29.66 13.58
C LYS B 287 -23.14 30.12 14.43
N VAL B 288 -23.85 31.12 13.92
CA VAL B 288 -24.98 31.72 14.61
C VAL B 288 -26.24 31.40 13.83
N ILE B 289 -27.14 30.64 14.45
CA ILE B 289 -28.42 30.27 13.85
C ILE B 289 -29.52 30.57 14.85
N HIS B 290 -30.50 31.37 14.45
CA HIS B 290 -31.59 31.77 15.31
C HIS B 290 -32.90 31.70 14.55
N GLU B 291 -33.96 31.35 15.25
CA GLU B 291 -35.29 31.25 14.65
C GLU B 291 -36.33 31.41 15.74
N GLN B 292 -37.40 32.14 15.43
CA GLN B 292 -38.53 32.33 16.33
C GLN B 292 -39.74 31.66 15.70
N VAL B 293 -40.04 30.44 16.16
CA VAL B 293 -41.18 29.71 15.62
C VAL B 293 -42.48 30.41 15.97
N ASN B 294 -42.74 30.57 17.27
CA ASN B 294 -43.95 31.24 17.74
C ASN B 294 -43.67 31.76 19.15
N HIS B 295 -44.72 32.17 19.85
CA HIS B 295 -44.60 32.68 21.21
C HIS B 295 -44.37 31.58 22.24
N ARG B 296 -44.24 30.32 21.81
CA ARG B 296 -44.00 29.21 22.73
C ARG B 296 -42.88 28.29 22.26
N TRP B 297 -42.17 28.65 21.20
CA TRP B 297 -41.08 27.80 20.70
C TRP B 297 -39.99 28.69 20.12
N GLU B 298 -38.74 28.26 20.30
CA GLU B 298 -37.58 28.96 19.77
C GLU B 298 -36.37 28.04 19.78
N VAL B 299 -35.70 27.90 18.63
CA VAL B 299 -34.63 26.94 18.46
C VAL B 299 -33.36 27.66 18.03
N CYS B 300 -32.24 27.31 18.67
CA CYS B 300 -30.92 27.82 18.31
C CYS B 300 -29.98 26.63 18.30
N LEU B 301 -29.38 26.34 17.14
CA LEU B 301 -28.58 25.14 16.96
C LEU B 301 -27.33 25.44 16.15
N THR B 302 -26.21 24.84 16.56
CA THR B 302 -24.97 24.86 15.80
C THR B 302 -24.07 23.74 16.33
N MET B 303 -22.80 23.77 15.93
CA MET B 303 -21.85 22.71 16.24
C MET B 303 -21.71 22.51 17.75
N SER B 304 -21.26 21.31 18.12
CA SER B 304 -20.98 20.97 19.51
C SER B 304 -19.72 20.11 19.54
N GLU B 305 -18.74 20.52 20.34
CA GLU B 305 -17.44 19.87 20.36
C GLU B 305 -17.25 18.93 21.55
N LYS B 306 -18.14 18.97 22.54
CA LYS B 306 -18.02 18.16 23.75
C LYS B 306 -19.31 17.39 24.00
N GLY B 307 -19.84 16.76 22.97
CA GLY B 307 -21.07 16.02 23.09
C GLY B 307 -22.30 16.91 23.07
N PHE B 308 -23.44 16.29 23.33
CA PHE B 308 -24.72 17.00 23.33
C PHE B 308 -24.82 17.87 24.57
N GLN B 309 -24.60 19.17 24.39
CA GLN B 309 -24.76 20.16 25.44
C GLN B 309 -25.99 21.00 25.16
N GLN B 310 -26.90 21.08 26.13
CA GLN B 310 -28.16 21.78 25.96
C GLN B 310 -28.50 22.57 27.21
N ILE B 311 -29.12 23.72 27.02
CA ILE B 311 -29.66 24.53 28.11
C ILE B 311 -31.08 24.90 27.69
N SER B 312 -32.05 24.13 28.15
CA SER B 312 -33.44 24.29 27.78
C SER B 312 -34.25 24.83 28.95
N PHE B 313 -35.45 25.31 28.62
CA PHE B 313 -36.36 25.89 29.60
C PHE B 313 -37.78 25.51 29.28
N VAL B 314 -38.48 24.97 30.28
CA VAL B 314 -39.88 24.58 30.17
C VAL B 314 -40.63 25.32 31.26
N ASN B 315 -41.38 26.35 30.87
CA ASN B 315 -42.16 27.18 31.81
C ASN B 315 -41.25 27.81 32.85
N SER B 316 -40.19 28.46 32.37
CA SER B 316 -39.22 29.16 33.22
C SER B 316 -38.56 28.20 34.22
N ILE B 317 -38.31 26.97 33.79
CA ILE B 317 -37.64 25.96 34.61
C ILE B 317 -36.52 25.36 33.79
N ALA B 318 -35.30 25.44 34.32
CA ALA B 318 -34.13 24.92 33.63
C ALA B 318 -34.07 23.40 33.76
N THR B 319 -34.05 22.70 32.63
CA THR B 319 -33.93 21.25 32.60
C THR B 319 -32.49 20.91 32.25
N SER B 320 -31.65 20.82 33.28
CA SER B 320 -30.23 20.57 33.07
C SER B 320 -29.96 19.15 32.60
N LYS B 321 -30.73 18.18 33.08
CA LYS B 321 -30.55 16.80 32.67
C LYS B 321 -31.10 16.51 31.28
N GLY B 322 -32.03 17.35 30.79
CA GLY B 322 -32.61 17.18 29.48
C GLY B 322 -34.12 16.96 29.57
N GLY B 323 -34.61 16.05 28.73
CA GLY B 323 -36.03 15.74 28.70
C GLY B 323 -36.54 15.43 27.32
N ARG B 324 -37.83 15.11 27.20
CA ARG B 324 -38.42 14.79 25.91
C ARG B 324 -38.80 16.03 25.11
N HIS B 325 -38.90 17.20 25.77
CA HIS B 325 -39.23 18.42 25.04
C HIS B 325 -38.12 18.83 24.09
N VAL B 326 -36.85 18.75 24.53
CA VAL B 326 -35.74 19.06 23.64
C VAL B 326 -35.55 17.95 22.61
N ASP B 327 -35.86 16.70 22.98
CA ASP B 327 -35.75 15.60 22.04
C ASP B 327 -36.79 15.71 20.93
N TYR B 328 -37.96 16.26 21.21
CA TYR B 328 -38.98 16.42 20.18
C TYR B 328 -38.49 17.26 19.00
N VAL B 329 -37.54 18.16 19.24
CA VAL B 329 -36.96 18.96 18.17
C VAL B 329 -35.64 18.37 17.68
N ALA B 330 -34.86 17.79 18.60
CA ALA B 330 -33.58 17.21 18.23
C ALA B 330 -33.75 16.05 17.26
N ASP B 331 -34.72 15.16 17.55
CA ASP B 331 -34.96 14.03 16.67
C ASP B 331 -35.49 14.48 15.31
N GLN B 332 -36.30 15.54 15.27
CA GLN B 332 -36.77 16.07 14.00
C GLN B 332 -35.61 16.62 13.17
N ILE B 333 -34.72 17.37 13.81
CA ILE B 333 -33.56 17.91 13.09
C ILE B 333 -32.66 16.79 12.60
N VAL B 334 -32.46 15.76 13.43
CA VAL B 334 -31.63 14.62 13.03
C VAL B 334 -32.28 13.88 11.86
N THR B 335 -33.61 13.74 11.89
CA THR B 335 -34.31 13.08 10.79
C THR B 335 -34.15 13.88 9.50
N LYS B 336 -34.27 15.20 9.57
CA LYS B 336 -34.07 16.02 8.38
C LYS B 336 -32.64 15.91 7.86
N LEU B 337 -31.64 15.95 8.74
CA LEU B 337 -30.25 15.80 8.32
C LEU B 337 -29.99 14.44 7.68
N VAL B 338 -30.55 13.38 8.26
CA VAL B 338 -30.36 12.05 7.68
C VAL B 338 -31.07 11.93 6.34
N ASP B 339 -32.25 12.55 6.20
CA ASP B 339 -32.95 12.55 4.93
C ASP B 339 -32.15 13.30 3.86
N VAL B 340 -31.43 14.35 4.26
CA VAL B 340 -30.57 15.04 3.30
C VAL B 340 -29.36 14.19 2.94
N VAL B 341 -28.74 13.55 3.94
CA VAL B 341 -27.51 12.80 3.70
C VAL B 341 -27.79 11.57 2.85
N LYS B 342 -28.88 10.85 3.13
CA LYS B 342 -29.22 9.68 2.34
C LYS B 342 -29.49 10.02 0.88
N LYS B 343 -29.97 11.23 0.60
CA LYS B 343 -30.07 11.70 -0.76
C LYS B 343 -28.71 12.08 -1.32
N LYS B 344 -27.83 12.64 -0.48
CA LYS B 344 -26.46 12.92 -0.93
C LYS B 344 -25.66 11.64 -1.08
N ASN B 345 -26.00 10.59 -0.35
CA ASN B 345 -25.29 9.32 -0.44
C ASN B 345 -25.77 8.53 -1.65
N VAL B 351 -28.08 3.99 8.98
CA VAL B 351 -27.86 5.26 9.65
C VAL B 351 -28.79 5.37 10.86
N LYS B 352 -28.21 5.60 12.03
CA LYS B 352 -28.95 5.73 13.28
C LYS B 352 -28.95 7.19 13.73
N ALA B 353 -29.53 7.43 14.91
CA ALA B 353 -29.68 8.78 15.45
C ALA B 353 -29.14 8.89 16.87
N HIS B 354 -28.18 8.04 17.25
CA HIS B 354 -27.66 8.06 18.61
C HIS B 354 -26.36 8.85 18.73
N GLN B 355 -25.58 8.94 17.65
CA GLN B 355 -24.36 9.75 17.67
C GLN B 355 -24.53 11.11 17.00
N VAL B 356 -25.56 11.28 16.17
CA VAL B 356 -25.83 12.59 15.58
C VAL B 356 -26.22 13.59 16.66
N LYS B 357 -26.86 13.12 17.72
CA LYS B 357 -27.23 14.00 18.83
C LYS B 357 -26.00 14.60 19.50
N ASN B 358 -24.88 13.87 19.50
CA ASN B 358 -23.65 14.36 20.12
C ASN B 358 -23.03 15.55 19.39
N HIS B 359 -23.46 15.82 18.15
CA HIS B 359 -22.93 16.93 17.37
C HIS B 359 -23.93 18.07 17.26
N MET B 360 -24.70 18.31 18.33
CA MET B 360 -25.73 19.34 18.33
C MET B 360 -25.60 20.21 19.57
N TRP B 361 -25.73 21.52 19.38
CA TRP B 361 -25.76 22.49 20.48
C TRP B 361 -27.09 23.23 20.36
N ILE B 362 -28.13 22.65 20.94
CA ILE B 362 -29.50 23.10 20.71
C ILE B 362 -30.05 23.74 21.98
N PHE B 363 -30.83 24.80 21.79
CA PHE B 363 -31.54 25.48 22.85
C PHE B 363 -33.04 25.40 22.60
N VAL B 364 -33.80 25.24 23.68
CA VAL B 364 -35.26 25.16 23.61
C VAL B 364 -35.83 26.07 24.69
N ASN B 365 -36.78 26.91 24.32
CA ASN B 365 -37.47 27.81 25.25
C ASN B 365 -38.97 27.61 25.02
N ALA B 366 -39.57 26.64 25.71
CA ALA B 366 -40.93 26.24 25.42
C ALA B 366 -41.83 26.46 26.62
N LEU B 367 -43.14 26.50 26.34
CA LEU B 367 -44.18 26.70 27.35
C LEU B 367 -45.25 25.63 27.10
N ILE B 368 -45.13 24.50 27.80
CA ILE B 368 -46.04 23.36 27.60
C ILE B 368 -47.13 23.42 28.66
N GLU B 369 -48.37 23.16 28.23
CA GLU B 369 -49.51 23.12 29.15
C GLU B 369 -49.39 21.93 30.08
N ASN B 370 -49.27 22.20 31.38
CA ASN B 370 -49.21 21.16 32.42
C ASN B 370 -48.08 20.17 32.17
N PRO B 371 -46.82 20.57 32.32
CA PRO B 371 -45.72 19.65 32.09
C PRO B 371 -45.64 18.59 33.18
N THR B 372 -44.91 17.52 32.87
CA THR B 372 -44.70 16.40 33.78
C THR B 372 -43.21 16.19 33.98
N PHE B 373 -42.78 16.13 35.23
CA PHE B 373 -41.39 15.93 35.58
C PHE B 373 -41.24 14.74 36.51
N ASP B 374 -40.04 14.14 36.49
CA ASP B 374 -39.78 12.96 37.31
C ASP B 374 -39.45 13.34 38.74
N SER B 375 -38.39 14.12 38.94
CA SER B 375 -37.94 14.50 40.26
C SER B 375 -38.54 15.85 40.67
N GLN B 376 -38.24 16.28 41.89
CA GLN B 376 -38.75 17.55 42.39
C GLN B 376 -38.02 18.75 41.79
N THR B 377 -36.76 18.57 41.36
CA THR B 377 -36.03 19.67 40.75
C THR B 377 -36.59 20.05 39.38
N LYS B 378 -37.42 19.19 38.78
CA LYS B 378 -38.06 19.45 37.49
C LYS B 378 -37.02 19.71 36.40
N GLU B 379 -36.06 18.79 36.28
CA GLU B 379 -35.02 18.87 35.27
C GLU B 379 -35.10 17.76 34.23
N ASN B 380 -36.21 17.02 34.21
CA ASN B 380 -36.38 15.95 33.24
C ASN B 380 -37.87 15.86 32.90
N MET B 381 -38.21 16.24 31.67
CA MET B 381 -39.60 16.24 31.20
C MET B 381 -39.87 14.96 30.42
N THR B 382 -40.89 14.22 30.84
CA THR B 382 -41.25 12.94 30.24
C THR B 382 -42.71 12.95 29.77
N LEU B 383 -43.12 14.03 29.12
CA LEU B 383 -44.49 14.15 28.64
C LEU B 383 -44.59 13.68 27.19
N GLN B 384 -45.73 13.09 26.84
CA GLN B 384 -45.93 12.56 25.51
C GLN B 384 -46.04 13.67 24.49
N PRO B 385 -45.60 13.43 23.25
CA PRO B 385 -45.64 14.50 22.22
C PRO B 385 -47.06 14.92 21.85
N LYS B 386 -48.03 14.02 21.95
CA LYS B 386 -49.39 14.36 21.53
C LYS B 386 -50.02 15.40 22.46
N SER B 387 -49.62 15.43 23.72
CA SER B 387 -50.18 16.35 24.70
C SER B 387 -49.27 17.58 24.87
N PHE B 388 -49.15 18.35 23.79
CA PHE B 388 -48.42 19.61 23.80
C PHE B 388 -49.31 20.82 23.59
N GLY B 389 -50.29 20.73 22.70
CA GLY B 389 -51.14 21.86 22.37
C GLY B 389 -50.54 22.84 21.38
N SER B 390 -49.25 22.71 21.07
CA SER B 390 -48.60 23.60 20.11
C SER B 390 -47.39 22.87 19.54
N THR B 391 -47.42 22.53 18.25
CA THR B 391 -46.31 21.71 17.69
C THR B 391 -45.11 22.61 17.38
N CYS B 392 -43.89 22.06 17.50
CA CYS B 392 -42.70 22.86 17.10
C CYS B 392 -42.32 22.44 15.68
N GLN B 393 -42.42 23.38 14.74
CA GLN B 393 -42.08 23.09 13.32
C GLN B 393 -41.02 24.10 12.86
N LEU B 394 -39.96 23.63 12.20
CA LEU B 394 -38.88 24.57 11.78
C LEU B 394 -39.15 25.02 10.34
N SER B 395 -39.25 26.33 10.13
CA SER B 395 -39.53 26.88 8.78
C SER B 395 -38.31 26.67 7.88
N GLU B 396 -38.54 26.55 6.57
CA GLU B 396 -37.42 26.36 5.60
C GLU B 396 -36.34 27.41 5.88
N LYS B 397 -36.72 28.60 6.35
CA LYS B 397 -35.72 29.65 6.69
C LYS B 397 -34.59 29.03 7.54
N PHE B 398 -34.94 28.30 8.61
CA PHE B 398 -33.91 27.71 9.48
C PHE B 398 -32.92 26.89 8.67
N ILE B 399 -33.38 26.15 7.67
CA ILE B 399 -32.46 25.27 6.86
C ILE B 399 -31.53 26.15 6.02
N LYS B 400 -32.03 27.27 5.51
CA LYS B 400 -31.20 28.21 4.70
C LYS B 400 -30.08 28.79 5.56
N ALA B 401 -30.39 29.10 6.82
CA ALA B 401 -29.35 29.63 7.74
C ALA B 401 -28.27 28.56 7.88
N ALA B 402 -28.66 27.29 8.05
CA ALA B 402 -27.69 26.17 8.19
C ALA B 402 -26.84 26.08 6.92
N ILE B 403 -27.43 26.26 5.74
CA ILE B 403 -26.70 26.04 4.45
C ILE B 403 -25.35 26.78 4.48
N GLY B 404 -25.37 28.10 4.67
CA GLY B 404 -24.13 28.89 4.72
C GLY B 404 -23.26 28.45 5.88
N CYS B 405 -23.89 28.10 7.01
CA CYS B 405 -23.15 27.69 8.23
C CYS B 405 -22.41 26.37 8.00
N GLY B 406 -21.26 26.19 8.65
CA GLY B 406 -20.45 24.98 8.43
C GLY B 406 -21.03 23.79 9.16
N ILE B 407 -22.14 23.98 9.88
CA ILE B 407 -22.69 22.86 10.69
C ILE B 407 -23.09 21.71 9.75
N VAL B 408 -23.75 22.01 8.63
CA VAL B 408 -24.19 20.96 7.67
C VAL B 408 -22.96 20.25 7.10
N GLU B 409 -21.91 21.01 6.77
CA GLU B 409 -20.67 20.42 6.21
C GLU B 409 -20.05 19.47 7.22
N SER B 410 -20.00 19.87 8.50
CA SER B 410 -19.37 19.02 9.54
C SER B 410 -20.25 17.82 9.79
N ILE B 411 -21.57 17.98 9.58
CA ILE B 411 -22.47 16.80 9.73
C ILE B 411 -22.09 15.74 8.68
N LEU B 412 -22.00 16.14 7.41
CA LEU B 412 -21.75 15.15 6.33
C LEU B 412 -20.41 14.42 6.54
N ASN B 413 -19.34 15.15 6.87
CA ASN B 413 -18.01 14.47 7.00
C ASN B 413 -18.05 13.48 8.16
N TRP B 414 -18.70 13.87 9.27
CA TRP B 414 -18.81 12.94 10.43
C TRP B 414 -19.64 11.70 10.03
N VAL B 415 -20.70 11.88 9.26
CA VAL B 415 -21.53 10.72 8.81
C VAL B 415 -20.61 9.79 8.01
N LYS B 416 -19.74 10.36 7.17
CA LYS B 416 -18.82 9.53 6.34
C LYS B 416 -17.89 8.73 7.23
N PHE B 417 -17.44 9.32 8.34
CA PHE B 417 -16.53 8.63 9.29
C PHE B 417 -17.31 7.58 10.10
N LYS B 418 -18.52 7.93 10.53
CA LYS B 418 -19.37 6.96 11.28
C LYS B 418 -19.66 5.77 10.38
N ALA B 419 -19.95 6.03 9.09
CA ALA B 419 -20.23 4.94 8.13
C ALA B 419 -18.99 4.05 7.99
N GLN B 420 -17.80 4.65 7.94
CA GLN B 420 -16.54 3.87 7.84
C GLN B 420 -16.37 3.00 9.09
N VAL B 421 -16.68 3.55 10.27
CA VAL B 421 -16.56 2.77 11.53
C VAL B 421 -17.54 1.60 11.47
N GLN B 422 -18.75 1.85 10.97
CA GLN B 422 -19.78 0.78 10.86
C GLN B 422 -19.28 -0.31 9.92
N LEU B 423 -18.66 0.08 8.80
CA LEU B 423 -18.12 -0.89 7.82
C LEU B 423 -17.02 -1.72 8.48
N ASN B 424 -16.17 -1.07 9.27
CA ASN B 424 -15.07 -1.78 9.97
C ASN B 424 -15.69 -2.80 10.93
N LYS B 425 -16.75 -2.41 11.65
CA LYS B 425 -17.44 -3.34 12.58
C LYS B 425 -18.04 -4.52 11.81
N LYS B 426 -18.63 -4.26 10.63
CA LYS B 426 -19.34 -5.31 9.86
C LYS B 426 -18.36 -6.28 9.18
N CYS B 427 -17.51 -5.76 8.29
CA CYS B 427 -16.55 -6.64 7.55
C CYS B 427 -15.72 -7.41 8.58
N SER B 428 -15.29 -6.78 9.67
CA SER B 428 -14.53 -7.47 10.74
C SER B 428 -15.39 -8.55 11.41
N ALA B 429 -16.69 -8.32 11.56
CA ALA B 429 -17.57 -9.35 12.14
C ALA B 429 -17.53 -10.61 11.27
N VAL B 430 -17.55 -10.43 9.94
CA VAL B 430 -17.42 -11.60 9.02
C VAL B 430 -16.03 -12.21 9.23
N LYS B 431 -14.98 -11.38 9.19
CA LYS B 431 -13.58 -11.85 9.38
C LYS B 431 -13.26 -11.79 10.88
N HIS B 432 -13.93 -12.63 11.69
CA HIS B 432 -13.63 -12.70 13.14
C HIS B 432 -12.11 -12.71 13.36
N ASN B 433 -11.45 -13.82 13.04
CA ASN B 433 -9.97 -13.88 13.13
C ASN B 433 -9.37 -13.94 11.71
N ARG B 434 -10.21 -13.79 10.69
CA ARG B 434 -9.73 -13.81 9.27
C ARG B 434 -9.00 -12.48 9.00
N ILE B 435 -8.25 -12.38 7.89
CA ILE B 435 -7.42 -11.17 7.68
C ILE B 435 -7.85 -10.49 6.37
N LYS B 436 -7.89 -9.14 6.36
CA LYS B 436 -8.30 -8.39 5.15
C LYS B 436 -7.35 -7.22 4.87
N GLY B 437 -6.22 -7.12 5.59
CA GLY B 437 -5.34 -5.96 5.40
C GLY B 437 -4.56 -5.98 4.09
N ILE B 438 -3.84 -7.06 3.83
CA ILE B 438 -3.03 -7.14 2.59
C ILE B 438 -3.59 -8.28 1.75
N PRO B 439 -3.83 -8.08 0.44
CA PRO B 439 -4.30 -9.19 -0.41
C PRO B 439 -3.23 -10.22 -0.76
N LYS B 440 -1.96 -9.89 -0.55
CA LYS B 440 -0.87 -10.82 -0.93
C LYS B 440 -0.87 -12.06 -0.04
N LEU B 441 -1.49 -11.98 1.13
CA LEU B 441 -1.48 -13.14 2.05
C LEU B 441 -2.40 -14.23 1.52
N ASP B 442 -1.93 -15.48 1.55
CA ASP B 442 -2.75 -16.62 1.11
C ASP B 442 -3.54 -17.10 2.34
N ASP B 443 -4.78 -16.65 2.46
CA ASP B 443 -5.57 -17.01 3.65
C ASP B 443 -5.91 -18.50 3.59
N ALA B 444 -5.59 -19.22 4.67
CA ALA B 444 -5.90 -20.66 4.71
C ALA B 444 -7.38 -20.88 5.03
N ASN B 445 -7.85 -22.11 4.85
CA ASN B 445 -9.25 -22.45 5.16
C ASN B 445 -9.51 -22.40 6.67
N ASP B 446 -8.54 -22.83 7.47
CA ASP B 446 -8.73 -22.89 8.94
C ASP B 446 -8.05 -21.71 9.63
N ALA B 447 -7.61 -20.71 8.85
CA ALA B 447 -6.88 -19.58 9.45
C ALA B 447 -7.91 -18.69 10.14
N GLY B 448 -7.98 -18.80 11.47
CA GLY B 448 -8.93 -17.98 12.26
C GLY B 448 -10.05 -18.79 12.88
N GLY B 449 -10.14 -20.08 12.55
CA GLY B 449 -11.24 -20.91 13.06
C GLY B 449 -10.73 -22.00 13.98
N ARG B 450 -11.29 -23.20 13.84
CA ARG B 450 -10.86 -24.34 14.68
C ARG B 450 -9.53 -24.91 14.20
N ASN B 451 -8.94 -25.76 15.04
CA ASN B 451 -7.64 -26.41 14.68
C ASN B 451 -6.57 -25.34 14.46
N SER B 452 -6.52 -24.35 15.33
CA SER B 452 -5.50 -23.27 15.22
C SER B 452 -4.11 -23.85 15.42
N THR B 453 -3.98 -24.87 16.26
CA THR B 453 -2.65 -25.50 16.50
C THR B 453 -2.15 -26.18 15.23
N GLU B 454 -3.06 -26.71 14.41
CA GLU B 454 -2.65 -27.44 13.19
C GLU B 454 -2.41 -26.48 12.02
N CYS B 455 -2.76 -25.20 12.18
CA CYS B 455 -2.58 -24.23 11.08
C CYS B 455 -1.08 -23.99 10.86
N THR B 456 -0.66 -24.05 9.60
CA THR B 456 0.78 -23.89 9.26
C THR B 456 0.98 -22.62 8.47
N LEU B 457 1.85 -21.74 8.97
CA LEU B 457 2.17 -20.49 8.24
C LEU B 457 3.52 -20.66 7.55
N ILE B 458 3.52 -20.54 6.23
CA ILE B 458 4.77 -20.73 5.44
C ILE B 458 5.28 -19.35 5.03
N LEU B 459 6.58 -19.13 5.23
CA LEU B 459 7.20 -17.86 4.79
C LEU B 459 8.08 -18.16 3.58
N THR B 460 7.80 -17.47 2.48
CA THR B 460 8.55 -17.71 1.23
C THR B 460 9.34 -16.46 0.88
N GLU B 461 10.65 -16.62 0.73
CA GLU B 461 11.51 -15.46 0.36
C GLU B 461 11.27 -15.09 -1.09
N GLY B 462 11.51 -13.82 -1.41
CA GLY B 462 11.33 -13.37 -2.81
C GLY B 462 9.88 -13.39 -3.23
N ASP B 463 9.66 -13.50 -4.53
CA ASP B 463 8.27 -13.51 -5.07
C ASP B 463 8.00 -14.72 -5.96
N SER B 464 9.04 -15.29 -6.59
CA SER B 464 8.85 -16.51 -7.42
C SER B 464 8.46 -17.69 -6.54
N ALA B 465 8.92 -17.70 -5.29
CA ALA B 465 8.58 -18.80 -4.37
C ALA B 465 7.07 -18.83 -4.14
N LYS B 466 6.43 -17.66 -4.12
CA LYS B 466 4.96 -17.63 -3.94
C LYS B 466 4.28 -18.34 -5.13
N THR B 467 4.75 -18.06 -6.35
CA THR B 467 4.18 -18.73 -7.53
C THR B 467 4.44 -20.23 -7.45
N LEU B 468 5.65 -20.61 -7.02
CA LEU B 468 5.98 -22.05 -6.93
C LEU B 468 5.06 -22.72 -5.89
N ALA B 469 4.82 -22.05 -4.76
CA ALA B 469 3.93 -22.63 -3.72
C ALA B 469 2.50 -22.75 -4.25
N VAL B 470 2.04 -21.73 -4.96
CA VAL B 470 0.66 -21.76 -5.51
C VAL B 470 0.55 -22.92 -6.50
N SER B 471 1.59 -23.11 -7.32
CA SER B 471 1.58 -24.20 -8.33
C SER B 471 1.69 -25.57 -7.67
N GLY B 472 2.39 -25.66 -6.53
CA GLY B 472 2.62 -26.98 -5.92
C GLY B 472 1.58 -27.42 -4.92
N LEU B 473 1.07 -26.51 -4.09
CA LEU B 473 0.14 -26.91 -3.00
C LEU B 473 -1.22 -27.30 -3.55
N GLY B 474 -1.47 -27.07 -4.84
CA GLY B 474 -2.76 -27.45 -5.45
C GLY B 474 -2.99 -28.95 -5.38
N VAL B 475 -1.92 -29.74 -5.28
CA VAL B 475 -2.06 -31.22 -5.22
C VAL B 475 -2.15 -31.67 -3.76
N VAL B 476 -1.36 -31.06 -2.87
CA VAL B 476 -1.36 -31.56 -1.47
C VAL B 476 -2.62 -31.12 -0.72
N GLY B 477 -2.86 -29.82 -0.67
CA GLY B 477 -4.04 -29.33 0.06
C GLY B 477 -4.00 -27.84 0.26
N ARG B 478 -5.09 -27.29 0.79
CA ARG B 478 -5.15 -25.83 1.04
C ARG B 478 -5.67 -25.52 2.45
N ASP B 479 -6.06 -26.53 3.22
CA ASP B 479 -6.67 -26.25 4.55
C ASP B 479 -5.64 -25.76 5.57
N LYS B 480 -4.59 -26.54 5.78
CA LYS B 480 -3.57 -26.18 6.80
C LYS B 480 -2.34 -25.63 6.08
N TYR B 481 -2.54 -24.64 5.23
CA TYR B 481 -1.42 -24.03 4.49
C TYR B 481 -1.71 -22.56 4.25
N GLY B 482 -0.98 -21.69 4.94
CA GLY B 482 -1.11 -20.25 4.68
C GLY B 482 0.23 -19.70 4.25
N VAL B 483 0.34 -19.27 2.99
CA VAL B 483 1.65 -18.84 2.43
C VAL B 483 1.76 -17.32 2.47
N PHE B 484 2.91 -16.82 2.88
CA PHE B 484 3.14 -15.36 2.87
C PHE B 484 4.51 -15.10 2.22
N PRO B 485 4.58 -14.24 1.19
CA PRO B 485 5.86 -13.91 0.58
C PRO B 485 6.70 -12.97 1.44
N LEU B 486 8.02 -13.13 1.35
CA LEU B 486 8.94 -12.27 2.13
C LEU B 486 9.55 -11.22 1.21
N ARG B 487 9.92 -10.08 1.77
CA ARG B 487 10.51 -8.98 0.97
C ARG B 487 12.03 -9.09 0.90
N GLY B 488 12.69 -9.30 2.05
CA GLY B 488 14.17 -9.32 2.05
C GLY B 488 14.71 -9.26 3.46
N LYS B 489 15.62 -8.32 3.69
CA LYS B 489 16.25 -8.20 5.02
C LYS B 489 15.20 -7.85 6.07
N ILE B 490 15.40 -8.33 7.30
CA ILE B 490 14.45 -8.06 8.40
C ILE B 490 15.10 -7.07 9.36
N LEU B 491 14.33 -6.11 9.83
CA LEU B 491 14.87 -5.11 10.77
C LEU B 491 15.29 -5.80 12.07
N ASN B 492 16.48 -5.46 12.54
CA ASN B 492 16.99 -6.08 13.78
C ASN B 492 16.30 -5.39 14.96
N VAL B 493 15.47 -6.13 15.69
CA VAL B 493 14.71 -5.51 16.82
C VAL B 493 15.50 -5.62 18.12
N ARG B 494 16.59 -6.38 18.13
CA ARG B 494 17.34 -6.57 19.39
C ARG B 494 18.02 -5.25 19.78
N GLU B 495 18.52 -4.51 18.80
CA GLU B 495 19.16 -3.19 19.06
C GLU B 495 18.51 -2.15 18.17
N ALA B 496 17.40 -1.59 18.64
CA ALA B 496 16.71 -0.56 17.85
C ALA B 496 15.90 0.31 18.80
N SER B 497 15.67 1.56 18.41
CA SER B 497 14.85 2.47 19.25
C SER B 497 13.38 2.06 19.17
N HIS B 498 12.59 2.52 20.14
CA HIS B 498 11.15 2.18 20.15
C HIS B 498 10.49 2.73 18.89
N LYS B 499 10.89 3.92 18.47
CA LYS B 499 10.34 4.51 17.23
C LYS B 499 10.72 3.65 16.02
N GLN B 500 11.93 3.10 16.04
CA GLN B 500 12.41 2.28 14.89
C GLN B 500 11.60 1.00 14.78
N ILE B 501 11.14 0.45 15.91
CA ILE B 501 10.40 -0.84 15.87
C ILE B 501 9.10 -0.67 15.08
N MET B 502 8.46 0.49 15.20
CA MET B 502 7.14 0.69 14.57
C MET B 502 7.26 1.32 13.18
N GLU B 503 8.40 1.12 12.51
CA GLU B 503 8.60 1.73 11.18
C GLU B 503 8.18 0.78 10.06
N ASN B 504 8.71 -0.45 10.06
CA ASN B 504 8.43 -1.37 8.93
C ASN B 504 7.02 -1.89 9.10
N ALA B 505 6.17 -1.65 8.11
CA ALA B 505 4.76 -2.10 8.18
C ALA B 505 4.70 -3.63 8.10
N GLU B 506 5.60 -4.23 7.33
CA GLU B 506 5.56 -5.70 7.16
C GLU B 506 5.84 -6.41 8.49
N ILE B 507 6.82 -5.92 9.24
CA ILE B 507 7.13 -6.54 10.55
C ILE B 507 5.91 -6.41 11.46
N ASN B 508 5.26 -5.26 11.44
CA ASN B 508 4.06 -5.06 12.28
C ASN B 508 2.94 -6.00 11.82
N ASN B 509 2.81 -6.18 10.51
CA ASN B 509 1.76 -7.06 9.96
C ASN B 509 2.04 -8.53 10.29
N ILE B 510 3.31 -8.87 10.52
CA ILE B 510 3.63 -10.26 10.92
C ILE B 510 2.90 -10.59 12.22
N ILE B 511 2.88 -9.66 13.16
CA ILE B 511 2.15 -9.90 14.44
C ILE B 511 0.66 -10.04 14.16
N LYS B 512 0.12 -9.18 13.29
CA LYS B 512 -1.34 -9.23 13.01
C LYS B 512 -1.67 -10.59 12.39
N ILE B 513 -0.78 -11.11 11.54
CA ILE B 513 -1.00 -12.45 10.95
C ILE B 513 -0.89 -13.53 12.04
N VAL B 514 0.11 -13.43 12.89
CA VAL B 514 0.30 -14.50 13.90
C VAL B 514 -0.61 -14.26 15.11
N GLY B 515 -0.51 -13.08 15.74
CA GLY B 515 -1.32 -12.80 16.94
C GLY B 515 -0.48 -12.70 18.20
N LEU B 516 0.79 -12.34 18.04
CA LEU B 516 1.69 -12.26 19.23
C LEU B 516 1.34 -11.06 20.11
N GLN B 517 1.61 -11.20 21.41
CA GLN B 517 1.42 -10.09 22.36
C GLN B 517 2.69 -9.96 23.19
N TYR B 518 3.29 -8.79 23.19
CA TYR B 518 4.59 -8.60 23.88
C TYR B 518 4.46 -8.80 25.39
N LYS B 519 3.36 -8.34 25.96
CA LYS B 519 3.22 -8.38 27.44
C LYS B 519 2.48 -9.64 27.88
N LYS B 520 2.49 -10.69 27.05
CA LYS B 520 1.84 -11.96 27.47
C LYS B 520 2.80 -13.12 27.24
N ASN B 521 2.94 -13.98 28.25
CA ASN B 521 3.83 -15.15 28.14
C ASN B 521 3.07 -16.30 27.49
N TYR B 522 3.60 -16.82 26.39
CA TYR B 522 2.94 -17.95 25.70
C TYR B 522 3.53 -19.26 26.21
N GLU B 523 3.27 -19.59 27.48
CA GLU B 523 3.82 -20.82 28.08
C GLU B 523 2.79 -21.96 28.06
N ASP B 524 1.54 -21.67 28.41
CA ASP B 524 0.50 -22.71 28.48
C ASP B 524 0.04 -23.12 27.09
N GLU B 525 -0.46 -24.35 26.95
CA GLU B 525 -0.91 -24.84 25.63
C GLU B 525 -2.07 -24.00 25.12
N ASP B 526 -2.90 -23.49 26.02
CA ASP B 526 -4.03 -22.62 25.61
C ASP B 526 -3.48 -21.35 24.95
N SER B 527 -2.38 -20.84 25.46
CA SER B 527 -1.76 -19.64 24.86
C SER B 527 -1.29 -19.95 23.43
N LEU B 528 -0.74 -21.15 23.22
CA LEU B 528 -0.33 -21.57 21.86
C LEU B 528 -1.57 -21.73 20.96
N LYS B 529 -2.63 -22.29 21.51
CA LYS B 529 -3.88 -22.46 20.72
C LYS B 529 -4.47 -21.11 20.38
N THR B 530 -4.26 -20.11 21.23
CA THR B 530 -4.81 -18.76 20.98
C THR B 530 -4.25 -18.21 19.67
N LEU B 531 -2.99 -18.50 19.38
CA LEU B 531 -2.36 -17.99 18.14
C LEU B 531 -3.07 -18.55 16.91
N ARG B 532 -3.07 -17.77 15.83
CA ARG B 532 -3.74 -18.19 14.58
C ARG B 532 -3.01 -19.35 13.91
N TYR B 533 -1.75 -19.57 14.25
CA TYR B 533 -0.97 -20.67 13.65
C TYR B 533 -0.23 -21.43 14.74
N GLY B 534 0.17 -22.66 14.41
CA GLY B 534 0.88 -23.48 15.40
C GLY B 534 2.32 -23.75 15.00
N LYS B 535 2.60 -23.74 13.70
CA LYS B 535 3.96 -24.03 13.22
C LYS B 535 4.35 -23.01 12.15
N ILE B 536 5.62 -22.64 12.15
CA ILE B 536 6.13 -21.68 11.15
C ILE B 536 7.20 -22.39 10.33
N MET B 537 6.94 -22.52 9.03
CA MET B 537 7.91 -23.18 8.13
C MET B 537 8.49 -22.13 7.20
N ILE B 538 9.81 -21.98 7.24
CA ILE B 538 10.50 -21.02 6.33
C ILE B 538 11.28 -21.83 5.30
N MET B 539 11.30 -21.33 4.07
CA MET B 539 12.03 -22.02 2.98
C MET B 539 12.93 -21.02 2.26
N THR B 540 14.16 -21.45 1.97
CA THR B 540 15.12 -20.58 1.28
C THR B 540 15.88 -21.43 0.27
N ASP B 541 16.77 -20.81 -0.48
CA ASP B 541 17.61 -21.55 -1.44
C ASP B 541 18.82 -22.16 -0.75
N GLN B 542 19.58 -22.96 -1.48
CA GLN B 542 20.80 -23.59 -0.91
C GLN B 542 21.93 -22.56 -0.79
N ASP B 543 21.71 -21.34 -1.27
CA ASP B 543 22.75 -20.30 -1.15
C ASP B 543 22.84 -19.85 0.30
N GLN B 544 23.83 -19.01 0.60
CA GLN B 544 24.04 -18.56 1.99
C GLN B 544 23.11 -17.39 2.35
N ASP B 545 22.40 -16.83 1.37
CA ASP B 545 21.56 -15.64 1.65
C ASP B 545 20.44 -15.96 2.63
N GLY B 546 19.83 -17.14 2.50
CA GLY B 546 18.73 -17.51 3.38
C GLY B 546 19.16 -17.63 4.83
N SER B 547 20.46 -17.89 5.05
CA SER B 547 20.97 -18.01 6.44
C SER B 547 20.73 -16.70 7.19
N HIS B 548 20.97 -15.57 6.53
CA HIS B 548 20.78 -14.26 7.20
C HIS B 548 19.31 -14.07 7.55
N ILE B 549 18.42 -14.43 6.63
CA ILE B 549 16.97 -14.25 6.88
C ILE B 549 16.56 -15.15 8.05
N LYS B 550 17.05 -16.39 8.07
CA LYS B 550 16.68 -17.32 9.15
C LYS B 550 17.21 -16.79 10.49
N GLY B 551 18.43 -16.27 10.48
CA GLY B 551 19.00 -15.72 11.71
C GLY B 551 18.23 -14.53 12.21
N LEU B 552 17.83 -13.64 11.29
CA LEU B 552 17.03 -12.45 11.68
C LEU B 552 15.69 -12.90 12.23
N LEU B 553 15.09 -13.92 11.63
CA LEU B 553 13.79 -14.42 12.15
C LEU B 553 13.96 -15.01 13.54
N ILE B 554 15.02 -15.79 13.74
CA ILE B 554 15.25 -16.41 15.08
C ILE B 554 15.51 -15.30 16.09
N ASN B 555 16.22 -14.25 15.68
CA ASN B 555 16.46 -13.12 16.60
C ASN B 555 15.14 -12.44 16.93
N PHE B 556 14.30 -12.22 15.92
CA PHE B 556 13.03 -11.50 16.16
C PHE B 556 12.16 -12.33 17.11
N ILE B 557 12.16 -13.65 16.94
CA ILE B 557 11.30 -14.49 17.80
C ILE B 557 11.88 -14.62 19.22
N HIS B 558 13.16 -14.94 19.34
CA HIS B 558 13.74 -15.22 20.68
C HIS B 558 13.89 -13.95 21.50
N HIS B 559 13.96 -12.80 20.86
CA HIS B 559 14.21 -11.55 21.61
C HIS B 559 13.08 -11.26 22.59
N ASN B 560 11.87 -11.72 22.27
CA ASN B 560 10.71 -11.41 23.15
C ASN B 560 10.01 -12.69 23.61
N TRP B 561 10.14 -13.77 22.85
CA TRP B 561 9.47 -15.04 23.21
C TRP B 561 10.48 -16.18 23.17
N PRO B 562 11.37 -16.31 24.18
CA PRO B 562 12.27 -17.45 24.22
C PRO B 562 11.55 -18.78 24.48
N SER B 563 10.53 -18.76 25.33
CA SER B 563 9.87 -20.03 25.74
C SER B 563 9.21 -20.73 24.55
N LEU B 564 8.96 -20.01 23.46
CA LEU B 564 8.31 -20.63 22.28
C LEU B 564 9.32 -21.43 21.45
N LEU B 565 10.57 -21.48 21.89
CA LEU B 565 11.60 -22.22 21.13
C LEU B 565 11.66 -23.68 21.59
N ARG B 566 10.65 -24.16 22.31
CA ARG B 566 10.68 -25.57 22.77
C ARG B 566 9.35 -26.29 22.53
N HIS B 567 8.46 -25.71 21.72
CA HIS B 567 7.12 -26.32 21.54
C HIS B 567 6.84 -26.64 20.06
N ARG B 568 7.88 -27.01 19.31
CA ARG B 568 7.71 -27.37 17.88
C ARG B 568 7.09 -26.19 17.12
N PHE B 569 7.53 -24.98 17.43
CA PHE B 569 6.97 -23.77 16.79
C PHE B 569 7.62 -23.47 15.43
N LEU B 570 8.89 -23.85 15.25
CA LEU B 570 9.62 -23.51 14.01
C LEU B 570 10.07 -24.76 13.29
N GLU B 571 10.10 -24.70 11.96
CA GLU B 571 10.60 -25.83 11.16
C GLU B 571 11.24 -25.26 9.90
N GLU B 572 11.78 -26.13 9.05
CA GLU B 572 12.53 -25.64 7.88
C GLU B 572 12.19 -26.45 6.64
N PHE B 573 12.19 -25.78 5.49
CA PHE B 573 11.99 -26.48 4.20
C PHE B 573 13.23 -26.22 3.36
N ILE B 574 13.69 -27.25 2.65
CA ILE B 574 14.96 -27.13 1.89
C ILE B 574 14.69 -27.46 0.43
N THR B 575 15.66 -27.11 -0.41
CA THR B 575 15.53 -27.31 -1.86
C THR B 575 16.82 -27.94 -2.37
N PRO B 576 16.82 -28.56 -3.56
CA PRO B 576 18.06 -29.06 -4.12
C PRO B 576 18.91 -27.94 -4.72
N ILE B 577 20.18 -28.25 -4.98
CA ILE B 577 21.10 -27.24 -5.56
C ILE B 577 21.60 -27.76 -6.91
N VAL B 578 21.62 -29.08 -7.09
CA VAL B 578 22.15 -29.65 -8.35
C VAL B 578 21.57 -31.06 -8.52
N LYS B 579 21.39 -31.47 -9.77
CA LYS B 579 20.88 -32.84 -10.04
C LYS B 579 21.62 -33.45 -11.21
N VAL B 580 21.92 -34.74 -11.09
CA VAL B 580 22.59 -35.48 -12.20
C VAL B 580 21.57 -36.43 -12.81
N SER B 581 21.71 -36.67 -14.11
CA SER B 581 20.76 -37.55 -14.82
C SER B 581 21.49 -38.29 -15.93
N LYS B 582 21.30 -39.61 -15.99
CA LYS B 582 21.85 -40.40 -17.12
C LYS B 582 21.03 -41.68 -17.21
N ASN B 583 20.45 -41.96 -18.38
CA ASN B 583 19.63 -43.19 -18.56
C ASN B 583 18.47 -43.21 -17.57
N LYS B 584 17.78 -42.07 -17.42
CA LYS B 584 16.59 -41.98 -16.52
C LYS B 584 16.98 -42.35 -15.08
N GLN B 585 18.13 -41.87 -14.62
CA GLN B 585 18.55 -42.11 -13.22
C GLN B 585 18.93 -40.75 -12.62
N GLU B 586 18.18 -40.32 -11.61
CA GLU B 586 18.44 -38.99 -11.00
C GLU B 586 18.94 -39.16 -9.58
N MET B 587 19.78 -38.23 -9.14
CA MET B 587 20.30 -38.29 -7.76
C MET B 587 20.19 -36.89 -7.16
N ALA B 588 19.80 -36.82 -5.90
CA ALA B 588 19.62 -35.51 -5.25
C ALA B 588 20.87 -35.14 -4.44
N PHE B 589 21.27 -33.88 -4.52
CA PHE B 589 22.43 -33.40 -3.73
C PHE B 589 22.05 -32.06 -3.11
N TYR B 590 22.29 -31.90 -1.81
CA TYR B 590 21.88 -30.66 -1.10
C TYR B 590 23.09 -29.87 -0.60
N SER B 591 24.30 -30.34 -0.84
CA SER B 591 25.48 -29.64 -0.30
C SER B 591 26.62 -29.70 -1.30
N LEU B 592 27.42 -28.63 -1.38
CA LEU B 592 28.60 -28.63 -2.27
C LEU B 592 29.65 -29.63 -1.77
N PRO B 593 29.94 -29.73 -0.46
CA PRO B 593 30.85 -30.78 0.01
C PRO B 593 30.29 -32.17 -0.30
N GLU B 594 28.97 -32.33 -0.24
CA GLU B 594 28.36 -33.62 -0.61
C GLU B 594 28.65 -33.92 -2.08
N PHE B 595 28.54 -32.91 -2.94
CA PHE B 595 28.83 -33.11 -4.38
C PHE B 595 30.31 -33.44 -4.57
N GLU B 596 31.18 -32.78 -3.81
CA GLU B 596 32.63 -33.05 -3.92
C GLU B 596 32.92 -34.49 -3.47
N GLU B 597 32.28 -34.94 -2.39
CA GLU B 597 32.48 -36.33 -1.92
C GLU B 597 31.93 -37.31 -2.96
N TRP B 598 30.81 -36.96 -3.58
CA TRP B 598 30.24 -37.84 -4.63
C TRP B 598 31.21 -37.94 -5.80
N LYS B 599 31.82 -36.82 -6.19
CA LYS B 599 32.82 -36.87 -7.28
C LYS B 599 34.03 -37.70 -6.84
N SER B 600 34.48 -37.52 -5.60
CA SER B 600 35.70 -38.23 -5.14
C SER B 600 35.42 -39.73 -4.94
N SER B 601 34.14 -40.10 -4.78
CA SER B 601 33.81 -41.52 -4.46
C SER B 601 33.25 -42.28 -5.67
N THR B 602 32.92 -41.57 -6.76
CA THR B 602 32.28 -42.29 -7.90
C THR B 602 33.17 -42.26 -9.14
N PRO B 603 33.38 -43.37 -9.90
CA PRO B 603 34.33 -43.36 -11.01
C PRO B 603 33.78 -42.67 -12.27
N ASN B 604 32.53 -42.20 -12.21
CA ASN B 604 31.91 -41.61 -13.42
C ASN B 604 32.07 -40.09 -13.39
N HIS B 605 32.89 -39.55 -14.29
CA HIS B 605 33.07 -38.08 -14.39
C HIS B 605 32.70 -37.66 -15.81
N LYS B 606 31.83 -36.66 -15.94
CA LYS B 606 31.31 -36.22 -17.27
C LYS B 606 30.28 -37.24 -17.78
N LYS B 607 30.29 -38.46 -17.22
CA LYS B 607 29.33 -39.51 -17.63
C LYS B 607 27.90 -39.08 -17.29
N TRP B 608 27.69 -38.51 -16.09
CA TRP B 608 26.34 -38.07 -15.67
C TRP B 608 26.05 -36.69 -16.26
N LYS B 609 24.82 -36.44 -16.71
CA LYS B 609 24.50 -35.08 -17.20
C LYS B 609 24.17 -34.22 -15.98
N VAL B 610 24.92 -33.15 -15.79
CA VAL B 610 24.75 -32.32 -14.56
C VAL B 610 23.81 -31.15 -14.86
N LYS B 611 23.03 -30.75 -13.85
CA LYS B 611 22.16 -29.57 -14.02
C LYS B 611 22.20 -28.76 -12.72
N TYR B 612 22.64 -27.51 -12.81
CA TYR B 612 22.72 -26.65 -11.60
C TYR B 612 21.36 -26.03 -11.29
N TYR B 613 21.14 -25.71 -10.02
CA TYR B 613 19.88 -25.04 -9.59
C TYR B 613 20.26 -23.85 -8.71
N LYS B 614 20.59 -22.73 -9.35
CA LYS B 614 21.01 -21.52 -8.59
C LYS B 614 19.83 -20.76 -7.99
N GLY B 615 18.72 -20.69 -8.72
CA GLY B 615 17.58 -19.87 -8.26
C GLY B 615 16.27 -20.64 -8.24
N LEU B 616 15.14 -19.92 -8.23
CA LEU B 616 13.81 -20.58 -8.18
C LEU B 616 13.20 -20.70 -9.57
N GLY B 617 13.59 -19.86 -10.52
CA GLY B 617 12.99 -19.87 -11.86
C GLY B 617 13.29 -21.14 -12.62
N THR B 618 14.32 -21.88 -12.21
CA THR B 618 14.71 -23.14 -12.90
C THR B 618 13.71 -24.27 -12.63
N SER B 619 13.26 -24.38 -11.39
CA SER B 619 12.35 -25.49 -11.03
C SER B 619 10.99 -25.31 -11.70
N THR B 620 10.33 -26.42 -12.01
CA THR B 620 9.01 -26.37 -12.69
C THR B 620 7.96 -27.00 -11.78
N SER B 621 6.71 -26.99 -12.22
CA SER B 621 5.61 -27.61 -11.43
C SER B 621 5.83 -29.12 -11.32
N LYS B 622 6.32 -29.76 -12.38
CA LYS B 622 6.55 -31.22 -12.34
C LYS B 622 7.57 -31.54 -11.26
N GLU B 623 8.59 -30.69 -11.10
CA GLU B 623 9.57 -30.88 -10.00
C GLU B 623 8.95 -30.56 -8.64
N ALA B 624 8.10 -29.54 -8.57
CA ALA B 624 7.45 -29.18 -7.30
C ALA B 624 6.57 -30.32 -6.81
N LYS B 625 5.93 -31.04 -7.73
CA LYS B 625 5.08 -32.18 -7.33
C LYS B 625 5.95 -33.23 -6.63
N GLU B 626 7.11 -33.54 -7.19
CA GLU B 626 8.03 -34.50 -6.54
C GLU B 626 8.56 -33.92 -5.24
N TYR B 627 8.78 -32.61 -5.19
CA TYR B 627 9.29 -31.97 -3.96
C TYR B 627 8.27 -32.14 -2.84
N PHE B 628 6.99 -31.96 -3.15
CA PHE B 628 5.94 -32.08 -2.11
C PHE B 628 5.52 -33.53 -1.91
N ALA B 629 5.96 -34.44 -2.80
CA ALA B 629 5.63 -35.88 -2.65
C ALA B 629 6.36 -36.47 -1.45
N ASP B 630 7.47 -35.86 -1.05
CA ASP B 630 8.27 -36.39 0.09
C ASP B 630 8.43 -35.27 1.13
N MET B 631 7.61 -35.31 2.17
CA MET B 631 7.69 -34.28 3.24
C MET B 631 8.76 -34.64 4.27
N LYS B 632 8.92 -35.93 4.56
CA LYS B 632 9.87 -36.35 5.63
C LYS B 632 11.31 -36.04 5.26
N ARG B 633 11.59 -35.80 3.97
CA ARG B 633 12.97 -35.50 3.53
C ARG B 633 13.29 -34.01 3.63
N HIS B 634 12.30 -33.15 3.33
CA HIS B 634 12.56 -31.69 3.31
C HIS B 634 12.02 -30.99 4.56
N ARG B 635 10.85 -31.39 5.02
CA ARG B 635 10.23 -30.72 6.19
C ARG B 635 10.99 -31.21 7.42
N ILE B 636 11.90 -30.38 7.92
CA ILE B 636 12.73 -30.79 9.08
C ILE B 636 12.51 -29.77 10.19
N GLN B 637 12.28 -30.26 11.41
CA GLN B 637 12.04 -29.37 12.55
C GLN B 637 13.38 -28.99 13.19
N PHE B 638 13.30 -28.36 14.36
CA PHE B 638 14.53 -27.93 15.07
C PHE B 638 14.56 -28.57 16.44
N LYS B 639 15.63 -28.31 17.19
CA LYS B 639 15.74 -28.83 18.56
C LYS B 639 16.47 -27.81 19.42
N TYR B 640 16.02 -27.64 20.66
CA TYR B 640 16.72 -26.71 21.59
C TYR B 640 17.00 -27.45 22.89
N SER B 641 18.27 -27.43 23.31
CA SER B 641 18.63 -28.09 24.58
C SER B 641 19.72 -27.27 25.27
N GLY B 642 19.45 -26.78 26.47
CA GLY B 642 20.45 -26.01 27.21
C GLY B 642 20.42 -24.56 26.81
N PRO B 643 20.62 -23.62 27.76
CA PRO B 643 20.64 -22.19 27.45
C PRO B 643 21.90 -21.74 26.72
N GLU B 644 22.93 -22.59 26.67
CA GLU B 644 24.23 -22.19 26.06
C GLU B 644 24.02 -21.80 24.60
N ASP B 645 23.11 -22.48 23.89
CA ASP B 645 22.85 -22.15 22.48
C ASP B 645 22.42 -20.70 22.35
N ASP B 646 21.67 -20.19 23.32
CA ASP B 646 21.21 -18.78 23.25
C ASP B 646 22.43 -17.86 23.16
N ALA B 647 23.50 -18.19 23.86
CA ALA B 647 24.71 -17.35 23.77
C ALA B 647 25.16 -17.30 22.30
N ALA B 648 25.19 -18.44 21.62
CA ALA B 648 25.54 -18.44 20.18
C ALA B 648 24.50 -17.61 19.41
N ILE B 649 23.23 -17.71 19.80
CA ILE B 649 22.18 -16.92 19.13
C ILE B 649 22.50 -15.44 19.31
N SER B 650 23.05 -15.07 20.48
CA SER B 650 23.46 -13.68 20.71
C SER B 650 24.81 -13.38 20.10
N LEU B 651 25.61 -14.41 19.80
CA LEU B 651 26.99 -14.14 19.34
C LEU B 651 26.97 -13.34 18.04
N ALA B 652 26.10 -13.71 17.11
CA ALA B 652 26.03 -13.01 15.81
C ALA B 652 25.11 -11.79 15.91
N PHE B 653 24.58 -11.50 17.10
CA PHE B 653 23.63 -10.37 17.22
C PHE B 653 23.91 -9.50 18.45
N SER B 654 25.15 -9.44 18.92
CA SER B 654 25.48 -8.61 20.11
C SER B 654 26.48 -7.54 19.70
N LYS B 655 26.18 -6.29 20.04
CA LYS B 655 27.09 -5.17 19.70
C LYS B 655 28.25 -5.10 20.70
N LYS B 656 28.20 -5.92 21.75
CA LYS B 656 29.29 -5.91 22.76
C LYS B 656 30.21 -7.11 22.60
N GLN B 657 29.98 -7.95 21.59
CA GLN B 657 30.80 -9.19 21.41
C GLN B 657 31.55 -9.13 20.08
N ILE B 658 32.07 -7.95 19.72
CA ILE B 658 32.77 -7.81 18.43
C ILE B 658 34.04 -8.65 18.44
N ASP B 659 34.81 -8.59 19.51
CA ASP B 659 36.07 -9.36 19.60
C ASP B 659 35.77 -10.86 19.59
N ASP B 660 34.65 -11.26 20.20
CA ASP B 660 34.28 -12.69 20.19
C ASP B 660 34.04 -13.15 18.75
N ARG B 661 33.33 -12.35 17.97
CA ARG B 661 33.09 -12.70 16.55
C ARG B 661 34.42 -12.71 15.80
N LYS B 662 35.31 -11.79 16.16
CA LYS B 662 36.63 -11.74 15.49
C LYS B 662 37.37 -13.05 15.76
N GLU B 663 37.37 -13.50 17.01
CA GLU B 663 38.05 -14.77 17.35
C GLU B 663 37.34 -15.93 16.63
N TRP B 664 36.02 -15.86 16.52
CA TRP B 664 35.27 -16.95 15.87
C TRP B 664 35.66 -17.04 14.38
N LEU B 665 35.69 -15.91 13.69
CA LEU B 665 36.09 -15.92 12.27
C LEU B 665 37.54 -16.36 12.15
N THR B 666 38.38 -15.93 13.08
CA THR B 666 39.82 -16.30 13.02
C THR B 666 39.97 -17.82 13.19
N ASN B 667 39.22 -18.39 14.13
CA ASN B 667 39.30 -19.86 14.35
C ASN B 667 38.83 -20.57 13.08
N PHE B 668 37.75 -20.08 12.49
CA PHE B 668 37.22 -20.78 11.29
C PHE B 668 38.23 -20.67 10.13
N MET B 669 38.82 -19.50 9.96
CA MET B 669 39.79 -19.32 8.85
C MET B 669 41.01 -20.22 9.09
N GLU B 670 41.47 -20.31 10.33
CA GLU B 670 42.64 -21.17 10.63
C GLU B 670 42.27 -22.63 10.36
N ASP B 671 41.08 -23.04 10.76
CA ASP B 671 40.66 -24.45 10.54
C ASP B 671 40.58 -24.73 9.04
N ARG B 672 40.02 -23.80 8.28
CA ARG B 672 39.88 -24.01 6.83
C ARG B 672 41.27 -24.08 6.18
N ARG B 673 42.18 -23.21 6.62
CA ARG B 673 43.55 -23.22 6.05
C ARG B 673 44.22 -24.56 6.37
N GLN B 674 44.08 -25.03 7.61
CA GLN B 674 44.72 -26.30 8.00
C GLN B 674 44.11 -27.47 7.21
N ARG B 675 42.79 -27.46 7.04
CA ARG B 675 42.13 -28.57 6.32
C ARG B 675 42.55 -28.56 4.85
N LYS B 676 42.66 -27.38 4.26
CA LYS B 676 43.08 -27.29 2.84
C LYS B 676 44.54 -27.73 2.71
N LEU B 677 45.39 -27.36 3.67
CA LEU B 677 46.80 -27.77 3.60
C LEU B 677 46.92 -29.29 3.77
N LEU B 678 46.15 -29.87 4.69
CA LEU B 678 46.23 -31.33 4.94
C LEU B 678 45.43 -32.10 3.88
N GLY B 679 44.56 -31.43 3.14
CA GLY B 679 43.77 -32.09 2.09
C GLY B 679 42.61 -32.90 2.63
N LEU B 680 42.34 -32.80 3.94
CA LEU B 680 41.18 -33.53 4.52
C LEU B 680 39.88 -32.85 4.11
N PRO B 681 38.85 -33.60 3.68
CA PRO B 681 37.58 -32.99 3.33
C PRO B 681 36.86 -32.43 4.57
N GLU B 682 36.14 -31.34 4.39
CA GLU B 682 35.44 -30.70 5.52
C GLU B 682 34.12 -31.43 5.81
N ASP B 683 33.40 -30.97 6.81
CA ASP B 683 32.11 -31.60 7.19
C ASP B 683 30.96 -30.79 6.60
N TYR B 684 29.84 -31.48 6.36
CA TYR B 684 28.65 -30.81 5.80
C TYR B 684 27.40 -31.40 6.45
N LEU B 685 26.27 -30.73 6.26
CA LEU B 685 25.00 -31.21 6.84
C LEU B 685 24.09 -31.80 5.75
N TYR B 686 22.94 -32.32 6.17
CA TYR B 686 21.94 -32.88 5.22
C TYR B 686 22.51 -34.08 4.47
N GLY B 687 23.47 -34.79 5.08
CA GLY B 687 23.97 -36.01 4.43
C GLY B 687 22.91 -37.09 4.34
N GLN B 688 22.21 -37.33 5.46
CA GLN B 688 21.12 -38.32 5.49
C GLN B 688 19.89 -37.61 6.00
N THR B 689 18.79 -38.34 6.11
CA THR B 689 17.54 -37.73 6.62
C THR B 689 17.70 -37.34 8.09
N THR B 690 17.13 -36.19 8.46
CA THR B 690 17.18 -35.73 9.87
C THR B 690 15.79 -35.26 10.28
N THR B 691 15.45 -35.46 11.54
CA THR B 691 14.14 -35.02 12.05
C THR B 691 14.25 -33.63 12.68
N TYR B 692 15.31 -33.39 13.44
CA TYR B 692 15.46 -32.10 14.15
C TYR B 692 16.74 -31.43 13.66
N LEU B 693 17.04 -30.27 14.24
CA LEU B 693 18.30 -29.57 13.90
C LEU B 693 18.71 -28.74 15.10
N THR B 694 19.88 -29.04 15.64
CA THR B 694 20.38 -28.29 16.81
C THR B 694 20.80 -26.87 16.39
N TYR B 695 20.59 -25.91 17.28
CA TYR B 695 20.96 -24.50 16.99
C TYR B 695 22.46 -24.31 16.99
N ASN B 696 23.18 -25.05 17.84
CA ASN B 696 24.64 -24.82 17.94
C ASN B 696 25.31 -25.11 16.60
N ASP B 697 25.03 -26.27 16.03
CA ASP B 697 25.61 -26.62 14.70
C ASP B 697 25.01 -25.69 13.65
N PHE B 698 23.75 -25.31 13.82
CA PHE B 698 23.10 -24.43 12.83
C PHE B 698 23.88 -23.12 12.73
N ILE B 699 24.28 -22.56 13.87
CA ILE B 699 25.06 -21.30 13.87
C ILE B 699 26.50 -21.55 13.44
N ASN B 700 27.09 -22.66 13.90
CA ASN B 700 28.53 -22.89 13.65
C ASN B 700 28.81 -23.43 12.26
N LYS B 701 27.78 -23.82 11.50
CA LYS B 701 28.06 -24.46 10.19
C LYS B 701 27.45 -23.70 9.01
N GLU B 702 26.24 -23.18 9.16
CA GLU B 702 25.56 -22.60 7.98
C GLU B 702 25.74 -21.07 7.89
N LEU B 703 25.45 -20.35 8.97
CA LEU B 703 25.55 -18.87 8.93
C LEU B 703 27.02 -18.48 8.76
N ILE B 704 27.93 -19.30 9.28
CA ILE B 704 29.38 -18.97 9.18
C ILE B 704 29.77 -18.92 7.70
N LEU B 705 29.17 -19.77 6.88
CA LEU B 705 29.49 -19.73 5.42
C LEU B 705 29.04 -18.39 4.83
N PHE B 706 27.87 -17.90 5.23
CA PHE B 706 27.40 -16.59 4.73
C PHE B 706 28.33 -15.49 5.22
N SER B 707 28.78 -15.58 6.47
CA SER B 707 29.71 -14.56 7.00
C SER B 707 31.00 -14.57 6.17
N ASN B 708 31.53 -15.76 5.90
CA ASN B 708 32.80 -15.85 5.14
C ASN B 708 32.60 -15.30 3.73
N SER B 709 31.47 -15.66 3.10
CA SER B 709 31.22 -15.20 1.71
C SER B 709 31.06 -13.68 1.68
N ASP B 710 30.32 -13.14 2.64
CA ASP B 710 30.11 -11.68 2.68
C ASP B 710 31.45 -10.98 2.88
N ASN B 711 32.28 -11.53 3.76
CA ASN B 711 33.60 -10.91 4.02
C ASN B 711 34.47 -10.99 2.77
N GLU B 712 34.41 -12.10 2.05
CA GLU B 712 35.23 -12.27 0.82
C GLU B 712 34.75 -11.32 -0.27
N ARG B 713 33.44 -11.08 -0.35
CA ARG B 713 32.92 -10.24 -1.45
C ARG B 713 32.85 -8.76 -1.07
N SER B 714 32.97 -8.41 0.21
CA SER B 714 32.76 -7.00 0.61
C SER B 714 34.04 -6.18 0.51
N ILE B 715 35.15 -6.70 1.03
CA ILE B 715 36.41 -5.91 1.09
C ILE B 715 37.37 -6.47 0.05
N PRO B 716 38.00 -5.63 -0.78
CA PRO B 716 38.97 -6.12 -1.73
C PRO B 716 40.29 -6.50 -1.08
N SER B 717 41.16 -7.13 -1.86
CA SER B 717 42.48 -7.55 -1.36
C SER B 717 43.48 -6.40 -1.44
N MET B 718 44.68 -6.63 -0.91
CA MET B 718 45.73 -5.59 -0.95
C MET B 718 46.54 -5.68 -2.24
N VAL B 719 46.47 -6.80 -2.95
CA VAL B 719 47.33 -6.94 -4.15
C VAL B 719 46.84 -6.02 -5.27
N ASP B 720 45.55 -6.13 -5.61
CA ASP B 720 45.01 -5.32 -6.74
C ASP B 720 44.00 -4.30 -6.22
N GLY B 721 43.42 -4.52 -5.04
CA GLY B 721 42.38 -3.60 -4.52
C GLY B 721 41.13 -3.56 -5.38
N LEU B 722 40.70 -4.72 -5.85
CA LEU B 722 39.47 -4.78 -6.68
C LEU B 722 38.51 -5.80 -6.09
N LYS B 723 37.24 -5.41 -5.95
CA LYS B 723 36.22 -6.34 -5.42
C LYS B 723 35.85 -7.37 -6.49
N PRO B 724 35.24 -8.50 -6.11
CA PRO B 724 34.92 -9.53 -7.09
C PRO B 724 34.00 -9.02 -8.20
N GLY B 725 33.04 -8.15 -7.87
CA GLY B 725 32.19 -7.59 -8.94
C GLY B 725 32.98 -6.76 -9.93
N GLN B 726 33.83 -5.87 -9.42
CA GLN B 726 34.68 -5.06 -10.32
C GLN B 726 35.61 -6.01 -11.10
N ARG B 727 36.08 -7.06 -10.44
CA ARG B 727 36.99 -8.01 -11.11
C ARG B 727 36.27 -8.67 -12.29
N LYS B 728 35.03 -9.12 -12.07
CA LYS B 728 34.28 -9.79 -13.15
C LYS B 728 34.02 -8.80 -14.27
N VAL B 729 33.64 -7.57 -13.93
CA VAL B 729 33.31 -6.59 -14.98
C VAL B 729 34.56 -6.31 -15.81
N LEU B 730 35.68 -6.11 -15.14
CA LEU B 730 36.92 -5.76 -15.88
C LEU B 730 37.38 -6.94 -16.73
N PHE B 731 37.24 -8.16 -16.22
CA PHE B 731 37.63 -9.34 -17.01
C PHE B 731 36.76 -9.46 -18.26
N THR B 732 35.46 -9.25 -18.10
CA THR B 732 34.55 -9.33 -19.27
C THR B 732 34.91 -8.24 -20.27
N CYS B 733 35.27 -7.07 -19.76
CA CYS B 733 35.67 -5.97 -20.67
C CYS B 733 36.96 -6.34 -21.40
N PHE B 734 37.88 -6.98 -20.70
CA PHE B 734 39.15 -7.42 -21.33
C PHE B 734 38.87 -8.49 -22.39
N LYS B 735 37.80 -9.26 -22.20
CA LYS B 735 37.50 -10.36 -23.15
C LYS B 735 37.28 -9.77 -24.54
N ARG B 736 36.67 -8.60 -24.62
CA ARG B 736 36.38 -7.97 -25.93
C ARG B 736 37.31 -6.76 -26.15
N ASN B 737 37.16 -6.10 -27.29
CA ASN B 737 37.99 -4.91 -27.60
C ASN B 737 37.22 -3.62 -27.30
N ASP B 738 35.94 -3.55 -27.70
CA ASP B 738 35.11 -2.35 -27.42
C ASP B 738 35.74 -1.08 -28.01
N LYS B 739 35.96 -1.06 -29.31
CA LYS B 739 36.48 0.16 -29.97
C LYS B 739 35.44 1.28 -29.91
N ARG B 740 34.17 0.94 -30.11
CA ARG B 740 33.08 1.94 -30.05
C ARG B 740 32.44 1.94 -28.67
N GLU B 741 31.37 2.71 -28.51
CA GLU B 741 30.65 2.76 -27.22
C GLU B 741 29.76 1.52 -27.05
N VAL B 742 29.22 1.36 -25.85
CA VAL B 742 28.36 0.19 -25.57
C VAL B 742 27.39 0.58 -24.46
N LYS B 743 26.22 -0.06 -24.43
CA LYS B 743 25.23 0.23 -23.38
C LYS B 743 25.59 -0.47 -22.08
N VAL B 744 25.16 0.11 -20.96
CA VAL B 744 25.44 -0.50 -19.63
C VAL B 744 24.56 -1.72 -19.41
N ALA B 745 23.27 -1.60 -19.70
CA ALA B 745 22.34 -2.73 -19.46
C ALA B 745 22.72 -3.91 -20.37
N GLN B 746 23.12 -3.61 -21.61
CA GLN B 746 23.54 -4.68 -22.54
C GLN B 746 24.83 -5.33 -22.04
N LEU B 747 25.75 -4.53 -21.49
CA LEU B 747 27.04 -5.07 -20.99
C LEU B 747 26.81 -5.93 -19.74
N ALA B 748 25.84 -5.56 -18.92
CA ALA B 748 25.62 -6.31 -17.67
C ALA B 748 25.26 -7.76 -17.96
N GLY B 749 24.41 -7.99 -18.96
CA GLY B 749 24.05 -9.37 -19.33
C GLY B 749 25.25 -10.15 -19.81
N SER B 750 26.09 -9.51 -20.62
CA SER B 750 27.30 -10.19 -21.14
C SER B 750 28.25 -10.50 -19.98
N VAL B 751 28.33 -9.61 -19.00
CA VAL B 751 29.19 -9.88 -17.82
C VAL B 751 28.62 -11.06 -17.04
N ALA B 752 27.31 -11.08 -16.82
CA ALA B 752 26.69 -12.15 -16.03
C ALA B 752 26.79 -13.49 -16.76
N GLU B 753 26.76 -13.45 -18.10
CA GLU B 753 26.77 -14.72 -18.87
C GLU B 753 28.11 -15.44 -18.71
N MET B 754 29.22 -14.70 -18.74
CA MET B 754 30.56 -15.35 -18.75
C MET B 754 31.17 -15.43 -17.35
N SER B 755 30.84 -14.49 -16.46
CA SER B 755 31.51 -14.45 -15.13
C SER B 755 30.75 -15.27 -14.09
N SER B 756 29.71 -15.99 -14.50
CA SER B 756 28.92 -16.81 -13.56
C SER B 756 28.36 -15.94 -12.42
N TYR B 757 27.77 -14.80 -12.78
CA TYR B 757 27.23 -13.87 -11.77
C TYR B 757 25.84 -14.34 -11.37
N HIS B 758 25.63 -14.49 -10.06
CA HIS B 758 24.32 -15.00 -9.56
C HIS B 758 23.81 -14.10 -8.44
N HIS B 759 23.85 -12.79 -8.67
CA HIS B 759 23.37 -11.83 -7.65
C HIS B 759 22.44 -10.81 -8.31
N GLY B 760 21.50 -11.30 -9.14
CA GLY B 760 20.53 -10.38 -9.76
C GLY B 760 21.17 -9.55 -10.86
N GLU B 761 20.61 -8.39 -11.14
CA GLU B 761 21.18 -7.51 -12.19
C GLU B 761 21.39 -6.10 -11.63
N MET B 762 20.63 -5.72 -10.60
CA MET B 762 20.71 -4.34 -10.09
C MET B 762 22.08 -4.08 -9.45
N SER B 763 22.60 -5.06 -8.70
CA SER B 763 23.89 -4.85 -8.01
C SER B 763 25.02 -4.66 -9.03
N LEU B 764 25.00 -5.44 -10.09
CA LEU B 764 26.07 -5.33 -11.12
C LEU B 764 26.00 -3.95 -11.79
N MET B 765 24.79 -3.50 -12.12
CA MET B 765 24.64 -2.17 -12.76
C MET B 765 25.08 -1.08 -11.78
N MET B 766 24.76 -1.24 -10.50
CA MET B 766 25.20 -0.25 -9.50
C MET B 766 26.73 -0.23 -9.42
N THR B 767 27.36 -1.40 -9.45
CA THR B 767 28.83 -1.45 -9.41
C THR B 767 29.40 -0.76 -10.66
N ILE B 768 28.78 -0.98 -11.81
CA ILE B 768 29.26 -0.33 -13.05
C ILE B 768 29.13 1.18 -12.90
N ILE B 769 28.02 1.64 -12.31
CA ILE B 769 27.80 3.10 -12.14
C ILE B 769 28.88 3.65 -11.20
N ASN B 770 29.19 2.93 -10.13
CA ASN B 770 30.23 3.38 -9.18
C ASN B 770 31.57 3.43 -9.90
N LEU B 771 31.84 2.46 -10.77
CA LEU B 771 33.10 2.50 -11.56
C LEU B 771 33.08 3.68 -12.53
N ALA B 772 31.90 4.09 -12.98
CA ALA B 772 31.79 5.20 -13.97
C ALA B 772 31.94 6.57 -13.32
N GLN B 773 31.69 6.67 -12.02
CA GLN B 773 31.71 8.00 -11.37
C GLN B 773 33.15 8.50 -11.29
N ASN B 774 33.38 9.73 -11.75
CA ASN B 774 34.75 10.29 -11.72
C ASN B 774 34.74 11.76 -11.31
N PHE B 775 33.66 12.23 -10.70
CA PHE B 775 33.58 13.66 -10.35
C PHE B 775 34.47 13.96 -9.14
N VAL B 776 34.61 15.24 -8.83
CA VAL B 776 35.53 15.64 -7.73
C VAL B 776 35.00 15.09 -6.40
N GLY B 777 35.88 14.44 -5.65
CA GLY B 777 35.50 13.88 -4.35
C GLY B 777 35.02 12.44 -4.40
N SER B 778 35.04 11.82 -5.57
CA SER B 778 34.58 10.42 -5.70
C SER B 778 35.74 9.49 -6.06
N ASN B 779 36.45 9.80 -7.13
CA ASN B 779 37.56 8.93 -7.60
C ASN B 779 38.66 9.80 -8.19
N ASN B 780 39.79 9.19 -8.51
CA ASN B 780 40.89 9.94 -9.14
C ASN B 780 41.31 9.34 -10.48
N LEU B 781 41.01 8.06 -10.72
CA LEU B 781 41.35 7.44 -12.01
C LEU B 781 40.35 6.33 -12.29
N ASN B 782 39.52 6.52 -13.31
CA ASN B 782 38.47 5.53 -13.62
C ASN B 782 38.92 4.60 -14.74
N LEU B 783 38.15 3.55 -14.98
CA LEU B 783 38.46 2.61 -16.09
C LEU B 783 37.49 2.81 -17.25
N LEU B 784 36.63 3.83 -17.19
CA LEU B 784 35.65 4.07 -18.27
C LEU B 784 35.71 5.53 -18.70
N GLN B 785 34.78 5.93 -19.56
CA GLN B 785 34.74 7.33 -20.04
C GLN B 785 33.36 7.90 -19.74
N PRO B 786 33.26 9.15 -19.26
CA PRO B 786 31.96 9.69 -18.92
C PRO B 786 31.13 10.02 -20.18
N ILE B 787 30.09 9.23 -20.40
CA ILE B 787 29.18 9.48 -21.55
C ILE B 787 27.76 9.54 -20.99
N GLY B 788 27.21 10.74 -20.91
CA GLY B 788 25.85 10.90 -20.37
C GLY B 788 25.84 11.52 -18.99
N GLN B 789 24.71 11.40 -18.30
CA GLN B 789 24.59 12.00 -16.95
C GLN B 789 24.85 10.89 -15.94
N PHE B 790 26.06 10.88 -15.37
CA PHE B 790 26.43 9.83 -14.39
C PHE B 790 26.23 10.35 -12.97
N GLY B 791 25.38 11.35 -12.81
CA GLY B 791 25.14 11.91 -11.47
C GLY B 791 26.05 13.11 -11.24
N THR B 792 25.48 14.22 -10.81
CA THR B 792 26.26 15.45 -10.60
C THR B 792 26.74 15.53 -9.15
N ARG B 793 27.52 16.56 -8.84
CA ARG B 793 28.06 16.74 -7.48
C ARG B 793 27.09 17.59 -6.65
N LEU B 794 25.84 17.70 -7.08
CA LEU B 794 24.89 18.59 -6.36
C LEU B 794 23.98 17.79 -5.42
N HIS B 795 23.32 16.76 -5.93
CA HIS B 795 22.30 16.05 -5.10
C HIS B 795 22.70 14.58 -4.91
N GLY B 796 23.59 14.33 -3.94
CA GLY B 796 23.91 12.94 -3.55
C GLY B 796 24.74 12.16 -4.55
N GLY B 797 24.82 12.62 -5.80
CA GLY B 797 25.56 11.89 -6.84
C GLY B 797 24.88 10.60 -7.25
N LYS B 798 23.68 10.33 -6.72
CA LYS B 798 22.95 9.07 -7.05
C LYS B 798 21.71 9.39 -7.86
N ASP B 799 21.69 10.54 -8.53
CA ASP B 799 20.51 10.98 -9.32
C ASP B 799 20.73 10.66 -10.80
N SER B 800 21.53 9.62 -11.10
CA SER B 800 21.80 9.25 -12.50
C SER B 800 20.57 8.62 -13.15
N ALA B 801 20.60 8.50 -14.47
CA ALA B 801 19.45 7.96 -15.21
C ALA B 801 19.50 6.42 -15.25
N SER B 802 18.61 5.82 -16.04
CA SER B 802 18.60 4.34 -16.20
C SER B 802 19.90 3.89 -16.86
N PRO B 803 20.39 2.67 -16.57
CA PRO B 803 21.60 2.19 -17.23
C PRO B 803 21.46 2.12 -18.75
N ARG B 804 20.24 1.94 -19.25
CA ARG B 804 20.03 1.95 -20.72
C ARG B 804 19.96 3.39 -21.25
N TYR B 805 19.57 4.34 -20.42
CA TYR B 805 19.62 5.76 -20.87
C TYR B 805 21.06 6.17 -21.13
N ILE B 806 21.98 5.72 -20.29
CA ILE B 806 23.39 6.17 -20.37
C ILE B 806 24.23 5.20 -21.21
N PHE B 807 25.32 5.71 -21.77
CA PHE B 807 26.26 4.87 -22.54
C PHE B 807 27.60 4.86 -21.82
N THR B 808 28.48 3.96 -22.24
CA THR B 808 29.81 3.87 -21.61
C THR B 808 30.84 3.42 -22.64
N MET B 809 32.13 3.60 -22.30
CA MET B 809 33.21 3.19 -23.22
C MET B 809 34.46 2.95 -22.37
N LEU B 810 35.25 1.93 -22.74
CA LEU B 810 36.46 1.60 -21.98
C LEU B 810 37.50 2.71 -22.12
N SER B 811 38.24 2.95 -21.05
CA SER B 811 39.30 3.99 -21.06
C SER B 811 40.55 3.45 -21.74
N SER B 812 41.52 4.33 -21.96
CA SER B 812 42.80 3.93 -22.61
C SER B 812 43.87 3.57 -21.59
N LEU B 813 43.66 3.89 -20.31
CA LEU B 813 44.66 3.59 -19.26
C LEU B 813 44.71 2.10 -18.92
N ALA B 814 43.61 1.37 -19.11
CA ALA B 814 43.55 -0.05 -18.70
C ALA B 814 44.57 -0.89 -19.48
N ARG B 815 44.87 -0.48 -20.71
CA ARG B 815 45.83 -1.23 -21.53
C ARG B 815 47.22 -1.20 -20.89
N LEU B 816 47.59 -0.07 -20.30
CA LEU B 816 48.93 0.04 -19.67
C LEU B 816 48.90 -0.47 -18.22
N LEU B 817 47.77 -0.36 -17.54
CA LEU B 817 47.69 -0.85 -16.13
C LEU B 817 47.83 -2.37 -16.08
N PHE B 818 47.08 -3.07 -16.94
CA PHE B 818 47.14 -4.54 -16.97
C PHE B 818 47.64 -4.96 -18.34
N PRO B 819 48.96 -5.16 -18.50
CA PRO B 819 49.49 -5.63 -19.78
C PRO B 819 48.95 -7.03 -20.10
N PRO B 820 48.62 -7.33 -21.37
CA PRO B 820 48.11 -8.64 -21.73
C PRO B 820 49.11 -9.76 -21.42
N LYS B 821 50.41 -9.47 -21.48
CA LYS B 821 51.45 -10.52 -21.30
C LYS B 821 51.36 -11.12 -19.89
N ASP B 822 50.63 -10.49 -18.98
CA ASP B 822 50.48 -11.02 -17.60
C ASP B 822 49.43 -12.13 -17.52
N ASP B 823 48.77 -12.44 -18.63
CA ASP B 823 47.74 -13.50 -18.63
C ASP B 823 48.36 -14.87 -18.31
N HIS B 824 49.63 -15.06 -18.61
CA HIS B 824 50.28 -16.38 -18.38
C HIS B 824 50.88 -16.45 -16.98
N THR B 825 50.66 -15.44 -16.15
CA THR B 825 51.29 -15.43 -14.80
C THR B 825 50.35 -16.07 -13.77
N LEU B 826 49.11 -15.62 -13.70
CA LEU B 826 48.20 -16.14 -12.66
C LEU B 826 47.46 -17.37 -13.15
N LYS B 827 47.04 -18.21 -12.21
CA LYS B 827 46.30 -19.44 -12.56
C LYS B 827 44.81 -19.17 -12.40
N PHE B 828 44.05 -19.36 -13.46
CA PHE B 828 42.60 -19.09 -13.41
C PHE B 828 41.85 -20.22 -12.73
N LEU B 829 40.66 -19.91 -12.21
CA LEU B 829 39.81 -20.95 -11.60
C LEU B 829 39.13 -21.79 -12.68
N TYR B 830 38.60 -22.94 -12.28
CA TYR B 830 37.93 -23.84 -13.24
C TYR B 830 36.50 -24.08 -12.76
N ASP B 831 35.58 -23.23 -13.19
CA ASP B 831 34.15 -23.41 -12.84
C ASP B 831 33.37 -23.71 -14.12
N ASP B 832 32.56 -24.78 -14.09
CA ASP B 832 31.77 -25.19 -15.28
C ASP B 832 32.74 -25.53 -16.43
N ASN B 833 33.94 -25.98 -16.10
CA ASN B 833 34.96 -26.33 -17.13
C ASN B 833 35.17 -25.12 -18.04
N GLN B 834 35.16 -23.93 -17.47
CA GLN B 834 35.27 -22.69 -18.29
C GLN B 834 36.41 -21.83 -17.76
N ARG B 835 37.16 -21.22 -18.67
CA ARG B 835 38.26 -20.33 -18.28
C ARG B 835 37.63 -19.05 -17.74
N VAL B 836 37.84 -18.78 -16.46
CA VAL B 836 37.18 -17.61 -15.81
C VAL B 836 38.24 -16.63 -15.32
N GLU B 837 37.80 -15.55 -14.70
CA GLU B 837 38.74 -14.52 -14.22
C GLU B 837 39.61 -15.07 -13.10
N PRO B 838 40.81 -14.49 -12.90
CA PRO B 838 41.68 -14.95 -11.82
C PRO B 838 41.21 -14.46 -10.45
N GLU B 839 41.94 -14.82 -9.40
CA GLU B 839 41.56 -14.40 -8.03
C GLU B 839 41.97 -12.96 -7.76
N TRP B 840 43.03 -12.49 -8.42
CA TRP B 840 43.46 -11.08 -8.25
C TRP B 840 44.13 -10.61 -9.54
N TYR B 841 44.78 -9.45 -9.47
CA TYR B 841 45.54 -8.95 -10.64
C TYR B 841 46.82 -8.30 -10.13
N ILE B 842 47.69 -7.96 -11.07
CA ILE B 842 48.96 -7.31 -10.69
C ILE B 842 49.02 -5.94 -11.37
N PRO B 843 48.50 -4.88 -10.72
CA PRO B 843 48.59 -3.56 -11.29
C PRO B 843 49.97 -2.94 -11.11
N ILE B 844 50.19 -1.80 -11.77
CA ILE B 844 51.47 -1.07 -11.60
C ILE B 844 51.43 -0.22 -10.33
N ILE B 845 50.24 0.16 -9.87
CA ILE B 845 50.13 0.97 -8.63
C ILE B 845 49.02 0.38 -7.76
N PRO B 846 49.11 0.52 -6.43
CA PRO B 846 48.04 0.03 -5.59
C PRO B 846 46.79 0.89 -5.78
N MET B 847 45.72 0.24 -6.24
CA MET B 847 44.47 0.97 -6.54
C MET B 847 43.86 1.55 -5.26
N VAL B 848 44.08 0.89 -4.13
CA VAL B 848 43.46 1.36 -2.86
C VAL B 848 43.95 2.79 -2.58
N LEU B 849 45.18 3.11 -2.98
CA LEU B 849 45.73 4.44 -2.70
C LEU B 849 45.29 5.47 -3.76
N ILE B 850 44.55 5.05 -4.79
CA ILE B 850 44.15 6.02 -5.85
C ILE B 850 42.63 6.16 -5.92
N ASN B 851 41.88 5.14 -5.52
CA ASN B 851 40.39 5.22 -5.60
C ASN B 851 39.74 4.93 -4.25
N GLY B 852 40.50 4.46 -3.28
CA GLY B 852 39.94 4.23 -1.94
C GLY B 852 39.24 2.89 -1.83
N ALA B 853 39.40 2.24 -0.68
CA ALA B 853 38.69 0.97 -0.45
C ALA B 853 37.74 1.18 0.72
N GLU B 854 36.44 1.27 0.42
CA GLU B 854 35.44 1.47 1.49
C GLU B 854 34.61 0.20 1.54
N GLY B 855 35.02 -0.73 2.40
CA GLY B 855 34.33 -2.02 2.52
C GLY B 855 33.82 -2.22 3.92
N ILE B 856 32.59 -2.72 4.05
CA ILE B 856 32.00 -2.98 5.39
C ILE B 856 31.62 -4.45 5.44
N GLY B 857 32.30 -5.21 6.28
CA GLY B 857 32.06 -6.66 6.36
C GLY B 857 31.90 -7.10 7.80
N THR B 858 31.79 -8.40 8.01
CA THR B 858 31.64 -8.96 9.37
C THR B 858 33.01 -9.18 10.01
N GLY B 859 33.19 -8.69 11.23
CA GLY B 859 34.46 -8.87 11.95
C GLY B 859 35.40 -7.71 11.78
N TRP B 860 35.46 -7.15 10.57
CA TRP B 860 36.37 -6.03 10.30
C TRP B 860 35.77 -5.14 9.22
N SER B 861 36.47 -4.08 8.87
CA SER B 861 36.02 -3.17 7.80
C SER B 861 37.27 -2.59 7.14
N CYS B 862 37.07 -1.69 6.19
CA CYS B 862 38.23 -1.04 5.55
C CYS B 862 37.80 0.33 5.05
N LYS B 863 38.57 1.36 5.41
CA LYS B 863 38.28 2.72 4.90
C LYS B 863 39.62 3.40 4.70
N ILE B 864 40.02 3.57 3.43
CA ILE B 864 41.33 4.21 3.12
C ILE B 864 41.05 5.41 2.25
N PRO B 865 41.45 6.63 2.68
CA PRO B 865 41.26 7.79 1.84
C PRO B 865 42.13 7.78 0.59
N ASN B 866 41.92 8.77 -0.28
CA ASN B 866 42.71 8.87 -1.52
C ASN B 866 44.04 9.57 -1.27
N PHE B 867 44.89 9.57 -2.30
CA PHE B 867 46.21 10.22 -2.18
C PHE B 867 46.55 10.84 -3.54
N ASP B 868 47.79 11.30 -3.67
CA ASP B 868 48.23 11.94 -4.94
C ASP B 868 48.87 10.89 -5.85
N VAL B 869 48.56 10.98 -7.14
CA VAL B 869 49.09 9.97 -8.10
C VAL B 869 50.54 10.32 -8.50
N ARG B 870 50.87 11.60 -8.55
CA ARG B 870 52.23 12.00 -8.98
C ARG B 870 53.26 11.52 -7.97
N GLU B 871 52.94 11.62 -6.68
CA GLU B 871 53.92 11.26 -5.62
C GLU B 871 54.17 9.75 -5.62
N ILE B 872 53.22 8.96 -6.10
CA ILE B 872 53.40 7.48 -6.06
C ILE B 872 54.60 7.09 -6.91
N VAL B 873 54.74 7.69 -8.08
CA VAL B 873 55.87 7.33 -8.98
C VAL B 873 57.19 7.71 -8.30
N ASN B 874 57.25 8.89 -7.70
CA ASN B 874 58.49 9.33 -7.03
C ASN B 874 58.81 8.39 -5.87
N ASN B 875 57.79 8.00 -5.11
CA ASN B 875 58.01 7.09 -3.97
C ASN B 875 58.52 5.74 -4.47
N ILE B 876 57.93 5.24 -5.56
CA ILE B 876 58.37 3.92 -6.09
C ILE B 876 59.81 4.03 -6.60
N ARG B 877 60.14 5.15 -7.24
CA ARG B 877 61.53 5.32 -7.73
C ARG B 877 62.49 5.37 -6.54
N ARG B 878 62.11 6.08 -5.49
CA ARG B 878 62.99 6.19 -4.30
C ARG B 878 63.14 4.82 -3.65
N LEU B 879 62.06 4.03 -3.62
CA LEU B 879 62.14 2.68 -3.04
C LEU B 879 63.00 1.76 -3.91
N MET B 880 62.89 1.89 -5.22
CA MET B 880 63.75 1.10 -6.12
C MET B 880 65.21 1.49 -5.89
N ASP B 881 65.46 2.76 -5.63
CA ASP B 881 66.84 3.22 -5.29
C ASP B 881 67.30 2.57 -3.99
N GLY B 882 66.42 2.53 -2.98
CA GLY B 882 66.80 1.95 -1.67
C GLY B 882 66.82 2.97 -0.56
N GLU B 883 66.19 4.12 -0.77
CA GLU B 883 66.15 5.18 0.25
C GLU B 883 64.81 5.17 1.01
N GLU B 884 64.79 5.81 2.17
CA GLU B 884 63.55 5.84 2.98
C GLU B 884 62.55 6.76 2.29
N PRO B 885 61.34 6.27 1.93
CA PRO B 885 60.38 7.09 1.24
C PRO B 885 59.78 8.20 2.13
N LEU B 886 59.47 9.34 1.51
CA LEU B 886 58.92 10.48 2.28
C LEU B 886 57.46 10.20 2.64
N PRO B 887 56.96 10.76 3.76
CA PRO B 887 55.58 10.58 4.15
C PRO B 887 54.63 11.26 3.17
N MET B 888 53.54 10.57 2.85
CA MET B 888 52.56 11.11 1.88
C MET B 888 51.41 11.84 2.59
N LEU B 889 50.60 12.54 1.81
CA LEU B 889 49.45 13.28 2.37
C LEU B 889 48.22 12.97 1.50
N PRO B 890 47.04 12.79 2.12
CA PRO B 890 45.84 12.49 1.34
C PRO B 890 45.48 13.63 0.39
N SER B 891 45.50 13.33 -0.91
CA SER B 891 45.21 14.36 -1.94
C SER B 891 43.98 13.96 -2.74
N TYR B 892 43.42 14.94 -3.44
CA TYR B 892 42.23 14.67 -4.28
C TYR B 892 42.35 15.47 -5.57
N LYS B 893 41.81 14.92 -6.65
CA LYS B 893 41.89 15.64 -7.96
C LYS B 893 40.99 16.87 -7.92
N ASN B 894 41.50 17.99 -8.42
CA ASN B 894 40.72 19.26 -8.41
C ASN B 894 40.29 19.61 -6.99
N PHE B 895 41.26 19.71 -6.08
CA PHE B 895 40.95 20.10 -4.69
C PHE B 895 42.11 20.95 -4.18
N LYS B 896 41.83 22.21 -3.86
CA LYS B 896 42.92 23.12 -3.42
C LYS B 896 42.96 23.23 -1.89
N GLY B 897 42.15 22.42 -1.19
CA GLY B 897 42.13 22.49 0.27
C GLY B 897 43.38 21.91 0.90
N THR B 898 43.92 22.61 1.89
CA THR B 898 45.15 22.14 2.57
C THR B 898 44.78 21.19 3.70
N ILE B 899 45.64 20.20 3.93
CA ILE B 899 45.39 19.23 5.03
C ILE B 899 46.63 19.17 5.91
N GLU B 900 46.44 19.33 7.21
CA GLU B 900 47.57 19.27 8.17
C GLU B 900 47.33 18.06 9.08
N GLU B 901 48.37 17.26 9.29
CA GLU B 901 48.24 16.09 10.18
C GLU B 901 48.94 16.39 11.51
N LEU B 902 48.18 16.41 12.60
CA LEU B 902 48.79 16.66 13.93
C LEU B 902 49.11 15.31 14.60
N ALA B 903 48.13 14.43 14.68
CA ALA B 903 48.32 13.10 15.30
C ALA B 903 48.35 12.04 14.19
N PRO B 904 49.07 10.92 14.37
CA PRO B 904 49.11 9.90 13.34
C PRO B 904 47.74 9.25 13.12
N ASN B 905 47.46 8.90 11.87
CA ASN B 905 46.17 8.26 11.51
C ASN B 905 44.99 9.20 11.78
N GLN B 906 45.23 10.51 11.80
CA GLN B 906 44.12 11.46 11.98
C GLN B 906 44.34 12.62 11.01
N TYR B 907 43.26 13.13 10.43
CA TYR B 907 43.41 14.22 9.45
C TYR B 907 42.32 15.26 9.65
N VAL B 908 42.68 16.51 9.39
CA VAL B 908 41.70 17.62 9.50
C VAL B 908 41.63 18.27 8.12
N ILE B 909 40.42 18.40 7.59
CA ILE B 909 40.23 18.98 6.24
C ILE B 909 39.35 20.21 6.38
N SER B 910 39.79 21.32 5.81
CA SER B 910 39.00 22.57 5.87
C SER B 910 38.89 23.15 4.47
N GLY B 911 37.89 24.00 4.26
CA GLY B 911 37.71 24.66 2.98
C GLY B 911 38.34 26.04 2.93
N GLU B 912 37.94 26.82 1.94
CA GLU B 912 38.46 28.19 1.81
C GLU B 912 37.29 29.16 1.68
N VAL B 913 37.37 30.27 2.40
CA VAL B 913 36.30 31.29 2.36
C VAL B 913 36.93 32.61 1.91
N ALA B 914 36.16 33.39 1.17
CA ALA B 914 36.65 34.68 0.66
C ALA B 914 35.80 35.80 1.25
N ILE B 915 36.47 36.79 1.83
CA ILE B 915 35.75 37.96 2.39
C ILE B 915 35.94 39.13 1.44
N LEU B 916 34.92 39.39 0.61
CA LEU B 916 35.01 40.52 -0.34
C LEU B 916 34.88 41.85 0.39
N ASN B 917 33.86 41.98 1.24
CA ASN B 917 33.59 43.27 1.92
C ASN B 917 33.28 42.97 3.37
N SER B 918 33.16 44.00 4.18
CA SER B 918 32.81 43.82 5.61
C SER B 918 31.41 43.21 5.74
N THR B 919 30.58 43.33 4.70
CA THR B 919 29.21 42.73 4.75
C THR B 919 29.12 41.46 3.91
N THR B 920 29.67 41.48 2.70
CA THR B 920 29.57 40.31 1.81
C THR B 920 30.64 39.26 2.12
N ILE B 921 30.31 38.00 1.85
CA ILE B 921 31.28 36.91 2.06
C ILE B 921 30.95 35.79 1.08
N GLU B 922 31.98 35.07 0.65
CA GLU B 922 31.76 33.97 -0.31
C GLU B 922 32.63 32.78 0.08
N ILE B 923 32.06 31.58 0.01
CA ILE B 923 32.85 30.36 0.30
C ILE B 923 33.49 29.92 -1.01
N SER B 924 34.83 29.94 -1.04
CA SER B 924 35.56 29.59 -2.28
C SER B 924 35.58 28.07 -2.50
N GLU B 925 35.99 27.33 -1.48
CA GLU B 925 36.18 25.87 -1.65
C GLU B 925 35.50 25.12 -0.52
N LEU B 926 34.82 24.03 -0.84
CA LEU B 926 34.13 23.19 0.16
C LEU B 926 34.96 21.94 0.44
N PRO B 927 34.96 21.42 1.67
CA PRO B 927 35.72 20.23 2.00
C PRO B 927 35.08 18.96 1.44
N VAL B 928 35.73 17.82 1.67
CA VAL B 928 35.20 16.53 1.13
C VAL B 928 33.89 16.19 1.83
N ARG B 929 33.08 15.36 1.17
CA ARG B 929 31.75 14.99 1.73
C ARG B 929 30.93 16.25 1.98
N THR B 930 30.74 17.03 0.92
CA THR B 930 29.93 18.25 1.06
C THR B 930 28.99 18.31 -0.15
N TRP B 931 27.72 18.01 0.08
CA TRP B 931 26.72 18.04 -1.01
C TRP B 931 25.93 19.34 -0.94
N THR B 932 25.57 19.87 -2.10
CA THR B 932 24.91 21.19 -2.11
C THR B 932 23.58 21.14 -1.36
N GLN B 933 22.74 20.15 -1.65
CA GLN B 933 21.40 20.12 -1.01
C GLN B 933 21.54 19.91 0.49
N THR B 934 22.38 18.96 0.89
CA THR B 934 22.52 18.64 2.33
C THR B 934 23.12 19.84 3.07
N TYR B 935 24.18 20.42 2.52
CA TYR B 935 24.83 21.56 3.20
C TYR B 935 23.83 22.72 3.30
N LYS B 936 23.08 22.93 2.22
CA LYS B 936 22.09 24.02 2.25
C LYS B 936 21.05 23.76 3.34
N GLU B 937 20.43 22.59 3.33
CA GLU B 937 19.33 22.30 4.30
C GLU B 937 19.87 22.29 5.73
N GLN B 938 21.15 21.99 5.91
CA GLN B 938 21.68 21.86 7.29
C GLN B 938 22.38 23.13 7.79
N VAL B 939 22.64 24.09 6.90
CA VAL B 939 23.39 25.31 7.33
C VAL B 939 22.59 26.57 7.03
N LEU B 940 22.18 26.74 5.77
CA LEU B 940 21.53 28.02 5.38
C LEU B 940 20.17 28.20 6.06
N GLU B 941 19.40 27.13 6.19
CA GLU B 941 18.05 27.28 6.77
C GLU B 941 18.11 27.69 8.25
N PRO B 942 18.93 27.09 9.13
CA PRO B 942 19.02 27.58 10.51
C PRO B 942 19.57 29.00 10.60
N MET B 943 20.55 29.32 9.76
CA MET B 943 21.19 30.66 9.81
C MET B 943 20.30 31.76 9.23
N LEU B 944 19.43 31.42 8.27
CA LEU B 944 18.62 32.49 7.62
C LEU B 944 17.59 33.05 8.59
N ASN B 945 16.79 32.19 9.21
CA ASN B 945 15.71 32.65 10.09
C ASN B 945 16.13 32.48 11.55
N GLY B 946 15.32 33.00 12.46
CA GLY B 946 15.62 32.80 13.89
C GLY B 946 15.07 31.48 14.36
N THR B 947 15.96 30.60 14.79
CA THR B 947 15.53 29.26 15.24
C THR B 947 14.98 29.35 16.66
N GLU B 948 14.66 28.21 17.26
CA GLU B 948 14.08 28.20 18.63
C GLU B 948 15.08 28.76 19.64
N LYS B 949 16.39 28.63 19.37
CA LYS B 949 17.39 29.08 20.37
C LYS B 949 18.43 30.05 19.79
N THR B 950 18.58 30.10 18.47
CA THR B 950 19.65 30.94 17.88
C THR B 950 19.04 32.06 17.06
N PRO B 951 19.57 33.30 17.14
CA PRO B 951 19.08 34.40 16.30
C PRO B 951 19.51 34.18 14.84
N PRO B 952 18.88 34.88 13.88
CA PRO B 952 19.25 34.69 12.49
C PRO B 952 20.68 35.21 12.26
N LEU B 953 21.57 34.29 11.86
CA LEU B 953 22.99 34.69 11.70
C LEU B 953 23.19 35.44 10.38
N ILE B 954 22.81 34.82 9.27
CA ILE B 954 23.05 35.46 7.95
C ILE B 954 21.86 36.34 7.59
N THR B 955 22.07 37.23 6.63
CA THR B 955 20.97 38.13 6.18
C THR B 955 20.58 37.84 4.73
N ASP B 956 21.51 37.32 3.92
CA ASP B 956 21.20 37.04 2.50
C ASP B 956 22.17 35.97 1.99
N TYR B 957 21.74 35.22 0.98
CA TYR B 957 22.62 34.21 0.38
C TYR B 957 22.15 33.94 -1.05
N ARG B 958 23.11 33.64 -1.92
CA ARG B 958 22.79 33.30 -3.33
C ARG B 958 23.55 32.04 -3.71
N GLU B 959 23.02 31.30 -4.68
CA GLU B 959 23.64 30.02 -5.08
C GLU B 959 23.86 30.04 -6.59
N TYR B 960 24.95 30.63 -7.04
CA TYR B 960 25.30 30.63 -8.49
C TYR B 960 26.24 29.45 -8.76
N HIS B 961 25.74 28.24 -8.57
CA HIS B 961 26.62 27.06 -8.69
C HIS B 961 26.82 26.66 -10.15
N THR B 962 28.07 26.37 -10.51
CA THR B 962 28.37 25.87 -11.87
C THR B 962 28.36 24.34 -11.82
N ASP B 963 28.84 23.70 -12.88
CA ASP B 963 28.90 22.22 -12.91
C ASP B 963 29.86 21.71 -11.84
N THR B 964 30.98 22.41 -11.64
CA THR B 964 32.00 21.92 -10.68
C THR B 964 32.26 22.94 -9.57
N THR B 965 32.32 24.22 -9.91
CA THR B 965 32.65 25.25 -8.90
C THR B 965 31.39 25.74 -8.18
N VAL B 966 31.60 26.48 -7.10
CA VAL B 966 30.45 26.99 -6.30
C VAL B 966 30.58 28.51 -6.16
N LYS B 967 29.46 29.16 -5.89
CA LYS B 967 29.47 30.62 -5.64
C LYS B 967 28.45 30.92 -4.54
N PHE B 968 28.82 31.81 -3.63
CA PHE B 968 27.93 32.17 -2.50
C PHE B 968 27.95 33.67 -2.31
N VAL B 969 26.93 34.34 -2.83
CA VAL B 969 26.80 35.81 -2.58
C VAL B 969 26.05 35.90 -1.26
N VAL B 970 26.81 35.88 -0.16
CA VAL B 970 26.19 35.86 1.18
C VAL B 970 26.49 37.18 1.89
N LYS B 971 25.46 37.77 2.47
CA LYS B 971 25.62 39.03 3.23
C LYS B 971 25.51 38.74 4.72
N MET B 972 26.21 39.54 5.52
CA MET B 972 26.19 39.32 6.98
C MET B 972 26.40 40.67 7.68
N THR B 973 25.84 40.80 8.87
CA THR B 973 26.01 42.05 9.65
C THR B 973 27.48 42.23 10.01
N GLU B 974 27.98 43.45 9.84
CA GLU B 974 29.41 43.74 10.14
C GLU B 974 29.70 43.50 11.63
N GLU B 975 28.75 43.82 12.50
CA GLU B 975 28.97 43.60 13.95
C GLU B 975 29.06 42.10 14.25
N LYS B 976 28.21 41.30 13.62
CA LYS B 976 28.23 39.84 13.87
C LYS B 976 29.49 39.21 13.27
N LEU B 977 30.07 39.85 12.26
CA LEU B 977 31.28 39.29 11.62
C LEU B 977 32.43 39.22 12.64
N ALA B 978 32.52 40.23 13.52
CA ALA B 978 33.58 40.22 14.54
C ALA B 978 33.41 39.03 15.49
N GLU B 979 32.17 38.77 15.91
CA GLU B 979 31.92 37.59 16.79
C GLU B 979 32.23 36.30 16.02
N ALA B 980 31.86 36.25 14.74
CA ALA B 980 32.14 35.04 13.93
C ALA B 980 33.65 34.85 13.82
N GLU B 981 34.40 35.93 13.67
CA GLU B 981 35.87 35.82 13.59
C GLU B 981 36.43 35.36 14.94
N ARG B 982 35.91 35.90 16.03
CA ARG B 982 36.43 35.51 17.37
C ARG B 982 36.14 34.03 17.62
N VAL B 983 34.96 33.57 17.21
CA VAL B 983 34.61 32.13 17.37
C VAL B 983 35.35 31.25 16.37
N GLY B 984 35.46 31.72 15.13
CA GLY B 984 36.11 30.92 14.08
C GLY B 984 35.21 30.71 12.88
N LEU B 985 35.70 31.07 11.69
CA LEU B 985 34.88 30.95 10.46
C LEU B 985 34.60 29.47 10.16
N HIS B 986 35.62 28.64 10.26
CA HIS B 986 35.43 27.19 10.00
C HIS B 986 34.52 26.57 11.06
N LYS B 987 34.57 27.09 12.29
CA LYS B 987 33.74 26.51 13.38
C LYS B 987 32.28 26.90 13.23
N VAL B 988 32.01 28.16 12.92
CA VAL B 988 30.59 28.63 12.84
C VAL B 988 29.91 27.99 11.63
N PHE B 989 30.58 28.01 10.47
CA PHE B 989 29.96 27.48 9.24
C PHE B 989 30.18 25.97 9.12
N LYS B 990 30.84 25.37 10.12
CA LYS B 990 31.06 23.89 10.11
C LYS B 990 31.80 23.45 8.85
N LEU B 991 32.97 24.05 8.62
CA LEU B 991 33.80 23.69 7.44
C LEU B 991 34.88 22.67 7.80
N GLN B 992 35.06 22.36 9.07
CA GLN B 992 36.13 21.41 9.47
C GLN B 992 35.61 19.97 9.37
N THR B 993 36.49 19.06 8.98
CA THR B 993 36.12 17.64 8.89
C THR B 993 37.26 16.80 9.46
N SER B 994 36.95 15.91 10.40
CA SER B 994 37.98 15.06 11.02
C SER B 994 37.77 13.62 10.58
N LEU B 995 38.85 12.93 10.22
CA LEU B 995 38.74 11.51 9.86
C LEU B 995 39.91 10.74 10.44
N THR B 996 39.64 9.50 10.84
CA THR B 996 40.70 8.63 11.40
C THR B 996 40.79 7.37 10.56
N CYS B 997 42.01 6.93 10.28
CA CYS B 997 42.21 5.69 9.50
C CYS B 997 42.88 4.66 10.41
N ASN B 998 42.09 3.70 10.90
CA ASN B 998 42.64 2.67 11.81
C ASN B 998 42.37 1.27 11.27
N SER B 999 41.32 1.10 10.45
CA SER B 999 40.95 -0.25 9.98
C SER B 999 41.78 -0.60 8.74
N MET B 1000 43.08 -0.82 8.93
CA MET B 1000 43.97 -1.16 7.80
C MET B 1000 44.05 -2.67 7.67
N VAL B 1001 42.90 -3.29 7.43
CA VAL B 1001 42.84 -4.76 7.29
C VAL B 1001 42.53 -5.07 5.83
N LEU B 1002 43.41 -5.85 5.19
CA LEU B 1002 43.21 -6.21 3.78
C LEU B 1002 43.54 -7.69 3.58
N PHE B 1003 42.99 -8.27 2.52
CA PHE B 1003 43.27 -9.68 2.22
C PHE B 1003 44.68 -9.79 1.66
N ASP B 1004 45.48 -10.67 2.27
CA ASP B 1004 46.87 -10.84 1.82
C ASP B 1004 46.90 -11.68 0.54
N HIS B 1005 48.09 -11.81 -0.04
CA HIS B 1005 48.22 -12.64 -1.26
C HIS B 1005 47.87 -14.09 -0.93
N VAL B 1006 48.16 -14.54 0.28
CA VAL B 1006 47.76 -15.92 0.70
C VAL B 1006 46.26 -16.02 0.96
N GLY B 1007 45.65 -15.01 1.59
CA GLY B 1007 44.22 -15.06 1.92
C GLY B 1007 43.92 -14.63 3.34
N CYS B 1008 44.95 -14.35 4.13
CA CYS B 1008 44.75 -13.97 5.55
C CYS B 1008 44.42 -12.49 5.70
N LEU B 1009 44.01 -12.09 6.90
CA LEU B 1009 43.72 -10.68 7.19
C LEU B 1009 44.70 -10.19 8.26
N LYS B 1010 45.42 -9.11 7.96
CA LYS B 1010 46.39 -8.55 8.93
C LYS B 1010 46.13 -7.06 9.06
N LYS B 1011 45.98 -6.59 10.29
CA LYS B 1011 45.78 -5.14 10.52
C LYS B 1011 47.11 -4.44 10.28
N TYR B 1012 47.12 -3.50 9.36
CA TYR B 1012 48.39 -2.82 9.00
C TYR B 1012 48.56 -1.54 9.81
N ASP B 1013 49.77 -0.98 9.77
CA ASP B 1013 50.08 0.22 10.58
C ASP B 1013 50.26 1.45 9.69
N THR B 1014 51.12 1.36 8.68
CA THR B 1014 51.41 2.55 7.84
C THR B 1014 51.23 2.20 6.36
N VAL B 1015 51.17 3.22 5.53
CA VAL B 1015 51.06 3.00 4.07
C VAL B 1015 52.39 2.55 3.48
N LEU B 1016 53.51 3.04 4.02
CA LEU B 1016 54.83 2.70 3.45
C LEU B 1016 55.09 1.20 3.56
N ASP B 1017 54.66 0.59 4.65
CA ASP B 1017 54.84 -0.88 4.80
C ASP B 1017 54.03 -1.59 3.70
N ILE B 1018 52.82 -1.10 3.43
CA ILE B 1018 52.00 -1.71 2.35
C ILE B 1018 52.72 -1.54 1.01
N LEU B 1019 53.33 -0.37 0.80
CA LEU B 1019 54.06 -0.13 -0.47
C LEU B 1019 55.24 -1.10 -0.56
N ARG B 1020 55.95 -1.30 0.55
CA ARG B 1020 57.11 -2.22 0.53
C ARG B 1020 56.67 -3.66 0.26
N ASP B 1021 55.55 -4.06 0.86
CA ASP B 1021 55.05 -5.43 0.64
C ASP B 1021 54.66 -5.60 -0.82
N PHE B 1022 53.98 -4.60 -1.37
CA PHE B 1022 53.60 -4.66 -2.80
C PHE B 1022 54.86 -4.69 -3.67
N PHE B 1023 55.88 -3.92 -3.27
CA PHE B 1023 57.12 -3.88 -4.07
C PHE B 1023 57.78 -5.26 -4.08
N GLU B 1024 57.80 -5.93 -2.93
CA GLU B 1024 58.39 -7.28 -2.88
C GLU B 1024 57.57 -8.25 -3.73
N LEU B 1025 56.25 -8.18 -3.62
CA LEU B 1025 55.38 -9.12 -4.38
C LEU B 1025 55.58 -8.85 -5.88
N ARG B 1026 55.77 -7.60 -6.26
CA ARG B 1026 56.01 -7.25 -7.68
C ARG B 1026 57.40 -7.67 -8.14
N LEU B 1027 58.39 -7.54 -7.26
CA LEU B 1027 59.77 -7.96 -7.61
C LEU B 1027 59.79 -9.46 -7.84
N LYS B 1028 58.91 -10.19 -7.16
CA LYS B 1028 58.90 -11.67 -7.32
C LYS B 1028 58.54 -12.02 -8.77
N TYR B 1029 57.85 -11.13 -9.48
CA TYR B 1029 57.34 -11.50 -10.83
C TYR B 1029 58.20 -11.04 -12.01
N TYR B 1030 59.23 -10.24 -11.77
CA TYR B 1030 60.10 -9.84 -12.91
C TYR B 1030 60.77 -11.09 -13.48
N GLY B 1031 61.30 -11.95 -12.62
CA GLY B 1031 61.96 -13.18 -13.09
C GLY B 1031 60.96 -14.08 -13.79
N LEU B 1032 59.74 -14.16 -13.26
CA LEU B 1032 58.73 -15.03 -13.89
C LEU B 1032 58.41 -14.52 -15.30
N ARG B 1033 58.21 -13.22 -15.45
CA ARG B 1033 57.89 -12.66 -16.79
C ARG B 1033 59.09 -12.86 -17.71
N LYS B 1034 60.28 -12.69 -17.17
CA LYS B 1034 61.50 -12.83 -17.99
C LYS B 1034 61.63 -14.28 -18.46
N GLU B 1035 61.37 -15.24 -17.58
CA GLU B 1035 61.45 -16.66 -17.96
C GLU B 1035 60.38 -16.97 -19.00
N TRP B 1036 59.19 -16.40 -18.84
CA TRP B 1036 58.11 -16.66 -19.82
C TRP B 1036 58.47 -16.07 -21.19
N LEU B 1037 59.03 -14.85 -21.18
CA LEU B 1037 59.41 -14.21 -22.46
C LEU B 1037 60.63 -14.92 -23.07
N LEU B 1038 61.59 -15.31 -22.24
CA LEU B 1038 62.79 -15.99 -22.75
C LEU B 1038 62.39 -17.36 -23.30
N GLY B 1039 62.91 -17.69 -24.46
CA GLY B 1039 62.57 -18.98 -25.11
C GLY B 1039 61.32 -18.87 -25.96
N MET B 1040 60.32 -18.13 -25.50
CA MET B 1040 59.10 -17.93 -26.31
C MET B 1040 59.44 -17.14 -27.57
N LEU B 1041 60.25 -16.10 -27.44
CA LEU B 1041 60.73 -15.36 -28.64
C LEU B 1041 61.62 -16.29 -29.47
N GLY B 1042 62.44 -17.09 -28.80
CA GLY B 1042 63.33 -18.04 -29.50
C GLY B 1042 62.52 -19.02 -30.31
N ALA B 1043 61.32 -19.37 -29.83
CA ALA B 1043 60.51 -20.36 -30.57
C ALA B 1043 60.15 -19.83 -31.96
N GLU B 1044 59.60 -18.62 -32.01
CA GLU B 1044 59.24 -18.04 -33.32
C GLU B 1044 60.51 -17.73 -34.10
N SER B 1045 61.60 -17.40 -33.39
CA SER B 1045 62.88 -17.12 -34.08
C SER B 1045 63.36 -18.38 -34.82
N ALA B 1046 63.34 -19.53 -34.14
CA ALA B 1046 63.75 -20.79 -34.78
C ALA B 1046 62.77 -21.16 -35.88
N LYS B 1047 61.48 -20.85 -35.66
CA LYS B 1047 60.47 -21.17 -36.68
C LYS B 1047 60.75 -20.38 -37.96
N LEU B 1048 61.01 -19.08 -37.82
CA LEU B 1048 61.34 -18.25 -39.01
C LEU B 1048 62.66 -18.71 -39.61
N ASN B 1049 63.60 -19.12 -38.77
CA ASN B 1049 64.91 -19.60 -39.30
C ASN B 1049 64.68 -20.85 -40.14
N ASN B 1050 63.85 -21.78 -39.65
CA ASN B 1050 63.56 -23.00 -40.42
C ASN B 1050 62.83 -22.66 -41.72
N GLN B 1051 61.91 -21.69 -41.64
CA GLN B 1051 61.19 -21.28 -42.86
C GLN B 1051 62.16 -20.69 -43.89
N ALA B 1052 63.10 -19.86 -43.43
CA ALA B 1052 64.08 -19.26 -44.35
C ALA B 1052 64.97 -20.36 -44.92
N ARG B 1053 65.32 -21.34 -44.10
CA ARG B 1053 66.15 -22.46 -44.59
C ARG B 1053 65.39 -23.24 -45.64
N PHE B 1054 64.09 -23.44 -45.44
CA PHE B 1054 63.28 -24.16 -46.44
C PHE B 1054 63.23 -23.35 -47.74
N ILE B 1055 63.09 -22.03 -47.60
CA ILE B 1055 63.06 -21.16 -48.82
C ILE B 1055 64.40 -21.26 -49.55
N LEU B 1056 65.50 -21.23 -48.80
CA LEU B 1056 66.84 -21.32 -49.42
C LEU B 1056 67.01 -22.69 -50.09
N GLU B 1057 66.51 -23.75 -49.45
CA GLU B 1057 66.61 -25.10 -50.03
C GLU B 1057 65.80 -25.16 -51.32
N LYS B 1058 64.63 -24.52 -51.33
CA LYS B 1058 63.81 -24.49 -52.56
C LYS B 1058 64.55 -23.70 -53.65
N ILE B 1059 65.22 -22.62 -53.26
CA ILE B 1059 66.01 -21.86 -54.27
C ILE B 1059 67.10 -22.78 -54.82
N ASP B 1060 67.79 -23.51 -53.94
CA ASP B 1060 68.78 -24.49 -54.43
C ASP B 1060 68.06 -25.63 -55.16
N GLY B 1061 67.06 -26.23 -54.52
CA GLY B 1061 66.22 -27.24 -55.18
C GLY B 1061 66.58 -28.68 -54.94
N LYS B 1062 65.96 -29.32 -53.95
CA LYS B 1062 66.11 -30.78 -53.77
C LYS B 1062 64.75 -31.44 -53.55
N ILE B 1063 63.77 -30.70 -52.99
CA ILE B 1063 62.47 -31.35 -52.67
C ILE B 1063 61.58 -31.26 -53.90
N ILE B 1064 61.29 -32.42 -54.48
CA ILE B 1064 60.44 -32.44 -55.70
C ILE B 1064 58.98 -32.26 -55.27
N ILE B 1065 58.26 -31.39 -55.96
CA ILE B 1065 56.83 -31.11 -55.60
C ILE B 1065 55.93 -31.83 -56.61
N GLU B 1066 56.47 -32.82 -57.34
CA GLU B 1066 55.68 -33.49 -58.40
C GLU B 1066 54.81 -34.57 -57.77
N ASN B 1067 53.76 -34.17 -57.04
CA ASN B 1067 52.79 -35.15 -56.49
C ASN B 1067 53.48 -36.20 -55.62
N LYS B 1068 54.45 -35.77 -54.83
CA LYS B 1068 55.12 -36.73 -53.93
C LYS B 1068 54.21 -37.02 -52.73
N PRO B 1069 54.18 -38.26 -52.23
CA PRO B 1069 53.40 -38.57 -51.05
C PRO B 1069 53.88 -37.81 -49.81
N LYS B 1070 52.95 -37.53 -48.91
CA LYS B 1070 53.29 -36.77 -47.68
C LYS B 1070 54.26 -37.58 -46.81
N LYS B 1071 54.19 -38.91 -46.90
CA LYS B 1071 55.07 -39.75 -46.05
C LYS B 1071 56.54 -39.51 -46.41
N GLU B 1072 56.86 -39.49 -47.69
CA GLU B 1072 58.25 -39.23 -48.13
C GLU B 1072 58.64 -37.81 -47.71
N LEU B 1073 57.70 -36.87 -47.82
CA LEU B 1073 58.01 -35.48 -47.47
C LEU B 1073 58.35 -35.39 -45.97
N ILE B 1074 57.57 -36.05 -45.14
CA ILE B 1074 57.85 -36.03 -43.67
C ILE B 1074 59.18 -36.72 -43.39
N LYS B 1075 59.46 -37.81 -44.12
CA LYS B 1075 60.73 -38.53 -43.90
C LYS B 1075 61.90 -37.60 -44.26
N VAL B 1076 61.78 -36.88 -45.35
CA VAL B 1076 62.86 -35.93 -45.74
C VAL B 1076 62.98 -34.82 -44.69
N LEU B 1077 61.84 -34.31 -44.23
CA LEU B 1077 61.88 -33.21 -43.23
C LEU B 1077 62.58 -33.71 -41.96
N ILE B 1078 62.32 -34.95 -41.58
CA ILE B 1078 63.01 -35.50 -40.38
C ILE B 1078 64.50 -35.72 -40.65
N GLN B 1079 64.84 -36.25 -41.82
CA GLN B 1079 66.27 -36.59 -42.11
C GLN B 1079 67.13 -35.35 -42.29
N ARG B 1080 66.51 -34.19 -42.53
CA ARG B 1080 67.29 -32.96 -42.82
C ARG B 1080 67.32 -32.03 -41.60
N GLY B 1081 67.12 -32.56 -40.39
CA GLY B 1081 67.23 -31.73 -39.17
C GLY B 1081 66.20 -30.61 -39.07
N TYR B 1082 64.93 -30.93 -39.28
CA TYR B 1082 63.85 -29.93 -39.11
C TYR B 1082 63.01 -30.32 -37.91
N ASP B 1083 62.88 -29.41 -36.95
CA ASP B 1083 62.16 -29.72 -35.70
C ASP B 1083 60.65 -29.59 -35.92
N SER B 1084 59.88 -29.96 -34.90
CA SER B 1084 58.40 -29.87 -34.98
C SER B 1084 57.96 -28.44 -34.62
N ASP B 1085 56.65 -28.27 -34.42
CA ASP B 1085 56.13 -26.92 -34.14
C ASP B 1085 56.53 -26.51 -32.72
N PRO B 1086 57.30 -25.42 -32.54
CA PRO B 1086 57.62 -24.96 -31.20
C PRO B 1086 56.39 -24.41 -30.46
N VAL B 1087 55.47 -23.80 -31.19
CA VAL B 1087 54.23 -23.28 -30.56
C VAL B 1087 53.48 -24.44 -29.92
N LYS B 1088 53.45 -25.58 -30.59
CA LYS B 1088 52.79 -26.78 -30.00
C LYS B 1088 53.53 -27.18 -28.73
N ALA B 1089 54.86 -27.09 -28.71
CA ALA B 1089 55.64 -27.47 -27.52
C ALA B 1089 55.30 -26.53 -26.35
N TRP B 1090 55.26 -25.22 -26.63
CA TRP B 1090 54.95 -24.25 -25.56
C TRP B 1090 53.51 -24.43 -25.09
N LYS B 1091 52.62 -24.81 -26.00
CA LYS B 1091 51.22 -25.08 -25.60
C LYS B 1091 51.14 -26.34 -24.73
N GLU B 1092 51.90 -27.37 -25.10
CA GLU B 1092 51.91 -28.62 -24.29
C GLU B 1092 52.49 -28.33 -22.91
N ALA B 1093 53.55 -27.51 -22.85
CA ALA B 1093 54.16 -27.17 -21.55
C ALA B 1093 53.46 -25.95 -20.94
N GLN B 1094 52.12 -25.99 -20.88
CA GLN B 1094 51.34 -24.88 -20.29
C GLN B 1094 50.37 -25.41 -19.22
N GLN B 1095 49.77 -26.57 -19.47
CA GLN B 1095 48.75 -27.12 -18.54
C GLN B 1095 49.41 -27.48 -17.20
N LYS B 1096 50.63 -28.04 -17.25
CA LYS B 1096 51.30 -28.46 -16.00
C LYS B 1096 52.65 -27.76 -15.80
N VAL B 1097 53.09 -26.97 -16.78
CA VAL B 1097 54.38 -26.24 -16.64
C VAL B 1097 54.16 -24.72 -16.69
N SER B 1121 49.67 -37.70 -33.50
CA SER B 1121 50.59 -38.59 -34.25
C SER B 1121 52.04 -38.28 -33.87
N GLY B 1122 52.93 -38.31 -34.86
CA GLY B 1122 54.35 -38.05 -34.57
C GLY B 1122 54.66 -36.58 -34.77
N PRO B 1123 55.71 -36.24 -35.54
CA PRO B 1123 56.10 -34.84 -35.70
C PRO B 1123 55.08 -34.03 -36.50
N THR B 1124 55.11 -32.71 -36.30
CA THR B 1124 54.15 -31.82 -36.99
C THR B 1124 54.91 -30.87 -37.92
N PHE B 1125 54.47 -30.78 -39.18
CA PHE B 1125 55.12 -29.87 -40.14
C PHE B 1125 54.08 -29.07 -40.93
N ASN B 1126 52.94 -28.79 -40.33
CA ASN B 1126 51.87 -28.04 -41.03
C ASN B 1126 52.32 -26.63 -41.36
N TYR B 1127 53.08 -26.01 -40.46
CA TYR B 1127 53.49 -24.61 -40.66
C TYR B 1127 54.47 -24.48 -41.83
N LEU B 1128 55.16 -25.56 -42.19
CA LEU B 1128 56.09 -25.50 -43.34
C LEU B 1128 55.35 -25.70 -44.67
N LEU B 1129 54.06 -26.06 -44.63
CA LEU B 1129 53.30 -26.28 -45.87
C LEU B 1129 52.09 -25.34 -45.97
N ASP B 1130 51.82 -24.56 -44.92
CA ASP B 1130 50.63 -23.65 -44.92
C ASP B 1130 51.05 -22.26 -45.42
N MET B 1131 52.17 -22.19 -46.12
CA MET B 1131 52.67 -20.86 -46.56
C MET B 1131 52.30 -20.62 -48.02
N PRO B 1132 51.69 -19.48 -48.34
CA PRO B 1132 51.35 -19.17 -49.73
C PRO B 1132 52.58 -18.92 -50.60
N LEU B 1133 52.36 -18.71 -51.91
CA LEU B 1133 53.47 -18.53 -52.86
C LEU B 1133 54.14 -17.15 -52.74
N TRP B 1134 53.55 -16.24 -51.97
CA TRP B 1134 54.11 -14.87 -51.86
C TRP B 1134 55.52 -14.94 -51.26
N TYR B 1135 55.79 -15.98 -50.47
CA TYR B 1135 57.14 -16.13 -49.89
C TYR B 1135 58.18 -16.32 -51.00
N LEU B 1136 57.78 -16.77 -52.18
CA LEU B 1136 58.73 -17.04 -53.28
C LEU B 1136 59.16 -15.75 -54.00
N THR B 1137 58.58 -14.61 -53.65
CA THR B 1137 58.91 -13.32 -54.29
C THR B 1137 60.19 -12.72 -53.72
N LYS B 1138 60.81 -11.83 -54.48
CA LYS B 1138 62.07 -11.18 -54.01
C LYS B 1138 61.80 -10.25 -52.83
N GLU B 1139 60.73 -9.47 -52.90
CA GLU B 1139 60.46 -8.46 -51.84
C GLU B 1139 60.16 -9.18 -50.52
N LYS B 1140 59.37 -10.26 -50.58
CA LYS B 1140 59.01 -10.97 -49.33
C LYS B 1140 60.27 -11.58 -48.71
N LYS B 1141 61.13 -12.16 -49.54
CA LYS B 1141 62.38 -12.77 -49.01
C LYS B 1141 63.25 -11.66 -48.40
N ASP B 1142 63.34 -10.52 -49.08
CA ASP B 1142 64.22 -9.43 -48.60
C ASP B 1142 63.70 -8.90 -47.26
N GLU B 1143 62.38 -8.74 -47.14
CA GLU B 1143 61.81 -8.22 -45.87
C GLU B 1143 61.89 -9.28 -44.77
N LEU B 1144 61.75 -10.55 -45.12
CA LEU B 1144 61.85 -11.63 -44.11
C LEU B 1144 63.29 -11.74 -43.59
N CYS B 1145 64.26 -11.48 -44.46
CA CYS B 1145 65.68 -11.58 -44.04
C CYS B 1145 65.95 -10.62 -42.88
N ARG B 1146 65.26 -9.48 -42.85
CA ARG B 1146 65.42 -8.54 -41.71
C ARG B 1146 64.35 -8.75 -40.64
N LEU B 1147 63.19 -9.29 -41.00
CA LEU B 1147 62.14 -9.58 -39.98
C LEU B 1147 62.65 -10.66 -39.03
N ARG B 1148 63.39 -11.63 -39.55
CA ARG B 1148 63.95 -12.70 -38.69
C ARG B 1148 64.98 -12.12 -37.71
N ASN B 1149 65.61 -11.00 -38.07
CA ASN B 1149 66.62 -10.36 -37.18
C ASN B 1149 65.97 -9.32 -36.26
N GLU B 1150 64.78 -8.84 -36.62
CA GLU B 1150 64.08 -7.89 -35.72
C GLU B 1150 63.80 -8.59 -34.40
N LYS B 1151 63.43 -9.85 -34.43
CA LYS B 1151 63.22 -10.63 -33.19
C LYS B 1151 64.55 -10.95 -32.51
N GLU B 1152 65.59 -11.20 -33.30
CA GLU B 1152 66.93 -11.51 -32.72
C GLU B 1152 67.41 -10.30 -31.92
N GLN B 1153 67.13 -9.09 -32.40
CA GLN B 1153 67.59 -7.89 -31.67
C GLN B 1153 66.95 -7.86 -30.27
N GLU B 1154 65.64 -8.08 -30.20
CA GLU B 1154 64.96 -8.07 -28.88
C GLU B 1154 65.44 -9.25 -28.03
N LEU B 1155 65.68 -10.39 -28.66
CA LEU B 1155 66.15 -11.57 -27.88
C LEU B 1155 67.52 -11.28 -27.28
N ASP B 1156 68.42 -10.67 -28.06
CA ASP B 1156 69.77 -10.32 -27.54
C ASP B 1156 69.62 -9.26 -26.44
N THR B 1157 68.70 -8.32 -26.64
CA THR B 1157 68.49 -7.28 -25.61
C THR B 1157 67.98 -7.91 -24.31
N LEU B 1158 67.06 -8.87 -24.42
CA LEU B 1158 66.55 -9.55 -23.20
C LEU B 1158 67.68 -10.34 -22.54
N LYS B 1159 68.50 -11.03 -23.33
CA LYS B 1159 69.65 -11.77 -22.76
C LYS B 1159 70.64 -10.78 -22.15
N ARG B 1160 70.65 -9.54 -22.62
CA ARG B 1160 71.62 -8.53 -22.11
C ARG B 1160 71.04 -7.74 -20.95
N LYS B 1161 69.74 -7.44 -21.00
CA LYS B 1161 69.14 -6.57 -19.95
C LYS B 1161 68.99 -7.32 -18.64
N SER B 1162 68.76 -6.57 -17.57
CA SER B 1162 68.59 -7.17 -16.22
C SER B 1162 67.11 -7.11 -15.83
N PRO B 1163 66.68 -7.83 -14.78
CA PRO B 1163 65.29 -7.71 -14.31
C PRO B 1163 65.00 -6.29 -13.83
N SER B 1164 66.03 -5.57 -13.39
CA SER B 1164 65.84 -4.15 -13.01
C SER B 1164 65.84 -3.28 -14.27
N ASP B 1165 65.56 -1.99 -14.12
CA ASP B 1165 65.58 -1.03 -15.26
C ASP B 1165 64.41 -1.33 -16.20
N LEU B 1166 63.55 -2.27 -15.82
CA LEU B 1166 62.35 -2.56 -16.66
C LEU B 1166 61.14 -1.80 -16.11
N TRP B 1167 61.07 -1.67 -14.80
CA TRP B 1167 59.92 -0.97 -14.19
C TRP B 1167 59.92 0.50 -14.61
N LYS B 1168 61.09 1.12 -14.64
CA LYS B 1168 61.17 2.54 -15.04
C LYS B 1168 60.80 2.69 -16.51
N GLU B 1169 61.28 1.78 -17.35
CA GLU B 1169 60.96 1.84 -18.80
C GLU B 1169 59.46 1.62 -19.01
N ASP B 1170 58.86 0.76 -18.19
CA ASP B 1170 57.39 0.56 -18.27
C ASP B 1170 56.64 1.79 -17.78
N LEU B 1171 57.14 2.44 -16.73
CA LEU B 1171 56.47 3.64 -16.18
C LEU B 1171 56.63 4.84 -17.10
N ALA B 1172 57.67 4.86 -17.95
CA ALA B 1172 57.88 6.05 -18.80
C ALA B 1172 56.68 6.25 -19.73
N THR B 1173 56.24 5.17 -20.38
CA THR B 1173 55.08 5.27 -21.29
C THR B 1173 53.84 5.61 -20.48
N PHE B 1174 53.73 5.06 -19.28
CA PHE B 1174 52.55 5.33 -18.44
C PHE B 1174 52.49 6.80 -18.04
N ILE B 1175 53.65 7.38 -17.71
CA ILE B 1175 53.69 8.83 -17.37
C ILE B 1175 53.33 9.66 -18.59
N GLU B 1176 53.81 9.25 -19.77
CA GLU B 1176 53.46 9.99 -21.00
C GLU B 1176 51.94 9.92 -21.21
N GLU B 1177 51.36 8.74 -21.05
CA GLU B 1177 49.90 8.58 -21.24
C GLU B 1177 49.15 9.38 -20.17
N LEU B 1178 49.67 9.39 -18.94
CA LEU B 1178 49.01 10.15 -17.85
C LEU B 1178 49.05 11.64 -18.16
N GLU B 1179 50.16 12.13 -18.70
CA GLU B 1179 50.23 13.55 -19.09
C GLU B 1179 49.22 13.80 -20.23
N ALA B 1180 49.09 12.84 -21.14
CA ALA B 1180 48.10 13.00 -22.23
C ALA B 1180 46.68 13.07 -21.63
N VAL B 1181 46.40 12.20 -20.66
CA VAL B 1181 45.04 12.18 -20.05
C VAL B 1181 44.80 13.49 -19.30
N GLU B 1182 45.83 14.00 -18.62
CA GLU B 1182 45.69 15.30 -17.92
C GLU B 1182 45.49 16.43 -18.93
N ALA B 1183 46.16 16.36 -20.08
CA ALA B 1183 45.94 17.36 -21.13
C ALA B 1183 44.49 17.27 -21.62
N LYS B 1184 43.97 16.05 -21.76
CA LYS B 1184 42.55 15.88 -22.16
C LYS B 1184 41.65 16.46 -21.09
N GLU B 1185 42.00 16.29 -19.82
CA GLU B 1185 41.20 16.86 -18.71
C GLU B 1185 41.23 18.40 -18.77
N LYS B 1186 42.40 18.96 -19.06
CA LYS B 1186 42.49 20.43 -19.22
C LYS B 1186 41.65 20.87 -20.43
N GLN B 1187 41.66 20.08 -21.49
CA GLN B 1187 40.83 20.41 -22.68
C GLN B 1187 39.35 20.37 -22.28
N ASP B 1188 38.96 19.40 -21.46
CA ASP B 1188 37.56 19.31 -20.98
C ASP B 1188 37.24 20.54 -20.11
N GLU B 1189 38.19 20.96 -19.30
CA GLU B 1189 37.99 22.18 -18.48
C GLU B 1189 37.81 23.37 -19.41
N GLN B 1190 38.58 23.42 -20.50
CA GLN B 1190 38.39 24.49 -21.51
C GLN B 1190 36.99 24.37 -22.12
N VAL B 1191 36.51 23.15 -22.30
CA VAL B 1191 35.12 22.94 -22.80
C VAL B 1191 34.14 23.41 -21.71
N GLY B 1192 34.48 23.18 -20.45
CA GLY B 1192 33.62 23.57 -19.32
C GLY B 1192 33.84 25.02 -18.96
N LEU B 1193 34.55 25.77 -19.81
CA LEU B 1193 34.79 27.22 -19.58
C LEU B 1193 33.68 28.02 -20.29
N PRO B 1194 32.73 28.60 -19.56
CA PRO B 1194 31.63 29.35 -20.18
C PRO B 1194 32.09 30.66 -20.84
N GLY B 1195 33.09 31.32 -20.24
CA GLY B 1195 33.54 32.64 -20.72
C GLY B 1195 33.43 33.66 -19.59
N LYS B 1196 33.18 33.18 -18.36
CA LYS B 1196 32.99 34.07 -17.19
C LYS B 1196 34.33 34.56 -16.63
N GLY B 1197 34.30 35.64 -15.81
CA GLY B 1197 35.52 36.22 -15.21
C GLY B 1197 36.10 35.33 -14.09
N GLY B 1198 37.40 35.46 -13.81
CA GLY B 1198 38.08 34.63 -12.78
C GLY B 1198 37.68 35.06 -11.36
N LYS B 1199 37.83 34.16 -10.37
CA LYS B 1199 37.49 34.47 -8.96
C LYS B 1199 38.39 35.59 -8.44
N ALA B 1200 37.81 36.55 -7.71
CA ALA B 1200 38.58 37.71 -7.20
C ALA B 1200 39.49 37.30 -6.04
N LYS B 1201 40.67 37.92 -5.93
CA LYS B 1201 41.55 37.65 -4.77
C LYS B 1201 40.94 38.29 -3.52
N GLY B 1202 40.99 37.61 -2.38
CA GLY B 1202 40.38 38.14 -1.13
C GLY B 1202 41.08 37.56 0.10
N LYS B 1203 40.90 38.19 1.26
CA LYS B 1203 41.48 37.66 2.51
C LYS B 1203 40.89 36.28 2.82
N LYS B 1204 41.74 35.30 3.15
CA LYS B 1204 41.28 33.94 3.51
C LYS B 1204 42.19 33.39 4.61
N THR B 1205 41.66 32.56 5.51
CA THR B 1205 42.46 32.02 6.62
C THR B 1205 42.05 30.58 6.93
N GLN B 1206 42.98 29.79 7.48
CA GLN B 1206 42.64 28.40 7.87
C GLN B 1206 42.78 28.29 9.39
N MET B 1207 41.73 27.84 10.08
CA MET B 1207 41.75 27.73 11.55
C MET B 1207 42.63 26.57 12.00
N ALA B 1208 43.35 26.74 13.11
CA ALA B 1208 44.16 25.64 13.68
C ALA B 1208 43.45 25.08 14.91
N GLU B 1209 42.64 24.03 14.73
CA GLU B 1209 41.85 23.46 15.86
C GLU B 1209 42.81 22.97 16.95
N VAL B 1210 42.45 23.17 18.22
CA VAL B 1210 43.28 22.65 19.35
C VAL B 1210 43.25 21.12 19.26
N LEU B 1211 44.37 20.47 19.57
CA LEU B 1211 44.43 18.98 19.39
C LEU B 1211 43.87 18.30 20.64
N PRO B 1212 42.68 17.65 20.57
CA PRO B 1212 42.08 17.05 21.77
C PRO B 1212 42.84 15.78 22.17
N SER B 1213 43.96 15.50 21.50
CA SER B 1213 44.78 14.28 21.81
C SER B 1213 43.91 13.03 21.71
N PRO B 1214 43.00 12.92 20.71
CA PRO B 1214 42.11 11.76 20.63
C PRO B 1214 42.90 10.46 20.38
N ARG B 1215 42.50 9.36 21.02
CA ARG B 1215 43.19 8.06 20.85
C ARG B 1215 44.71 8.27 20.96
PG ANP G . -42.65 2.90 50.24
O1G ANP G . -42.89 1.63 49.47
O2G ANP G . -41.28 3.43 49.88
O3G ANP G . -43.66 3.91 49.81
PB ANP G . -43.04 1.27 52.65
O1B ANP G . -42.42 0.09 51.95
O2B ANP G . -42.74 1.44 54.12
N3B ANP G . -42.76 2.66 51.85
PA ANP G . -45.81 0.90 53.58
O1A ANP G . -46.89 0.09 52.97
O2A ANP G . -46.14 2.26 54.10
O3A ANP G . -44.61 1.06 52.52
O5' ANP G . -45.08 0.05 54.73
C5' ANP G . -45.90 -0.57 55.76
C4' ANP G . -45.03 -1.46 56.60
O4' ANP G . -45.75 -2.68 56.91
C3' ANP G . -43.72 -1.95 55.97
O3' ANP G . -42.67 -0.99 56.08
C2' ANP G . -43.45 -3.21 56.78
O2' ANP G . -42.91 -2.93 58.06
C1' ANP G . -44.86 -3.77 56.92
N9 ANP G . -45.25 -4.69 55.85
C8 ANP G . -45.71 -4.41 54.59
N7 ANP G . -45.98 -5.47 53.88
C5 ANP G . -45.70 -6.53 54.74
C6 ANP G . -45.80 -7.93 54.59
N6 ANP G . -46.22 -8.52 53.47
N1 ANP G . -45.46 -8.69 55.65
C2 ANP G . -45.04 -8.09 56.77
N3 ANP G . -44.90 -6.79 57.03
C4 ANP G . -45.26 -6.06 55.95
PG ANP H . -45.32 24.32 42.52
O1G ANP H . -44.48 25.53 42.92
O2G ANP H . -44.74 23.78 41.24
O3G ANP H . -45.23 23.26 43.58
PB ANP H . -47.60 26.15 42.68
O1B ANP H . -46.90 27.32 42.04
O2B ANP H . -49.09 26.03 42.53
N3B ANP H . -46.88 24.73 42.33
PA ANP H . -47.83 27.27 45.42
O1A ANP H . -46.91 28.42 45.59
O2A ANP H . -48.06 26.37 46.59
O3A ANP H . -47.33 26.30 44.25
O5' ANP H . -49.23 27.81 44.84
C5' ANP H . -49.67 29.12 45.29
C4' ANP H . -49.96 30.00 44.10
O4' ANP H . -49.60 31.36 44.41
C3' ANP H . -49.17 29.71 42.81
O3' ANP H . -49.78 28.67 42.04
C2' ANP H . -49.23 31.06 42.09
O2' ANP H . -50.33 31.15 41.21
C1' ANP H . -49.34 32.07 43.23
N9 ANP H . -48.15 32.87 43.40
C8 ANP H . -47.04 32.56 44.17
N7 ANP H . -46.12 33.51 44.12
C5 ANP H . -46.66 34.47 43.28
C6 ANP H . -46.17 35.72 42.83
N6 ANP H . -45.00 36.23 43.18
N1 ANP H . -46.98 36.44 42.00
C2 ANP H . -48.17 35.92 41.66
N3 ANP H . -48.73 34.77 42.02
C4 ANP H . -47.91 34.09 42.84
C1 EVP I . 10.52 -1.94 -0.89
O1 EVP I . 11.53 -1.22 -1.61
C2 EVP I . 12.10 -3.38 -1.43
O2 EVP I . 11.11 -3.17 -0.49
C3 EVP I . 12.77 -4.53 -1.72
O3 EVP I . 16.74 -6.19 -5.91
C4 EVP I . 13.74 -4.49 -2.74
O4 EVP I . 16.78 -7.70 -4.28
C5 EVP I . 14.45 -5.81 -3.05
O5 EVP I . 10.11 -6.83 -5.19
C6 EVP I . 15.64 -5.54 -3.97
O6 EVP I . 10.56 -9.47 -5.05
C7 EVP I . 16.41 -6.62 -4.68
O7 EVP I . 12.81 -10.44 -3.98
C8 EVP I . 16.50 -4.75 -5.99
O8 EVP I . 16.21 -2.59 -4.06
C9 EVP I . 15.28 -4.60 -5.09
O9 EVP I . 17.11 -1.11 -5.64
C10 EVP I . 15.02 -3.21 -4.54
O10 EVP I . 18.21 1.73 -7.64
C11 EVP I . 14.00 -3.30 -3.43
O11 EVP I . 18.33 2.32 -5.37
C12 EVP I . 13.29 -2.13 -3.08
O12 EVP I . 18.39 1.43 -2.64
C13 EVP I . 12.35 -2.21 -2.09
O13 EVP I . 16.38 -0.60 -2.10
C14 EVP I . 13.42 -6.82 -3.59
C15 EVP I . 12.25 -6.35 -4.16
C16 EVP I . 11.29 -7.23 -4.64
C17 EVP I . 11.50 -8.61 -4.57
C18 EVP I . 12.68 -9.07 -4.01
C19 EVP I . 13.64 -8.19 -3.51
C20 EVP I . 9.86 -5.44 -5.20
C21 EVP I . 14.09 -10.97 -3.74
C22 EVP I . 16.41 -1.23 -4.41
C23 EVP I . 17.29 0.26 -6.00
C24 EVP I . 18.01 0.34 -7.33
C25 EVP I . 18.98 2.37 -6.63
C26 EVP I . 18.15 0.96 -4.96
C27 EVP I . 17.49 0.90 -3.61
C28 EVP I . 17.16 -0.56 -3.29
C29 EVP I . 19.13 3.81 -7.02
C1 EVP J . 0.34 3.00 -14.41
O1 EVP J . 0.57 1.65 -14.81
C2 EVP J . 1.61 3.06 -16.22
O2 EVP J . 0.67 3.81 -15.55
C3 EVP J . 2.49 3.44 -17.18
O3 EVP J . 7.02 0.80 -20.11
C4 EVP J . 3.35 2.47 -17.72
O4 EVP J . 6.46 2.66 -21.21
C5 EVP J . 4.35 2.96 -18.77
O5 EVP J . 6.58 4.86 -14.80
C6 EVP J . 5.01 1.76 -19.44
O6 EVP J . 7.89 6.65 -16.27
C7 EVP J . 6.21 1.86 -20.35
O7 EVP J . 7.58 6.76 -18.91
C8 EVP J . 6.30 -0.18 -19.31
O8 EVP J . 3.51 -0.76 -18.73
C9 EVP J . 5.43 0.72 -18.44
O9 EVP J . 4.12 -3.00 -18.47
C10 EVP J . 4.21 0.07 -17.82
O10 EVP J . 4.39 -6.54 -17.72
C11 EVP J . 3.28 1.14 -17.28
O11 EVP J . 2.16 -6.07 -18.25
C12 EVP J . 2.36 0.79 -16.29
O12 EVP J . 0.30 -4.24 -19.47
C13 EVP J . 1.54 1.75 -15.79
O13 EVP J . 0.80 -1.48 -18.69
C14 EVP J . 5.31 3.96 -18.14
C15 EVP J . 5.51 3.93 -16.76
C16 EVP J . 6.35 4.83 -16.14
C17 EVP J . 7.04 5.77 -16.89
C18 EVP J . 6.85 5.81 -18.26
C19 EVP J . 5.99 4.91 -18.89
C20 EVP J . 5.80 3.94 -14.02
C21 EVP J . 7.68 6.66 -20.34
C22 EVP J . 3.10 -2.02 -18.28
C23 EVP J . 3.72 -4.28 -17.99
C24 EVP J . 4.85 -5.27 -18.18
C25 EVP J . 3.24 -6.98 -18.42
C26 EVP J . 2.52 -4.78 -18.76
C27 EVP J . 1.36 -3.82 -18.62
C28 EVP J . 1.82 -2.42 -19.00
C29 EVP J . 2.83 -8.31 -17.88
#